data_2QE0
#
_entry.id   2QE0
#
_cell.length_a   142.470
_cell.length_b   155.210
_cell.length_c   113.080
_cell.angle_alpha   90.00
_cell.angle_beta   90.00
_cell.angle_gamma   90.00
#
_symmetry.space_group_name_H-M   'P 21 21 2'
#
loop_
_entity.id
_entity.type
_entity.pdbx_description
1 polymer 'NADP-dependent glyceraldehyde-3-phosphate dehydrogenase'
2 non-polymer GLYCERALDEHYDE-3-PHOSPHATE
3 non-polymer 'NADP NICOTINAMIDE-ADENINE-DINUCLEOTIDE PHOSPHATE'
4 water water
#
_entity_poly.entity_id   1
_entity_poly.type   'polypeptide(L)'
_entity_poly.pdbx_seq_one_letter_code
;MTKQYKNYVNGEWKLSENEIKIYEPASGAELGSVPAMSTEEVDYVYASAKKAQPAWRALSYIERAAYLHKVADILMRDKE
KIGAILSKEVAKGYKSAVSEVVRTAEIINYAAEEGLRMEGEVLEGGSFEAASKKKIAVVRREPVGLVLAISPFNYPVNLA
GSKIAPALIAGNVIAFKPPTQGSISGLLLAEAFAEAGLPAGVFNTITGRGSEIGDYIVEHQAVNFINFTGSTGIGERIGK
MAGMRPIMLALGGKDSAIVLEDADLELTAKNIIAGAFGYSGQRCTAVKRVLVMESVADELVEKIREKVLALTIGNPEDDA
DITPLIDTKSADYVEGLINDANDKGATALTEIKREGNLICPILFDKVTTDMRLAWEEPFGPVLPIIRVTSVEEAIEISNK
SEYGLQASIFTNDFPRAFGIAEQLEVGTVHINNKTQRGTDNFPFLGAKKSGAGIQGVKYSIEAMTTVKSVVFDIK
;
_entity_poly.pdbx_strand_id   A,B,C,D
#
loop_
_chem_comp.id
_chem_comp.type
_chem_comp.name
_chem_comp.formula
G3H non-polymer GLYCERALDEHYDE-3-PHOSPHATE 'C3 H7 O6 P'
NAP non-polymer 'NADP NICOTINAMIDE-ADENINE-DINUCLEOTIDE PHOSPHATE' 'C21 H28 N7 O17 P3'
#
# COMPACT_ATOMS: atom_id res chain seq x y z
N THR A 2 -13.83 52.48 -7.38
CA THR A 2 -13.63 51.08 -7.78
C THR A 2 -13.19 50.22 -6.57
N LYS A 3 -13.87 49.09 -6.35
CA LYS A 3 -13.51 48.21 -5.23
C LYS A 3 -12.20 47.50 -5.46
N GLN A 4 -11.14 48.02 -4.83
CA GLN A 4 -9.78 47.55 -5.02
C GLN A 4 -9.40 46.39 -4.15
N TYR A 5 -9.12 45.26 -4.81
CA TYR A 5 -8.72 44.05 -4.12
C TYR A 5 -7.22 44.02 -3.93
N LYS A 6 -6.79 43.41 -2.82
CA LYS A 6 -5.37 43.29 -2.52
C LYS A 6 -4.87 41.84 -2.52
N ASN A 7 -3.58 41.68 -2.78
CA ASN A 7 -2.96 40.37 -2.72
C ASN A 7 -2.58 40.12 -1.26
N TYR A 8 -2.55 38.85 -0.88
CA TYR A 8 -2.17 38.46 0.47
C TYR A 8 -0.75 38.00 0.36
N VAL A 9 0.16 38.76 0.96
CA VAL A 9 1.58 38.49 0.87
C VAL A 9 2.23 38.59 2.22
N ASN A 10 2.88 37.49 2.64
CA ASN A 10 3.57 37.44 3.92
C ASN A 10 2.73 37.97 5.03
N GLY A 11 1.47 37.56 5.08
CA GLY A 11 0.58 37.95 6.16
C GLY A 11 -0.01 39.33 6.07
N GLU A 12 0.24 40.03 4.97
CA GLU A 12 -0.31 41.38 4.80
C GLU A 12 -1.05 41.50 3.50
N TRP A 13 -2.02 42.42 3.46
CA TRP A 13 -2.77 42.72 2.23
C TRP A 13 -2.13 43.88 1.47
N LYS A 14 -1.58 43.59 0.31
CA LYS A 14 -0.90 44.61 -0.48
C LYS A 14 -1.58 45.01 -1.82
N LEU A 15 -1.57 46.31 -2.08
CA LEU A 15 -2.05 46.83 -3.34
C LEU A 15 -0.79 46.93 -4.19
N SER A 16 -0.98 47.11 -5.48
CA SER A 16 0.16 47.28 -6.36
C SER A 16 0.08 48.69 -6.94
N GLU A 17 1.15 49.12 -7.60
CA GLU A 17 1.19 50.43 -8.22
C GLU A 17 0.05 50.47 -9.25
N ASN A 18 0.03 49.46 -10.12
CA ASN A 18 -0.97 49.35 -11.17
C ASN A 18 -2.04 48.31 -10.83
N GLU A 19 -3.21 48.46 -11.46
CA GLU A 19 -4.31 47.56 -11.21
C GLU A 19 -5.01 47.12 -12.50
N ILE A 20 -5.77 46.02 -12.40
CA ILE A 20 -6.55 45.52 -13.52
C ILE A 20 -8.00 45.58 -13.15
N LYS A 21 -8.81 46.21 -13.99
CA LYS A 21 -10.25 46.28 -13.73
C LYS A 21 -10.97 45.02 -14.22
N ILE A 22 -11.89 44.50 -13.42
CA ILE A 22 -12.57 43.27 -13.82
C ILE A 22 -14.04 43.60 -14.02
N TYR A 23 -14.59 43.11 -15.14
CA TYR A 23 -16.01 43.32 -15.44
C TYR A 23 -16.76 41.99 -15.52
N GLU A 24 -18.05 42.04 -15.23
CA GLU A 24 -18.91 40.88 -15.27
C GLU A 24 -19.16 40.48 -16.72
N PRO A 25 -18.77 39.26 -17.12
CA PRO A 25 -18.96 38.81 -18.51
C PRO A 25 -20.40 38.87 -19.02
N ALA A 26 -21.37 38.67 -18.14
CA ALA A 26 -22.75 38.70 -18.58
C ALA A 26 -23.31 40.13 -18.72
N SER A 27 -23.10 40.95 -17.70
CA SER A 27 -23.64 42.30 -17.68
C SER A 27 -22.70 43.40 -18.19
N GLY A 28 -21.39 43.21 -18.08
CA GLY A 28 -20.45 44.24 -18.48
C GLY A 28 -20.13 45.20 -17.33
N ALA A 29 -20.88 45.07 -16.24
CA ALA A 29 -20.68 45.90 -15.06
C ALA A 29 -19.32 45.69 -14.44
N GLU A 30 -18.74 46.77 -13.93
CA GLU A 30 -17.47 46.65 -13.24
C GLU A 30 -17.68 45.82 -11.97
N LEU A 31 -16.74 44.93 -11.70
CA LEU A 31 -16.81 44.10 -10.50
C LEU A 31 -15.81 44.59 -9.43
N GLY A 32 -14.64 45.06 -9.86
CA GLY A 32 -13.63 45.54 -8.96
C GLY A 32 -12.31 45.57 -9.70
N SER A 33 -11.22 45.68 -8.98
CA SER A 33 -9.92 45.65 -9.61
C SER A 33 -9.01 44.80 -8.75
N VAL A 34 -7.99 44.22 -9.36
CA VAL A 34 -7.02 43.42 -8.65
C VAL A 34 -5.71 44.03 -9.06
N PRO A 35 -4.66 43.78 -8.26
CA PRO A 35 -3.32 44.35 -8.51
C PRO A 35 -2.70 43.82 -9.76
N ALA A 36 -1.79 44.57 -10.35
CA ALA A 36 -0.99 44.12 -11.47
C ALA A 36 0.44 44.14 -10.96
N MET A 37 0.84 43.07 -10.28
CA MET A 37 2.16 43.00 -9.68
C MET A 37 3.34 43.17 -10.61
N SER A 38 4.41 43.70 -10.04
CA SER A 38 5.69 43.93 -10.72
C SER A 38 6.53 42.72 -10.44
N THR A 39 7.53 42.48 -11.27
CA THR A 39 8.41 41.36 -11.03
C THR A 39 9.00 41.37 -9.63
N GLU A 40 9.20 42.57 -9.07
CA GLU A 40 9.80 42.71 -7.75
C GLU A 40 8.82 42.26 -6.69
N GLU A 41 7.53 42.53 -6.90
CA GLU A 41 6.53 42.16 -5.93
C GLU A 41 6.33 40.64 -5.93
N VAL A 42 6.69 40.02 -7.06
CA VAL A 42 6.63 38.57 -7.24
C VAL A 42 7.83 37.97 -6.52
N ASP A 43 8.93 38.70 -6.58
CA ASP A 43 10.16 38.30 -5.92
C ASP A 43 9.96 38.29 -4.39
N TYR A 44 9.15 39.23 -3.92
CA TYR A 44 8.90 39.35 -2.50
C TYR A 44 7.95 38.27 -1.97
N VAL A 45 6.99 37.87 -2.81
CA VAL A 45 6.08 36.78 -2.47
C VAL A 45 6.92 35.53 -2.29
N TYR A 46 7.80 35.27 -3.25
CA TYR A 46 8.63 34.07 -3.24
C TYR A 46 9.64 34.03 -2.11
N ALA A 47 10.29 35.16 -1.87
CA ALA A 47 11.25 35.25 -0.77
C ALA A 47 10.53 35.05 0.58
N SER A 48 9.31 35.57 0.66
CA SER A 48 8.50 35.46 1.84
C SER A 48 8.14 34.01 2.17
N ALA A 49 7.71 33.27 1.14
CA ALA A 49 7.32 31.88 1.26
C ALA A 49 8.53 31.02 1.59
N LYS A 50 9.62 31.26 0.89
CA LYS A 50 10.81 30.47 1.12
C LYS A 50 11.29 30.59 2.56
N LYS A 51 11.04 31.77 3.14
CA LYS A 51 11.47 32.03 4.49
C LYS A 51 10.57 31.35 5.50
N ALA A 52 9.28 31.26 5.18
CA ALA A 52 8.30 30.70 6.08
C ALA A 52 8.27 29.17 6.05
N GLN A 53 8.78 28.60 4.98
CA GLN A 53 8.77 27.17 4.77
C GLN A 53 9.37 26.27 5.85
N PRO A 54 10.60 26.58 6.34
CA PRO A 54 11.15 25.66 7.35
C PRO A 54 10.29 25.50 8.58
N ALA A 55 9.72 26.59 9.06
CA ALA A 55 8.87 26.56 10.25
C ALA A 55 7.47 25.92 9.99
N TRP A 56 7.04 25.93 8.73
CA TRP A 56 5.76 25.37 8.39
C TRP A 56 5.98 23.86 8.30
N ARG A 57 7.14 23.48 7.79
CA ARG A 57 7.42 22.08 7.68
C ARG A 57 7.63 21.45 9.05
N ALA A 58 8.16 22.27 9.99
CA ALA A 58 8.48 21.81 11.35
C ALA A 58 7.22 21.55 12.17
N LEU A 59 6.09 22.10 11.72
CA LEU A 59 4.85 21.80 12.44
C LEU A 59 4.55 20.30 12.28
N SER A 60 3.60 19.79 13.08
CA SER A 60 3.19 18.40 12.93
C SER A 60 2.11 18.35 11.82
N TYR A 61 1.88 17.18 11.27
CA TYR A 61 0.86 17.04 10.25
C TYR A 61 -0.47 17.51 10.78
N ILE A 62 -0.76 17.13 12.03
CA ILE A 62 -2.04 17.45 12.67
C ILE A 62 -2.34 18.92 12.80
N GLU A 63 -1.31 19.68 13.10
CA GLU A 63 -1.40 21.14 13.18
C GLU A 63 -1.66 21.75 11.78
N ARG A 64 -1.00 21.24 10.76
CA ARG A 64 -1.27 21.76 9.41
C ARG A 64 -2.71 21.41 8.96
N ALA A 65 -3.16 20.22 9.34
CA ALA A 65 -4.53 19.80 9.04
C ALA A 65 -5.56 20.73 9.73
N ALA A 66 -5.24 21.17 10.95
CA ALA A 66 -6.17 22.00 11.74
C ALA A 66 -6.39 23.34 11.04
N TYR A 67 -5.30 23.91 10.55
CA TYR A 67 -5.35 25.16 9.80
C TYR A 67 -6.23 25.00 8.55
N LEU A 68 -6.01 23.92 7.81
CA LEU A 68 -6.78 23.65 6.59
C LEU A 68 -8.26 23.48 6.87
N HIS A 69 -8.56 22.75 7.93
CA HIS A 69 -9.93 22.51 8.35
C HIS A 69 -10.59 23.84 8.68
N LYS A 70 -9.83 24.70 9.32
CA LYS A 70 -10.36 26.01 9.67
C LYS A 70 -10.72 26.79 8.41
N VAL A 71 -9.82 26.78 7.43
CA VAL A 71 -10.05 27.42 6.14
C VAL A 71 -11.34 26.90 5.49
N ALA A 72 -11.51 25.58 5.47
CA ALA A 72 -12.71 24.94 4.90
C ALA A 72 -13.98 25.41 5.59
N ASP A 73 -13.88 25.59 6.90
CA ASP A 73 -14.97 26.09 7.72
C ASP A 73 -15.41 27.49 7.34
N ILE A 74 -14.46 28.40 7.22
CA ILE A 74 -14.74 29.76 6.79
C ILE A 74 -15.44 29.76 5.43
N LEU A 75 -14.94 28.96 4.49
CA LEU A 75 -15.53 28.86 3.15
C LEU A 75 -16.99 28.42 3.22
N MET A 76 -17.31 27.45 4.06
CA MET A 76 -18.70 27.03 4.21
C MET A 76 -19.52 28.19 4.75
N ARG A 77 -18.99 28.85 5.77
CA ARG A 77 -19.68 29.97 6.39
C ARG A 77 -19.98 31.04 5.34
N ASP A 78 -19.02 31.34 4.46
CA ASP A 78 -19.17 32.38 3.45
C ASP A 78 -19.51 31.91 2.04
N LYS A 79 -20.11 30.73 1.89
CA LYS A 79 -20.36 30.19 0.53
C LYS A 79 -21.24 31.07 -0.37
N GLU A 80 -22.23 31.74 0.22
CA GLU A 80 -23.13 32.64 -0.50
C GLU A 80 -22.43 33.91 -0.93
N LYS A 81 -21.65 34.47 -0.01
CA LYS A 81 -20.89 35.69 -0.25
C LYS A 81 -19.86 35.51 -1.35
N ILE A 82 -19.15 34.39 -1.31
CA ILE A 82 -18.13 34.10 -2.31
C ILE A 82 -18.79 33.68 -3.62
N GLY A 83 -19.77 32.79 -3.55
CA GLY A 83 -20.48 32.32 -4.73
C GLY A 83 -21.16 33.44 -5.50
N ALA A 84 -21.64 34.46 -4.79
CA ALA A 84 -22.32 35.58 -5.43
C ALA A 84 -21.36 36.35 -6.34
N ILE A 85 -20.14 36.53 -5.88
CA ILE A 85 -19.13 37.24 -6.67
C ILE A 85 -18.54 36.35 -7.78
N LEU A 86 -18.22 35.11 -7.43
CA LEU A 86 -17.71 34.14 -8.40
C LEU A 86 -18.72 34.08 -9.57
N SER A 87 -20.00 33.92 -9.24
CA SER A 87 -21.07 33.82 -10.24
C SER A 87 -21.01 34.97 -11.24
N LYS A 88 -20.86 36.19 -10.72
CA LYS A 88 -20.76 37.41 -11.53
C LYS A 88 -19.45 37.52 -12.31
N GLU A 89 -18.36 37.10 -11.68
CA GLU A 89 -17.07 37.25 -12.31
C GLU A 89 -16.81 36.35 -13.49
N VAL A 90 -17.38 35.15 -13.45
CA VAL A 90 -17.15 34.19 -14.54
C VAL A 90 -18.44 33.77 -15.23
N ALA A 91 -19.54 34.47 -14.93
CA ALA A 91 -20.82 34.18 -15.57
C ALA A 91 -21.23 32.71 -15.38
N LYS A 92 -21.04 32.22 -14.16
CA LYS A 92 -21.42 30.87 -13.84
C LYS A 92 -22.70 31.04 -13.01
N GLY A 93 -23.69 30.19 -13.24
CA GLY A 93 -24.95 30.27 -12.52
C GLY A 93 -24.72 30.40 -11.03
N TYR A 94 -25.58 31.15 -10.36
CA TYR A 94 -25.44 31.39 -8.92
C TYR A 94 -25.26 30.12 -8.07
N LYS A 95 -26.21 29.18 -8.17
CA LYS A 95 -26.17 27.96 -7.38
C LYS A 95 -24.92 27.13 -7.70
N SER A 96 -24.51 27.17 -8.96
CA SER A 96 -23.34 26.46 -9.44
C SER A 96 -22.08 27.07 -8.81
N ALA A 97 -22.11 28.38 -8.62
CA ALA A 97 -20.99 29.10 -8.04
C ALA A 97 -20.87 28.81 -6.55
N VAL A 98 -22.00 28.77 -5.84
CA VAL A 98 -22.02 28.43 -4.42
C VAL A 98 -21.56 26.95 -4.30
N SER A 99 -21.98 26.13 -5.25
CA SER A 99 -21.62 24.73 -5.29
C SER A 99 -20.09 24.52 -5.45
N GLU A 100 -19.45 25.37 -6.26
CA GLU A 100 -18.02 25.36 -6.42
C GLU A 100 -17.30 25.63 -5.08
N VAL A 101 -17.81 26.59 -4.31
CA VAL A 101 -17.21 26.90 -3.01
C VAL A 101 -17.37 25.73 -2.02
N VAL A 102 -18.55 25.14 -1.97
CA VAL A 102 -18.78 23.99 -1.11
C VAL A 102 -17.83 22.84 -1.47
N ARG A 103 -17.65 22.61 -2.78
CA ARG A 103 -16.77 21.54 -3.22
C ARG A 103 -15.32 21.84 -2.83
N THR A 104 -14.96 23.12 -2.82
CA THR A 104 -13.61 23.57 -2.44
C THR A 104 -13.38 23.28 -0.95
N ALA A 105 -14.36 23.59 -0.11
CA ALA A 105 -14.25 23.26 1.32
C ALA A 105 -14.09 21.72 1.52
N GLU A 106 -14.82 20.94 0.74
CA GLU A 106 -14.76 19.48 0.84
C GLU A 106 -13.37 18.94 0.47
N ILE A 107 -12.84 19.47 -0.62
CA ILE A 107 -11.52 19.07 -1.13
C ILE A 107 -10.45 19.46 -0.13
N ILE A 108 -10.59 20.65 0.46
CA ILE A 108 -9.64 21.11 1.46
C ILE A 108 -9.65 20.20 2.69
N ASN A 109 -10.84 19.89 3.19
CA ASN A 109 -10.98 18.98 4.35
C ASN A 109 -10.43 17.58 4.02
N TYR A 110 -10.77 17.06 2.85
CA TYR A 110 -10.34 15.72 2.44
C TYR A 110 -8.82 15.61 2.32
N ALA A 111 -8.22 16.66 1.79
CA ALA A 111 -6.76 16.75 1.63
C ALA A 111 -6.05 16.83 2.98
N ALA A 112 -6.61 17.59 3.89
CA ALA A 112 -6.09 17.76 5.27
C ALA A 112 -5.96 16.40 5.94
N GLU A 113 -7.02 15.60 5.81
CA GLU A 113 -7.08 14.30 6.43
C GLU A 113 -6.34 13.21 5.66
N GLU A 114 -6.26 13.34 4.34
CA GLU A 114 -5.54 12.37 3.53
C GLU A 114 -4.05 12.56 3.80
N GLY A 115 -3.62 13.81 3.80
CA GLY A 115 -2.23 14.18 4.00
C GLY A 115 -1.68 13.88 5.37
N LEU A 116 -2.52 13.94 6.40
CA LEU A 116 -2.02 13.72 7.76
C LEU A 116 -1.64 12.27 8.04
N ARG A 117 -2.14 11.40 7.17
CA ARG A 117 -1.96 9.97 7.26
C ARG A 117 -0.91 9.50 6.28
N MET A 118 0.00 10.37 5.90
CA MET A 118 1.00 9.91 4.94
C MET A 118 1.98 9.03 5.75
N GLU A 119 2.30 7.88 5.18
CA GLU A 119 3.19 6.95 5.82
C GLU A 119 4.42 6.67 4.98
N GLY A 120 5.49 6.24 5.64
CA GLY A 120 6.74 5.92 5.00
C GLY A 120 6.85 4.42 4.84
N GLU A 121 8.00 3.97 4.36
CA GLU A 121 8.18 2.55 4.15
C GLU A 121 9.55 2.16 4.66
N VAL A 122 9.67 0.89 5.02
CA VAL A 122 10.94 0.36 5.46
C VAL A 122 11.29 -0.70 4.46
N LEU A 123 12.42 -0.53 3.78
CA LEU A 123 12.87 -1.51 2.79
C LEU A 123 14.04 -2.29 3.37
N GLU A 124 14.13 -3.56 3.01
CA GLU A 124 15.16 -4.47 3.53
C GLU A 124 16.26 -4.73 2.50
N GLY A 125 17.51 -4.52 2.88
CA GLY A 125 18.62 -4.79 1.95
C GLY A 125 18.63 -6.27 1.60
N GLY A 126 18.10 -7.08 2.50
CA GLY A 126 18.04 -8.54 2.38
C GLY A 126 17.10 -9.10 1.34
N SER A 127 16.28 -8.23 0.78
CA SER A 127 15.36 -8.62 -0.30
C SER A 127 16.19 -8.69 -1.57
N PHE A 128 17.21 -7.85 -1.65
CA PHE A 128 18.00 -7.76 -2.87
C PHE A 128 19.30 -8.56 -2.78
N GLU A 129 20.00 -8.42 -1.66
CA GLU A 129 21.27 -9.13 -1.48
C GLU A 129 21.55 -9.61 -0.08
N ALA A 130 22.03 -10.84 0.03
CA ALA A 130 22.29 -11.48 1.31
C ALA A 130 23.18 -10.68 2.22
N ALA A 131 24.29 -10.22 1.66
CA ALA A 131 25.28 -9.44 2.39
C ALA A 131 24.68 -8.17 2.95
N SER A 132 23.56 -7.73 2.39
CA SER A 132 22.94 -6.50 2.92
C SER A 132 21.75 -6.78 3.84
N LYS A 133 21.67 -8.00 4.34
CA LYS A 133 20.56 -8.38 5.21
C LYS A 133 20.35 -7.54 6.46
N LYS A 134 21.36 -6.86 6.97
CA LYS A 134 21.15 -6.03 8.19
C LYS A 134 20.94 -4.57 7.84
N LYS A 135 20.97 -4.24 6.55
CA LYS A 135 20.78 -2.85 6.12
C LYS A 135 19.30 -2.58 5.84
N ILE A 136 18.75 -1.50 6.38
CA ILE A 136 17.36 -1.16 6.04
C ILE A 136 17.30 0.29 5.63
N ALA A 137 16.32 0.63 4.81
CA ALA A 137 16.10 2.00 4.39
C ALA A 137 14.78 2.45 5.02
N VAL A 138 14.84 3.55 5.77
CA VAL A 138 13.62 4.11 6.39
C VAL A 138 13.25 5.26 5.49
N VAL A 139 12.15 5.09 4.73
CA VAL A 139 11.76 6.08 3.73
C VAL A 139 10.53 6.92 4.10
N ARG A 140 10.72 8.24 4.21
CA ARG A 140 9.68 9.17 4.59
C ARG A 140 9.47 10.28 3.56
N ARG A 141 8.23 10.72 3.39
CA ARG A 141 7.91 11.79 2.45
C ARG A 141 8.27 13.12 3.07
N GLU A 142 8.68 14.05 2.21
CA GLU A 142 9.06 15.40 2.58
C GLU A 142 8.47 16.31 1.50
N PRO A 143 8.22 17.59 1.82
CA PRO A 143 7.66 18.47 0.78
C PRO A 143 8.71 18.82 -0.28
N VAL A 144 8.28 19.35 -1.42
CA VAL A 144 9.24 19.77 -2.45
C VAL A 144 9.74 21.21 -2.19
N GLY A 145 9.01 22.00 -1.41
CA GLY A 145 9.42 23.35 -1.08
C GLY A 145 8.33 24.35 -1.38
N LEU A 146 8.57 25.18 -2.39
CA LEU A 146 7.59 26.20 -2.77
C LEU A 146 6.75 25.76 -3.98
N VAL A 147 5.42 25.71 -3.82
CA VAL A 147 4.55 25.34 -4.94
C VAL A 147 3.89 26.55 -5.57
N LEU A 148 4.04 26.68 -6.89
CA LEU A 148 3.29 27.69 -7.64
C LEU A 148 1.99 27.04 -8.14
N ALA A 149 0.85 27.57 -7.69
CA ALA A 149 -0.44 27.05 -8.08
C ALA A 149 -1.13 28.07 -9.00
N ILE A 150 -1.54 27.59 -10.17
CA ILE A 150 -2.22 28.41 -11.19
C ILE A 150 -3.56 27.78 -11.56
N SER A 151 -4.64 28.51 -11.29
CA SER A 151 -6.00 28.03 -11.60
C SER A 151 -6.60 28.68 -12.88
N PRO A 152 -7.66 28.08 -13.43
CA PRO A 152 -8.28 28.57 -14.67
C PRO A 152 -9.55 29.31 -14.36
N PHE A 153 -10.08 30.03 -15.34
CA PHE A 153 -11.28 30.83 -15.16
C PHE A 153 -12.54 30.07 -14.80
N ASN A 154 -12.63 28.82 -15.26
CA ASN A 154 -13.87 28.06 -15.13
C ASN A 154 -14.13 27.47 -13.75
N TYR A 155 -13.07 27.40 -12.96
CA TYR A 155 -13.15 27.00 -11.56
C TYR A 155 -12.01 27.72 -10.85
N PRO A 156 -12.03 29.07 -10.83
CA PRO A 156 -10.96 29.86 -10.22
C PRO A 156 -10.68 29.52 -8.72
N VAL A 157 -11.69 29.05 -8.00
CA VAL A 157 -11.57 28.72 -6.59
C VAL A 157 -11.36 27.20 -6.33
N ASN A 158 -12.21 26.38 -6.95
CA ASN A 158 -12.11 24.94 -6.79
C ASN A 158 -10.77 24.39 -7.26
N LEU A 159 -10.35 24.76 -8.46
CA LEU A 159 -9.09 24.29 -9.02
C LEU A 159 -7.88 25.04 -8.44
N ALA A 160 -8.14 25.84 -7.42
CA ALA A 160 -7.09 26.50 -6.65
C ALA A 160 -6.96 25.63 -5.38
N GLY A 161 -8.07 25.41 -4.67
CA GLY A 161 -8.11 24.61 -3.46
C GLY A 161 -7.60 23.19 -3.67
N SER A 162 -7.87 22.64 -4.85
CA SER A 162 -7.45 21.29 -5.20
C SER A 162 -5.93 21.16 -5.35
N LYS A 163 -5.28 22.29 -5.57
CA LYS A 163 -3.84 22.31 -5.69
C LYS A 163 -3.20 22.76 -4.35
N ILE A 164 -3.81 23.78 -3.72
CA ILE A 164 -3.29 24.40 -2.49
C ILE A 164 -3.27 23.52 -1.25
N ALA A 165 -4.38 22.84 -0.98
CA ALA A 165 -4.47 22.05 0.24
C ALA A 165 -3.54 20.83 0.23
N PRO A 166 -3.47 20.11 -0.90
CA PRO A 166 -2.60 18.93 -0.95
C PRO A 166 -1.13 19.38 -0.78
N ALA A 167 -0.82 20.55 -1.36
CA ALA A 167 0.52 21.11 -1.25
C ALA A 167 0.85 21.46 0.20
N LEU A 168 -0.06 22.21 0.85
CA LEU A 168 0.12 22.71 2.22
C LEU A 168 0.15 21.63 3.32
N ILE A 169 -0.72 20.61 3.22
CA ILE A 169 -0.73 19.57 4.27
C ILE A 169 0.63 18.89 4.33
N ALA A 170 1.27 18.73 3.17
CA ALA A 170 2.56 18.04 3.13
C ALA A 170 3.77 18.88 3.63
N GLY A 171 3.57 20.18 3.84
CA GLY A 171 4.62 21.02 4.37
C GLY A 171 5.23 21.96 3.36
N ASN A 172 4.62 22.02 2.18
CA ASN A 172 5.05 22.93 1.13
C ASN A 172 4.45 24.25 1.47
N VAL A 173 5.00 25.32 0.89
CA VAL A 173 4.39 26.64 1.01
C VAL A 173 3.81 26.96 -0.39
N ILE A 174 2.89 27.90 -0.46
CA ILE A 174 2.20 28.22 -1.70
C ILE A 174 2.26 29.67 -2.21
N ALA A 175 2.27 29.81 -3.53
CA ALA A 175 2.08 31.10 -4.18
C ALA A 175 0.94 30.76 -5.15
N PHE A 176 -0.20 31.41 -4.95
CA PHE A 176 -1.37 31.15 -5.74
C PHE A 176 -1.64 32.25 -6.77
N LYS A 177 -1.63 31.87 -8.05
CA LYS A 177 -1.96 32.83 -9.09
C LYS A 177 -3.30 32.50 -9.76
N PRO A 178 -4.37 33.20 -9.37
CA PRO A 178 -5.61 32.87 -10.08
C PRO A 178 -5.59 33.37 -11.53
N PRO A 179 -6.63 33.03 -12.32
CA PRO A 179 -6.72 33.64 -13.64
C PRO A 179 -7.16 35.11 -13.41
N THR A 180 -6.86 36.00 -14.35
CA THR A 180 -7.25 37.41 -14.21
C THR A 180 -8.76 37.52 -14.13
N GLN A 181 -9.46 36.90 -15.09
CA GLN A 181 -10.91 36.86 -15.03
C GLN A 181 -11.17 35.71 -14.05
N GLY A 182 -11.39 36.05 -12.79
CA GLY A 182 -11.50 35.09 -11.70
C GLY A 182 -10.54 35.47 -10.58
N SER A 183 -9.72 36.50 -10.79
CA SER A 183 -8.77 36.92 -9.75
C SER A 183 -9.48 37.44 -8.49
N ILE A 184 -10.65 38.03 -8.64
CA ILE A 184 -11.38 38.52 -7.47
C ILE A 184 -11.78 37.32 -6.63
N SER A 185 -12.49 36.38 -7.24
CA SER A 185 -12.85 35.14 -6.53
C SER A 185 -11.63 34.49 -5.88
N GLY A 186 -10.51 34.51 -6.57
CA GLY A 186 -9.25 33.97 -6.09
C GLY A 186 -8.78 34.70 -4.85
N LEU A 187 -9.04 36.00 -4.80
CA LEU A 187 -8.63 36.81 -3.65
C LEU A 187 -9.61 36.63 -2.52
N LEU A 188 -10.84 36.29 -2.87
CA LEU A 188 -11.81 36.01 -1.83
C LEU A 188 -11.37 34.72 -1.14
N LEU A 189 -10.81 33.78 -1.92
CA LEU A 189 -10.39 32.51 -1.33
C LEU A 189 -9.25 32.79 -0.38
N ALA A 190 -8.40 33.72 -0.78
CA ALA A 190 -7.24 34.10 0.02
C ALA A 190 -7.70 34.65 1.36
N GLU A 191 -8.85 35.29 1.37
CA GLU A 191 -9.36 35.82 2.61
C GLU A 191 -9.56 34.74 3.69
N ALA A 192 -10.00 33.57 3.25
CA ALA A 192 -10.27 32.47 4.17
C ALA A 192 -8.96 31.90 4.75
N PHE A 193 -7.88 32.00 3.99
CA PHE A 193 -6.60 31.53 4.46
C PHE A 193 -6.02 32.55 5.46
N ALA A 194 -6.30 33.83 5.20
CA ALA A 194 -5.83 34.91 6.05
C ALA A 194 -6.58 34.81 7.36
N GLU A 195 -7.89 34.64 7.31
CA GLU A 195 -8.68 34.51 8.52
C GLU A 195 -8.37 33.24 9.30
N ALA A 196 -7.92 32.18 8.65
CA ALA A 196 -7.58 30.95 9.37
C ALA A 196 -6.30 31.11 10.18
N GLY A 197 -5.49 32.10 9.82
CA GLY A 197 -4.27 32.42 10.54
C GLY A 197 -3.04 31.61 10.24
N LEU A 198 -2.94 31.04 9.05
CA LEU A 198 -1.75 30.28 8.69
C LEU A 198 -0.60 31.24 8.88
N PRO A 199 0.56 30.73 9.34
CA PRO A 199 1.62 31.74 9.52
C PRO A 199 1.97 32.53 8.26
N ALA A 200 2.49 33.75 8.46
CA ALA A 200 2.93 34.63 7.38
C ALA A 200 3.89 33.97 6.39
N GLY A 201 3.59 34.11 5.09
CA GLY A 201 4.43 33.57 4.05
C GLY A 201 4.10 32.14 3.63
N VAL A 202 3.35 31.43 4.44
CA VAL A 202 2.96 30.05 4.14
C VAL A 202 2.01 30.01 2.92
N PHE A 203 1.03 30.92 2.89
CA PHE A 203 0.10 31.01 1.77
C PHE A 203 0.11 32.44 1.21
N ASN A 204 0.41 32.59 -0.09
CA ASN A 204 0.43 33.92 -0.71
C ASN A 204 -0.26 33.91 -2.09
N THR A 205 -0.68 35.08 -2.55
CA THR A 205 -1.28 35.24 -3.88
C THR A 205 -0.44 36.18 -4.78
N ILE A 206 -0.64 36.01 -6.07
CA ILE A 206 0.01 36.82 -7.10
C ILE A 206 -1.09 37.18 -8.10
N THR A 207 -1.23 38.45 -8.45
CA THR A 207 -2.17 38.88 -9.51
C THR A 207 -1.39 39.73 -10.52
N GLY A 208 -1.82 39.69 -11.77
CA GLY A 208 -1.20 40.35 -12.91
C GLY A 208 -1.62 39.56 -14.15
N ARG A 209 -1.42 40.11 -15.34
CA ARG A 209 -1.79 39.41 -16.57
C ARG A 209 -0.75 38.35 -16.93
N GLY A 210 -1.19 37.09 -17.01
CA GLY A 210 -0.31 35.98 -17.37
C GLY A 210 0.55 36.35 -18.57
N SER A 211 -0.03 37.06 -19.51
CA SER A 211 0.70 37.49 -20.71
C SER A 211 1.83 38.50 -20.37
N GLU A 212 1.98 38.84 -19.10
CA GLU A 212 3.00 39.79 -18.71
C GLU A 212 3.93 39.36 -17.57
N ILE A 213 3.41 38.65 -16.56
CA ILE A 213 4.26 38.17 -15.49
C ILE A 213 4.32 36.65 -15.51
N GLY A 214 3.50 36.07 -16.38
CA GLY A 214 3.37 34.64 -16.55
C GLY A 214 4.67 33.87 -16.61
N ASP A 215 5.46 34.14 -17.63
CA ASP A 215 6.73 33.46 -17.76
C ASP A 215 7.60 33.77 -16.56
N TYR A 216 7.53 35.01 -16.06
CA TYR A 216 8.36 35.38 -14.90
C TYR A 216 8.09 34.49 -13.68
N ILE A 217 6.85 34.43 -13.24
CA ILE A 217 6.50 33.61 -12.08
C ILE A 217 6.88 32.13 -12.24
N VAL A 218 6.78 31.62 -13.46
CA VAL A 218 7.11 30.24 -13.74
C VAL A 218 8.60 29.97 -13.84
N GLU A 219 9.33 30.87 -14.51
CA GLU A 219 10.77 30.68 -14.64
C GLU A 219 11.58 30.91 -13.35
N HIS A 220 11.01 31.66 -12.43
CA HIS A 220 11.67 31.97 -11.16
C HIS A 220 12.26 30.75 -10.50
N GLN A 221 13.52 30.87 -10.07
CA GLN A 221 14.21 29.74 -9.48
C GLN A 221 13.81 29.37 -8.05
N ALA A 222 13.02 30.21 -7.40
CA ALA A 222 12.50 29.90 -6.07
C ALA A 222 11.41 28.79 -6.15
N VAL A 223 10.72 28.69 -7.28
CA VAL A 223 9.62 27.72 -7.48
C VAL A 223 10.08 26.29 -7.59
N ASN A 224 9.60 25.42 -6.70
CA ASN A 224 10.05 24.02 -6.78
C ASN A 224 9.10 23.12 -7.54
N PHE A 225 7.87 23.57 -7.70
CA PHE A 225 6.85 22.80 -8.39
C PHE A 225 5.84 23.73 -9.02
N ILE A 226 5.43 23.41 -10.23
CA ILE A 226 4.38 24.16 -10.94
C ILE A 226 3.16 23.28 -11.17
N ASN A 227 2.05 23.73 -10.61
CA ASN A 227 0.81 23.00 -10.62
C ASN A 227 -0.18 23.91 -11.35
N PHE A 228 -0.49 23.53 -12.59
CA PHE A 228 -1.27 24.42 -13.46
C PHE A 228 -2.46 23.76 -14.15
N THR A 229 -3.58 24.47 -14.21
CA THR A 229 -4.75 24.03 -14.96
C THR A 229 -5.07 25.17 -15.93
N GLY A 230 -5.19 24.87 -17.21
CA GLY A 230 -5.47 25.87 -18.21
C GLY A 230 -5.38 25.35 -19.63
N SER A 231 -5.11 26.25 -20.55
CA SER A 231 -5.03 25.87 -21.96
C SER A 231 -3.83 24.99 -22.28
N THR A 232 -3.95 24.17 -23.33
CA THR A 232 -2.87 23.29 -23.74
C THR A 232 -1.68 24.13 -24.21
N GLY A 233 -2.01 25.28 -24.81
CA GLY A 233 -1.01 26.20 -25.32
C GLY A 233 -0.10 26.70 -24.22
N ILE A 234 -0.69 27.24 -23.16
CA ILE A 234 0.10 27.69 -22.02
C ILE A 234 0.78 26.53 -21.33
N GLY A 235 0.07 25.40 -21.19
CA GLY A 235 0.63 24.24 -20.53
C GLY A 235 1.90 23.74 -21.19
N GLU A 236 1.99 23.86 -22.52
CA GLU A 236 3.19 23.41 -23.23
C GLU A 236 4.39 24.30 -22.90
N ARG A 237 4.13 25.60 -22.80
CA ARG A 237 5.16 26.58 -22.50
C ARG A 237 5.65 26.37 -21.07
N ILE A 238 4.74 26.02 -20.18
CA ILE A 238 5.14 25.76 -18.82
C ILE A 238 6.02 24.56 -18.76
N GLY A 239 5.66 23.51 -19.53
CA GLY A 239 6.45 22.29 -19.55
C GLY A 239 7.88 22.64 -19.83
N LYS A 240 8.08 23.49 -20.84
CA LYS A 240 9.42 23.92 -21.23
C LYS A 240 10.14 24.82 -20.22
N MET A 241 9.40 25.75 -19.63
CA MET A 241 9.94 26.65 -18.65
C MET A 241 10.28 25.98 -17.33
N ALA A 242 9.61 24.85 -17.04
CA ALA A 242 9.85 24.12 -15.81
C ALA A 242 11.25 23.56 -15.83
N GLY A 243 11.73 23.22 -17.02
CA GLY A 243 13.04 22.60 -17.15
C GLY A 243 12.92 21.22 -16.54
N MET A 244 13.74 20.91 -15.55
CA MET A 244 13.68 19.58 -14.92
C MET A 244 12.88 19.53 -13.60
N ARG A 245 12.29 20.66 -13.22
CA ARG A 245 11.45 20.76 -12.03
C ARG A 245 10.11 20.02 -12.26
N PRO A 246 9.59 19.39 -11.19
CA PRO A 246 8.33 18.64 -11.35
C PRO A 246 7.12 19.54 -11.62
N ILE A 247 6.19 19.02 -12.40
CA ILE A 247 4.99 19.77 -12.75
C ILE A 247 3.73 18.91 -12.71
N MET A 248 2.61 19.59 -12.63
CA MET A 248 1.32 18.96 -12.74
C MET A 248 0.59 19.88 -13.76
N LEU A 249 0.13 19.31 -14.87
CA LEU A 249 -0.59 20.08 -15.89
C LEU A 249 -1.90 19.38 -16.17
N ALA A 250 -2.99 20.16 -16.15
CA ALA A 250 -4.33 19.65 -16.44
C ALA A 250 -4.78 20.58 -17.57
N LEU A 251 -4.79 20.05 -18.78
CA LEU A 251 -5.07 20.90 -19.94
C LEU A 251 -6.41 20.62 -20.64
N GLY A 252 -6.45 20.90 -21.93
CA GLY A 252 -7.68 20.68 -22.67
C GLY A 252 -8.09 19.24 -22.91
N GLY A 253 -9.34 19.05 -23.29
CA GLY A 253 -9.89 17.75 -23.61
C GLY A 253 -10.90 17.88 -24.73
N LYS A 254 -11.13 16.78 -25.42
CA LYS A 254 -12.17 16.70 -26.44
C LYS A 254 -12.74 15.31 -26.16
N ASP A 255 -13.29 15.14 -24.96
CA ASP A 255 -13.79 13.84 -24.53
C ASP A 255 -14.85 13.25 -25.43
N SER A 256 -14.62 12.01 -25.84
CA SER A 256 -15.63 11.36 -26.65
C SER A 256 -16.59 10.52 -25.82
N ALA A 257 -17.83 10.44 -26.27
CA ALA A 257 -18.86 9.60 -25.67
C ALA A 257 -19.13 8.59 -26.76
N ILE A 258 -18.69 7.35 -26.55
CA ILE A 258 -18.85 6.26 -27.51
C ILE A 258 -20.13 5.50 -27.21
N VAL A 259 -21.04 5.50 -28.18
CA VAL A 259 -22.36 4.88 -28.01
C VAL A 259 -22.49 3.62 -28.86
N LEU A 260 -22.67 2.48 -28.19
CA LEU A 260 -22.77 1.19 -28.84
C LEU A 260 -24.25 0.87 -29.10
N GLU A 261 -24.50 -0.10 -30.00
CA GLU A 261 -25.86 -0.52 -30.38
C GLU A 261 -26.75 -1.00 -29.23
N ASP A 262 -26.15 -1.50 -28.17
CA ASP A 262 -26.93 -1.99 -27.02
C ASP A 262 -27.08 -0.96 -25.90
N ALA A 263 -26.77 0.30 -26.17
CA ALA A 263 -26.88 1.35 -25.17
C ALA A 263 -28.29 1.67 -24.76
N ASP A 264 -28.44 2.15 -23.54
CA ASP A 264 -29.72 2.63 -23.07
C ASP A 264 -29.76 4.09 -23.59
N LEU A 265 -30.42 4.30 -24.74
CA LEU A 265 -30.44 5.62 -25.40
C LEU A 265 -30.96 6.78 -24.59
N GLU A 266 -31.88 6.53 -23.68
CA GLU A 266 -32.40 7.62 -22.85
C GLU A 266 -31.37 8.07 -21.82
N LEU A 267 -30.75 7.11 -21.15
CA LEU A 267 -29.72 7.34 -20.16
C LEU A 267 -28.53 7.99 -20.87
N THR A 268 -28.24 7.51 -22.08
CA THR A 268 -27.15 8.04 -22.89
C THR A 268 -27.40 9.50 -23.26
N ALA A 269 -28.59 9.82 -23.73
CA ALA A 269 -28.90 11.22 -24.09
C ALA A 269 -28.87 12.16 -22.87
N LYS A 270 -29.41 11.70 -21.76
CA LYS A 270 -29.43 12.50 -20.54
C LYS A 270 -28.00 12.87 -20.11
N ASN A 271 -27.11 11.88 -20.12
CA ASN A 271 -25.73 12.08 -19.72
C ASN A 271 -24.98 12.92 -20.72
N ILE A 272 -25.27 12.72 -22.00
CA ILE A 272 -24.61 13.50 -23.03
C ILE A 272 -24.98 14.98 -22.93
N ILE A 273 -26.27 15.26 -22.72
CA ILE A 273 -26.71 16.62 -22.55
C ILE A 273 -26.07 17.29 -21.33
N ALA A 274 -26.11 16.60 -20.19
CA ALA A 274 -25.51 17.18 -18.99
C ALA A 274 -24.01 17.41 -19.11
N GLY A 275 -23.29 16.47 -19.69
CA GLY A 275 -21.85 16.62 -19.80
C GLY A 275 -21.39 17.63 -20.85
N ALA A 276 -22.13 17.70 -21.94
CA ALA A 276 -21.75 18.57 -23.03
C ALA A 276 -22.07 20.03 -22.76
N PHE A 277 -23.20 20.27 -22.11
CA PHE A 277 -23.67 21.64 -21.94
C PHE A 277 -23.47 22.33 -20.57
N GLY A 278 -23.04 21.56 -19.56
CA GLY A 278 -22.79 22.14 -18.24
C GLY A 278 -21.82 23.31 -18.38
N TYR A 279 -22.22 24.46 -17.83
CA TYR A 279 -21.41 25.67 -17.94
C TYR A 279 -21.15 26.06 -19.40
N SER A 280 -22.16 25.87 -20.25
CA SER A 280 -22.04 26.24 -21.65
C SER A 280 -20.87 25.60 -22.39
N GLY A 281 -20.46 24.42 -21.93
CA GLY A 281 -19.37 23.69 -22.56
C GLY A 281 -17.98 24.15 -22.15
N GLN A 282 -17.91 25.02 -21.15
CA GLN A 282 -16.62 25.51 -20.67
C GLN A 282 -16.05 24.62 -19.57
N ARG A 283 -15.87 23.33 -19.90
CA ARG A 283 -15.35 22.35 -18.97
C ARG A 283 -14.36 21.48 -19.73
N CYS A 284 -13.20 21.22 -19.13
N CYS A 284 -13.19 21.21 -19.15
CA CYS A 284 -12.17 20.39 -19.74
CA CYS A 284 -12.20 20.38 -19.82
C CYS A 284 -12.70 18.96 -19.94
C CYS A 284 -12.72 18.94 -19.97
N THR A 285 -13.55 18.51 -19.03
CA THR A 285 -14.11 17.15 -19.04
C THR A 285 -15.49 17.03 -19.71
N ALA A 286 -15.92 18.06 -20.40
CA ALA A 286 -17.22 17.97 -21.02
C ALA A 286 -17.24 16.88 -22.10
N VAL A 287 -18.44 16.38 -22.37
CA VAL A 287 -18.60 15.43 -23.49
C VAL A 287 -18.45 16.36 -24.71
N LYS A 288 -17.42 16.16 -25.53
CA LYS A 288 -17.19 17.08 -26.66
C LYS A 288 -17.38 16.50 -28.05
N ARG A 289 -17.56 15.20 -28.13
CA ARG A 289 -17.86 14.56 -29.40
C ARG A 289 -18.51 13.19 -29.15
N VAL A 290 -19.62 12.95 -29.84
CA VAL A 290 -20.36 11.69 -29.74
C VAL A 290 -19.96 10.78 -30.91
N LEU A 291 -19.43 9.60 -30.61
CA LEU A 291 -19.08 8.63 -31.64
C LEU A 291 -20.13 7.53 -31.48
N VAL A 292 -21.16 7.60 -32.31
CA VAL A 292 -22.34 6.74 -32.17
C VAL A 292 -22.49 5.79 -33.35
N MET A 293 -22.70 4.49 -33.02
CA MET A 293 -22.92 3.45 -34.03
C MET A 293 -24.10 3.89 -34.87
N GLU A 294 -23.94 3.84 -36.19
CA GLU A 294 -24.95 4.27 -37.15
C GLU A 294 -26.39 3.85 -36.85
N SER A 295 -26.58 2.58 -36.51
CA SER A 295 -27.91 2.00 -36.27
C SER A 295 -28.75 2.60 -35.15
N VAL A 296 -28.10 3.24 -34.17
CA VAL A 296 -28.85 3.88 -33.08
C VAL A 296 -28.77 5.40 -33.14
N ALA A 297 -28.03 5.89 -34.13
CA ALA A 297 -27.82 7.31 -34.29
C ALA A 297 -29.08 8.18 -34.39
N ASP A 298 -29.96 7.85 -35.34
CA ASP A 298 -31.14 8.66 -35.54
C ASP A 298 -31.94 8.80 -34.26
N GLU A 299 -32.15 7.68 -33.57
CA GLU A 299 -32.88 7.69 -32.31
C GLU A 299 -32.23 8.47 -31.19
N LEU A 300 -30.91 8.36 -31.05
CA LEU A 300 -30.16 9.09 -30.01
C LEU A 300 -30.21 10.57 -30.33
N VAL A 301 -29.90 10.88 -31.60
CA VAL A 301 -29.87 12.26 -32.07
C VAL A 301 -31.16 12.99 -31.74
N GLU A 302 -32.27 12.31 -31.97
CA GLU A 302 -33.57 12.87 -31.67
C GLU A 302 -33.73 13.21 -30.18
N LYS A 303 -33.35 12.26 -29.32
CA LYS A 303 -33.38 12.45 -27.87
C LYS A 303 -32.51 13.65 -27.46
N ILE A 304 -31.30 13.72 -27.96
CA ILE A 304 -30.42 14.85 -27.61
C ILE A 304 -31.13 16.15 -28.03
N ARG A 305 -31.50 16.24 -29.31
CA ARG A 305 -32.14 17.42 -29.89
C ARG A 305 -33.27 17.96 -28.98
N GLU A 306 -34.13 17.04 -28.55
CA GLU A 306 -35.25 17.35 -27.71
C GLU A 306 -34.82 17.85 -26.32
N LYS A 307 -33.83 17.20 -25.74
CA LYS A 307 -33.33 17.60 -24.43
C LYS A 307 -32.56 18.93 -24.49
N VAL A 308 -31.95 19.23 -25.64
CA VAL A 308 -31.22 20.47 -25.78
C VAL A 308 -32.20 21.64 -25.69
N LEU A 309 -33.41 21.43 -26.19
CA LEU A 309 -34.42 22.48 -26.21
C LEU A 309 -35.00 22.82 -24.83
N ALA A 310 -34.81 21.92 -23.88
CA ALA A 310 -35.29 22.14 -22.53
C ALA A 310 -34.30 22.90 -21.69
N LEU A 311 -33.13 23.19 -22.25
CA LEU A 311 -32.07 23.92 -21.55
C LEU A 311 -32.42 25.40 -21.41
N THR A 312 -32.25 25.95 -20.21
CA THR A 312 -32.53 27.37 -19.98
C THR A 312 -31.35 28.22 -20.46
N ILE A 313 -31.65 29.36 -21.05
CA ILE A 313 -30.61 30.22 -21.60
C ILE A 313 -30.77 31.59 -20.97
N GLY A 314 -29.67 32.22 -20.60
CA GLY A 314 -29.76 33.51 -19.95
C GLY A 314 -28.68 33.86 -18.96
N ASN A 315 -29.06 34.63 -17.93
CA ASN A 315 -28.13 35.17 -16.93
C ASN A 315 -27.80 34.24 -15.78
N PRO A 316 -26.59 34.42 -15.22
CA PRO A 316 -25.98 33.73 -14.07
C PRO A 316 -26.93 33.79 -12.87
N GLU A 317 -27.37 35.00 -12.54
CA GLU A 317 -28.30 35.19 -11.41
C GLU A 317 -29.60 34.42 -11.58
N ASP A 318 -29.94 34.03 -12.81
CA ASP A 318 -31.14 33.25 -13.03
C ASP A 318 -30.88 31.74 -13.06
N ASP A 319 -29.63 31.35 -12.81
CA ASP A 319 -29.25 29.95 -12.80
C ASP A 319 -29.56 29.27 -14.11
N ALA A 320 -29.30 29.99 -15.19
CA ALA A 320 -29.56 29.44 -16.52
C ALA A 320 -28.56 28.32 -16.82
N ASP A 321 -28.98 27.30 -17.58
CA ASP A 321 -28.09 26.22 -18.00
C ASP A 321 -26.97 26.81 -18.85
N ILE A 322 -27.36 27.58 -19.85
CA ILE A 322 -26.47 28.23 -20.80
C ILE A 322 -26.34 29.73 -20.47
N THR A 323 -25.12 30.14 -20.12
CA THR A 323 -24.83 31.52 -19.77
C THR A 323 -23.88 32.12 -20.79
N PRO A 324 -23.65 33.43 -20.69
CA PRO A 324 -22.73 33.97 -21.69
C PRO A 324 -21.32 33.40 -21.54
N LEU A 325 -20.58 33.32 -22.64
CA LEU A 325 -19.22 32.79 -22.60
C LEU A 325 -18.27 33.81 -21.93
N ILE A 326 -17.14 33.32 -21.46
CA ILE A 326 -16.21 34.11 -20.66
C ILE A 326 -15.82 35.46 -21.24
N ASP A 327 -15.77 35.54 -22.57
CA ASP A 327 -15.42 36.78 -23.23
C ASP A 327 -15.71 36.70 -24.73
N THR A 328 -15.50 37.82 -25.40
CA THR A 328 -15.78 38.01 -26.83
C THR A 328 -14.91 37.11 -27.70
N LYS A 329 -13.63 37.12 -27.39
CA LYS A 329 -12.65 36.31 -28.10
C LYS A 329 -13.13 34.86 -28.15
N SER A 330 -13.57 34.34 -27.01
CA SER A 330 -14.04 32.96 -26.90
C SER A 330 -15.30 32.70 -27.69
N ALA A 331 -16.28 33.59 -27.57
CA ALA A 331 -17.53 33.45 -28.31
C ALA A 331 -17.30 33.59 -29.80
N ASP A 332 -16.31 34.40 -30.18
CA ASP A 332 -15.95 34.61 -31.57
C ASP A 332 -15.38 33.30 -32.10
N TYR A 333 -14.49 32.70 -31.31
CA TYR A 333 -13.88 31.43 -31.68
C TYR A 333 -14.94 30.34 -31.88
N VAL A 334 -15.84 30.23 -30.91
CA VAL A 334 -16.92 29.23 -30.94
C VAL A 334 -17.81 29.41 -32.16
N GLU A 335 -18.13 30.67 -32.48
CA GLU A 335 -18.94 30.99 -33.66
C GLU A 335 -18.26 30.59 -34.94
N GLY A 336 -16.95 30.79 -35.04
CA GLY A 336 -16.17 30.37 -36.19
C GLY A 336 -16.24 28.85 -36.40
N LEU A 337 -16.25 28.09 -35.31
CA LEU A 337 -16.31 26.61 -35.38
C LEU A 337 -17.70 26.18 -35.84
N ILE A 338 -18.70 26.90 -35.37
CA ILE A 338 -20.07 26.66 -35.74
C ILE A 338 -20.29 26.91 -37.25
N ASN A 339 -19.74 28.01 -37.75
CA ASN A 339 -19.85 28.38 -39.16
C ASN A 339 -19.09 27.42 -40.05
N ASP A 340 -17.89 27.03 -39.63
CA ASP A 340 -17.12 26.09 -40.40
C ASP A 340 -17.93 24.80 -40.62
N ALA A 341 -18.61 24.35 -39.57
CA ALA A 341 -19.35 23.07 -39.55
C ALA A 341 -20.55 23.17 -40.47
N ASN A 342 -21.23 24.30 -40.35
CA ASN A 342 -22.40 24.59 -41.13
C ASN A 342 -22.05 24.81 -42.61
N ASP A 343 -20.99 25.56 -42.88
CA ASP A 343 -20.56 25.79 -44.26
C ASP A 343 -20.08 24.50 -44.92
N LYS A 344 -19.54 23.59 -44.13
CA LYS A 344 -18.98 22.35 -44.64
C LYS A 344 -20.04 21.29 -44.84
N GLY A 345 -21.26 21.58 -44.40
CA GLY A 345 -22.40 20.72 -44.63
C GLY A 345 -22.95 19.89 -43.50
N ALA A 346 -22.53 20.14 -42.27
CA ALA A 346 -23.02 19.37 -41.13
C ALA A 346 -24.47 19.71 -40.91
N THR A 347 -25.22 18.80 -40.33
CA THR A 347 -26.63 19.03 -40.08
C THR A 347 -26.89 19.66 -38.71
N ALA A 348 -27.12 20.98 -38.67
CA ALA A 348 -27.46 21.66 -37.43
C ALA A 348 -28.85 21.21 -37.01
N LEU A 349 -28.99 20.67 -35.80
CA LEU A 349 -30.32 20.26 -35.33
C LEU A 349 -30.93 21.33 -34.45
N THR A 350 -30.18 22.40 -34.28
CA THR A 350 -30.64 23.49 -33.44
C THR A 350 -30.31 24.73 -34.22
N GLU A 351 -30.97 25.82 -33.85
CA GLU A 351 -30.76 27.09 -34.51
C GLU A 351 -29.42 27.65 -34.03
N ILE A 352 -28.78 28.40 -34.92
CA ILE A 352 -27.50 29.05 -34.65
C ILE A 352 -27.84 30.45 -34.20
N LYS A 353 -27.46 30.81 -32.99
CA LYS A 353 -27.83 32.12 -32.47
C LYS A 353 -26.87 32.66 -31.43
N ARG A 354 -26.38 33.87 -31.68
CA ARG A 354 -25.51 34.56 -30.76
C ARG A 354 -26.02 35.97 -30.46
N GLU A 355 -26.12 36.31 -29.18
CA GLU A 355 -26.52 37.67 -28.78
C GLU A 355 -25.49 38.08 -27.74
N GLY A 356 -24.64 39.03 -28.10
CA GLY A 356 -23.56 39.42 -27.22
C GLY A 356 -22.59 38.24 -27.20
N ASN A 357 -22.28 37.74 -26.01
CA ASN A 357 -21.42 36.57 -25.92
C ASN A 357 -22.21 35.35 -25.48
N LEU A 358 -23.53 35.46 -25.55
CA LEU A 358 -24.41 34.37 -25.22
C LEU A 358 -24.69 33.59 -26.50
N ILE A 359 -24.08 32.41 -26.64
CA ILE A 359 -24.34 31.57 -27.80
C ILE A 359 -25.34 30.49 -27.34
N CYS A 360 -26.40 30.31 -28.12
CA CYS A 360 -27.42 29.30 -27.81
C CYS A 360 -26.84 27.93 -28.10
N PRO A 361 -27.26 26.93 -27.33
CA PRO A 361 -26.72 25.58 -27.46
C PRO A 361 -27.02 24.99 -28.81
N ILE A 362 -25.99 24.48 -29.47
CA ILE A 362 -26.18 23.88 -30.78
C ILE A 362 -25.67 22.46 -30.93
N LEU A 363 -26.45 21.63 -31.59
CA LEU A 363 -26.12 20.24 -31.86
C LEU A 363 -25.93 20.09 -33.38
N PHE A 364 -24.77 19.58 -33.79
CA PHE A 364 -24.47 19.32 -35.20
C PHE A 364 -24.36 17.81 -35.43
N ASP A 365 -25.14 17.29 -36.38
CA ASP A 365 -25.10 15.87 -36.70
C ASP A 365 -24.31 15.67 -37.99
N LYS A 366 -23.93 14.43 -38.27
CA LYS A 366 -23.16 14.09 -39.46
C LYS A 366 -21.85 14.87 -39.61
N VAL A 367 -21.15 15.02 -38.49
CA VAL A 367 -19.87 15.71 -38.47
C VAL A 367 -18.78 14.83 -39.06
N THR A 368 -17.98 15.41 -39.93
CA THR A 368 -16.94 14.66 -40.60
C THR A 368 -15.57 15.08 -40.15
N THR A 369 -14.60 14.20 -40.31
CA THR A 369 -13.24 14.43 -39.82
C THR A 369 -12.61 15.64 -40.46
N ASP A 370 -13.30 16.16 -41.46
CA ASP A 370 -12.81 17.29 -42.23
C ASP A 370 -13.30 18.61 -41.65
N MET A 371 -14.19 18.53 -40.66
CA MET A 371 -14.67 19.72 -39.97
C MET A 371 -13.84 20.02 -38.71
N ARG A 372 -13.48 21.30 -38.52
CA ARG A 372 -12.70 21.74 -37.37
C ARG A 372 -13.37 21.31 -36.06
N LEU A 373 -14.69 21.36 -36.03
CA LEU A 373 -15.47 20.97 -34.87
C LEU A 373 -15.32 19.49 -34.49
N ALA A 374 -14.73 18.69 -35.37
CA ALA A 374 -14.49 17.29 -35.10
C ALA A 374 -13.38 17.16 -34.08
N TRP A 375 -12.48 18.13 -34.12
CA TRP A 375 -11.23 18.06 -33.40
C TRP A 375 -10.89 19.14 -32.37
N GLU A 376 -11.18 20.39 -32.70
CA GLU A 376 -10.84 21.49 -31.81
C GLU A 376 -11.78 21.60 -30.61
N GLU A 377 -11.18 21.83 -29.45
CA GLU A 377 -11.95 22.00 -28.20
C GLU A 377 -12.59 23.36 -28.28
N PRO A 378 -13.92 23.41 -28.22
CA PRO A 378 -14.54 24.72 -28.38
C PRO A 378 -14.60 25.56 -27.12
N PHE A 379 -14.93 24.96 -26.01
CA PHE A 379 -15.20 25.72 -24.77
C PHE A 379 -16.40 26.63 -25.06
N GLY A 380 -17.41 26.06 -25.71
CA GLY A 380 -18.65 26.70 -26.07
C GLY A 380 -19.74 25.64 -26.13
N PRO A 381 -21.02 26.06 -26.09
CA PRO A 381 -22.17 25.13 -26.12
C PRO A 381 -22.47 24.56 -27.52
N VAL A 382 -21.48 23.86 -28.08
CA VAL A 382 -21.64 23.25 -29.39
C VAL A 382 -21.20 21.81 -29.32
N LEU A 383 -22.06 20.90 -29.79
CA LEU A 383 -21.76 19.47 -29.79
C LEU A 383 -21.89 18.77 -31.16
N PRO A 384 -20.79 18.19 -31.65
CA PRO A 384 -20.75 17.40 -32.88
C PRO A 384 -21.09 15.92 -32.63
N ILE A 385 -21.92 15.36 -33.50
CA ILE A 385 -22.26 13.95 -33.45
C ILE A 385 -21.57 13.35 -34.69
N ILE A 386 -20.75 12.34 -34.45
CA ILE A 386 -20.01 11.64 -35.51
C ILE A 386 -20.49 10.20 -35.56
N ARG A 387 -21.03 9.81 -36.71
CA ARG A 387 -21.55 8.46 -36.87
C ARG A 387 -20.46 7.49 -37.29
N VAL A 388 -20.46 6.31 -36.68
CA VAL A 388 -19.45 5.30 -36.96
C VAL A 388 -20.14 3.98 -37.28
N THR A 389 -19.40 3.04 -37.86
CA THR A 389 -19.95 1.74 -38.26
C THR A 389 -19.38 0.58 -37.45
N SER A 390 -18.35 0.85 -36.66
CA SER A 390 -17.80 -0.17 -35.78
C SER A 390 -17.16 0.47 -34.52
N VAL A 391 -16.96 -0.37 -33.51
CA VAL A 391 -16.31 0.03 -32.29
C VAL A 391 -14.84 0.34 -32.62
N GLU A 392 -14.25 -0.42 -33.55
CA GLU A 392 -12.88 -0.14 -33.90
C GLU A 392 -12.69 1.23 -34.52
N GLU A 393 -13.65 1.65 -35.34
CA GLU A 393 -13.61 2.97 -35.95
C GLU A 393 -13.73 4.08 -34.86
N ALA A 394 -14.63 3.88 -33.93
CA ALA A 394 -14.84 4.81 -32.82
C ALA A 394 -13.55 5.00 -32.04
N ILE A 395 -12.91 3.88 -31.72
CA ILE A 395 -11.64 3.86 -31.00
C ILE A 395 -10.54 4.63 -31.78
N GLU A 396 -10.50 4.42 -33.09
CA GLU A 396 -9.52 5.08 -33.96
C GLU A 396 -9.74 6.59 -34.01
N ILE A 397 -10.99 6.98 -34.19
CA ILE A 397 -11.35 8.39 -34.23
C ILE A 397 -11.09 9.04 -32.87
N SER A 398 -11.40 8.32 -31.81
CA SER A 398 -11.17 8.80 -30.45
C SER A 398 -9.69 9.08 -30.18
N ASN A 399 -8.84 8.09 -30.48
CA ASN A 399 -7.40 8.21 -30.22
C ASN A 399 -6.67 9.07 -31.22
N LYS A 400 -7.33 9.43 -32.32
CA LYS A 400 -6.70 10.25 -33.36
C LYS A 400 -6.50 11.69 -32.84
N SER A 401 -7.34 12.06 -31.87
CA SER A 401 -7.24 13.35 -31.20
C SER A 401 -5.90 13.52 -30.46
N GLU A 402 -5.41 14.76 -30.42
CA GLU A 402 -4.23 15.05 -29.60
C GLU A 402 -4.63 15.16 -28.10
N TYR A 403 -5.94 15.16 -27.83
CA TYR A 403 -6.44 15.20 -26.44
C TYR A 403 -6.73 13.79 -25.94
N GLY A 404 -6.62 13.57 -24.63
CA GLY A 404 -6.91 12.28 -24.02
C GLY A 404 -7.11 12.42 -22.52
N LEU A 405 -8.14 13.17 -22.15
CA LEU A 405 -8.46 13.43 -20.76
C LEU A 405 -9.35 12.29 -20.27
N GLN A 406 -10.57 12.23 -20.78
CA GLN A 406 -11.50 11.15 -20.46
C GLN A 406 -12.35 10.73 -21.65
N ALA A 407 -13.08 9.63 -21.44
CA ALA A 407 -13.99 9.12 -22.44
C ALA A 407 -15.13 8.49 -21.67
N SER A 408 -16.27 8.41 -22.34
CA SER A 408 -17.50 7.82 -21.84
C SER A 408 -17.84 6.66 -22.80
N ILE A 409 -18.36 5.55 -22.27
CA ILE A 409 -18.78 4.42 -23.09
C ILE A 409 -20.16 4.04 -22.64
N PHE A 410 -21.12 4.08 -23.57
CA PHE A 410 -22.50 3.72 -23.29
C PHE A 410 -22.80 2.42 -23.96
N THR A 411 -23.09 1.42 -23.12
CA THR A 411 -23.31 0.04 -23.55
C THR A 411 -23.87 -0.76 -22.40
N ASN A 412 -24.46 -1.90 -22.71
CA ASN A 412 -24.94 -2.81 -21.68
C ASN A 412 -24.01 -3.99 -21.52
N ASP A 413 -22.88 -3.98 -22.23
CA ASP A 413 -21.89 -5.07 -22.18
C ASP A 413 -20.63 -4.55 -21.48
N PHE A 414 -20.56 -4.75 -20.18
CA PHE A 414 -19.45 -4.24 -19.40
C PHE A 414 -18.07 -4.79 -19.66
N PRO A 415 -17.95 -6.11 -19.79
CA PRO A 415 -16.63 -6.70 -20.04
C PRO A 415 -16.05 -6.13 -21.33
N ARG A 416 -16.90 -5.93 -22.33
CA ARG A 416 -16.44 -5.35 -23.58
C ARG A 416 -16.06 -3.90 -23.33
N ALA A 417 -16.87 -3.17 -22.56
CA ALA A 417 -16.56 -1.76 -22.23
C ALA A 417 -15.17 -1.64 -21.58
N PHE A 418 -14.85 -2.61 -20.77
CA PHE A 418 -13.55 -2.62 -20.10
C PHE A 418 -12.45 -2.89 -21.13
N GLY A 419 -12.74 -3.73 -22.13
CA GLY A 419 -11.79 -4.00 -23.19
C GLY A 419 -11.60 -2.77 -24.05
N ILE A 420 -12.67 -2.04 -24.26
CA ILE A 420 -12.57 -0.82 -25.05
C ILE A 420 -11.75 0.25 -24.30
N ALA A 421 -12.02 0.39 -23.00
CA ALA A 421 -11.34 1.36 -22.12
C ALA A 421 -9.84 1.22 -22.12
N GLU A 422 -9.38 -0.03 -22.04
CA GLU A 422 -7.95 -0.33 -22.09
C GLU A 422 -7.30 0.26 -23.35
N GLN A 423 -8.06 0.33 -24.45
CA GLN A 423 -7.51 0.81 -25.70
C GLN A 423 -7.57 2.32 -25.90
N LEU A 424 -8.52 2.96 -25.21
CA LEU A 424 -8.68 4.41 -25.27
C LEU A 424 -7.50 5.15 -24.62
N GLU A 425 -6.92 6.10 -25.35
CA GLU A 425 -5.79 6.88 -24.82
C GLU A 425 -6.27 8.08 -24.01
N VAL A 426 -6.78 7.80 -22.82
CA VAL A 426 -7.38 8.80 -21.93
C VAL A 426 -6.97 8.41 -20.54
N GLY A 427 -7.18 9.28 -19.58
CA GLY A 427 -6.88 8.95 -18.18
C GLY A 427 -8.02 8.14 -17.53
N THR A 428 -9.25 8.57 -17.76
CA THR A 428 -10.40 7.94 -17.13
C THR A 428 -11.48 7.60 -18.14
N VAL A 429 -12.12 6.44 -17.97
CA VAL A 429 -13.22 6.03 -18.85
C VAL A 429 -14.41 5.78 -17.92
N HIS A 430 -15.50 6.52 -18.17
CA HIS A 430 -16.71 6.37 -17.40
C HIS A 430 -17.66 5.47 -18.18
N ILE A 431 -18.19 4.44 -17.54
CA ILE A 431 -19.16 3.55 -18.18
C ILE A 431 -20.58 3.96 -17.84
N ASN A 432 -21.38 4.25 -18.88
CA ASN A 432 -22.77 4.69 -18.70
C ASN A 432 -22.95 5.90 -17.80
N ASN A 433 -22.03 6.85 -17.93
CA ASN A 433 -22.09 8.13 -17.23
C ASN A 433 -21.28 9.08 -18.06
N LYS A 434 -21.55 10.38 -17.89
CA LYS A 434 -20.79 11.39 -18.59
C LYS A 434 -19.41 11.47 -17.95
N THR A 435 -18.47 12.06 -18.67
CA THR A 435 -17.15 12.21 -18.10
C THR A 435 -17.22 13.28 -16.99
N GLN A 436 -16.29 13.23 -16.04
CA GLN A 436 -16.28 14.18 -14.93
C GLN A 436 -14.99 13.99 -14.12
N ARG A 437 -14.53 15.06 -13.49
CA ARG A 437 -13.32 14.99 -12.68
C ARG A 437 -13.63 14.23 -11.38
N GLY A 438 -14.85 14.36 -10.90
CA GLY A 438 -15.25 13.75 -9.66
C GLY A 438 -15.27 12.22 -9.66
N THR A 439 -15.39 11.63 -8.49
CA THR A 439 -15.38 12.23 -7.16
C THR A 439 -13.90 12.59 -6.87
N ASP A 440 -13.66 13.66 -6.10
CA ASP A 440 -12.28 14.19 -5.95
C ASP A 440 -11.17 13.34 -5.36
N ASN A 441 -11.49 12.18 -4.79
CA ASN A 441 -10.48 11.28 -4.27
C ASN A 441 -9.98 10.42 -5.43
N PHE A 442 -10.77 10.34 -6.50
CA PHE A 442 -10.45 9.49 -7.69
C PHE A 442 -9.27 10.12 -8.44
N PRO A 443 -8.48 9.31 -9.14
CA PRO A 443 -7.43 9.96 -9.92
C PRO A 443 -8.02 10.82 -11.06
N PHE A 444 -7.29 11.87 -11.42
CA PHE A 444 -7.72 12.75 -12.49
C PHE A 444 -6.49 13.07 -13.29
N LEU A 445 -6.47 12.59 -14.52
CA LEU A 445 -5.27 12.74 -15.37
C LEU A 445 -5.65 12.65 -16.83
N GLY A 446 -4.79 13.20 -17.67
CA GLY A 446 -5.02 13.21 -19.09
C GLY A 446 -3.82 12.61 -19.79
N ALA A 447 -4.09 11.93 -20.90
CA ALA A 447 -3.00 11.38 -21.71
C ALA A 447 -2.67 12.41 -22.80
N LYS A 448 -1.60 12.15 -23.54
CA LYS A 448 -1.23 13.04 -24.65
C LYS A 448 -1.18 14.53 -24.29
N LYS A 449 -1.86 15.38 -25.06
CA LYS A 449 -1.83 16.82 -24.83
C LYS A 449 -2.81 17.31 -23.77
N SER A 450 -3.44 16.38 -23.06
CA SER A 450 -4.40 16.76 -22.03
C SER A 450 -3.79 16.97 -20.65
N GLY A 451 -2.56 16.51 -20.44
CA GLY A 451 -1.98 16.69 -19.12
C GLY A 451 -0.65 16.01 -18.85
N ALA A 452 -0.07 16.34 -17.70
CA ALA A 452 1.15 15.73 -17.18
C ALA A 452 0.91 15.58 -15.68
N GLY A 453 1.13 14.38 -15.17
CA GLY A 453 0.91 14.10 -13.76
C GLY A 453 -0.50 13.64 -13.40
N ILE A 454 -0.63 13.08 -12.20
CA ILE A 454 -1.91 12.58 -11.73
C ILE A 454 -2.41 13.41 -10.60
N GLN A 455 -3.67 13.84 -10.70
CA GLN A 455 -4.35 14.67 -9.70
C GLN A 455 -5.46 13.83 -9.07
N GLY A 456 -6.34 14.45 -8.28
CA GLY A 456 -7.24 13.70 -7.41
C GLY A 456 -6.41 13.77 -6.13
N VAL A 457 -7.05 13.95 -4.98
CA VAL A 457 -6.40 14.27 -3.71
C VAL A 457 -5.08 13.60 -3.30
N LYS A 458 -5.09 12.29 -3.07
CA LYS A 458 -3.86 11.64 -2.65
C LYS A 458 -2.77 11.69 -3.70
N TYR A 459 -3.14 11.74 -4.97
CA TYR A 459 -2.18 11.72 -6.07
C TYR A 459 -1.54 13.10 -6.11
N SER A 460 -2.32 14.13 -5.83
CA SER A 460 -1.78 15.48 -5.76
C SER A 460 -0.76 15.56 -4.61
N ILE A 461 -1.06 14.89 -3.50
CA ILE A 461 -0.21 14.94 -2.31
C ILE A 461 1.10 14.28 -2.63
N GLU A 462 1.01 13.13 -3.29
CA GLU A 462 2.19 12.37 -3.68
C GLU A 462 3.03 13.12 -4.69
N ALA A 463 2.37 13.78 -5.66
CA ALA A 463 3.10 14.54 -6.68
C ALA A 463 3.91 15.65 -6.03
N MET A 464 3.30 16.37 -5.10
CA MET A 464 3.97 17.51 -4.48
C MET A 464 4.83 17.23 -3.23
N THR A 465 5.30 15.99 -3.11
CA THR A 465 6.19 15.59 -2.02
C THR A 465 7.27 14.74 -2.66
N THR A 466 8.39 14.62 -1.97
CA THR A 466 9.44 13.78 -2.45
C THR A 466 9.73 12.80 -1.32
N VAL A 467 10.80 12.05 -1.48
CA VAL A 467 11.12 11.03 -0.50
C VAL A 467 12.51 11.29 0.08
N LYS A 468 12.67 11.00 1.36
CA LYS A 468 14.00 11.13 2.02
C LYS A 468 14.29 9.74 2.55
N SER A 469 15.36 9.13 2.07
CA SER A 469 15.68 7.77 2.48
C SER A 469 16.83 7.77 3.48
N VAL A 470 16.66 7.10 4.63
CA VAL A 470 17.72 7.05 5.65
C VAL A 470 18.12 5.61 5.82
N VAL A 471 19.32 5.28 5.34
CA VAL A 471 19.83 3.92 5.35
C VAL A 471 20.83 3.66 6.49
N PHE A 472 20.70 2.51 7.15
CA PHE A 472 21.63 2.18 8.24
C PHE A 472 21.64 0.70 8.49
N ASP A 473 22.69 0.25 9.16
CA ASP A 473 22.87 -1.14 9.46
C ASP A 473 22.47 -1.42 10.92
N ILE A 474 21.72 -2.50 11.10
CA ILE A 474 21.29 -2.88 12.44
C ILE A 474 22.45 -3.73 12.96
N LYS A 475 22.74 -3.62 14.25
CA LYS A 475 23.81 -4.43 14.86
C LYS A 475 23.20 -5.51 15.74
N THR B 2 38.66 -3.65 -38.97
CA THR B 2 37.96 -3.26 -37.74
C THR B 2 36.80 -4.22 -37.39
N LYS B 3 36.63 -4.52 -36.09
CA LYS B 3 35.51 -5.34 -35.66
C LYS B 3 34.29 -4.43 -35.57
N GLN B 4 33.39 -4.62 -36.52
CA GLN B 4 32.20 -3.79 -36.67
C GLN B 4 30.91 -4.31 -36.02
N TYR B 5 30.50 -3.60 -34.96
CA TYR B 5 29.27 -3.93 -34.25
C TYR B 5 28.02 -3.36 -34.94
N LYS B 6 26.89 -4.01 -34.72
CA LYS B 6 25.65 -3.59 -35.34
C LYS B 6 24.61 -3.27 -34.27
N ASN B 7 23.58 -2.51 -34.67
CA ASN B 7 22.50 -2.16 -33.77
C ASN B 7 21.43 -3.22 -33.87
N TYR B 8 20.70 -3.43 -32.77
CA TYR B 8 19.60 -4.40 -32.80
C TYR B 8 18.35 -3.56 -33.09
N VAL B 9 17.74 -3.79 -34.25
CA VAL B 9 16.61 -3.01 -34.70
C VAL B 9 15.53 -3.91 -35.28
N ASN B 10 14.33 -3.85 -34.70
CA ASN B 10 13.22 -4.64 -35.17
C ASN B 10 13.60 -6.09 -35.37
N GLY B 11 14.36 -6.64 -34.43
CA GLY B 11 14.78 -8.03 -34.48
C GLY B 11 15.83 -8.40 -35.51
N GLU B 12 16.57 -7.40 -36.00
CA GLU B 12 17.68 -7.63 -36.95
C GLU B 12 18.89 -6.81 -36.57
N TRP B 13 20.06 -7.28 -36.97
CA TRP B 13 21.30 -6.56 -36.69
C TRP B 13 21.68 -5.70 -37.89
N LYS B 14 21.69 -4.40 -37.69
CA LYS B 14 21.95 -3.47 -38.78
C LYS B 14 23.20 -2.63 -38.62
N LEU B 15 23.93 -2.51 -39.72
CA LEU B 15 25.10 -1.63 -39.78
C LEU B 15 24.54 -0.30 -40.28
N SER B 16 25.31 0.77 -40.11
CA SER B 16 24.93 2.06 -40.66
C SER B 16 25.95 2.43 -41.75
N GLU B 17 25.67 3.48 -42.50
CA GLU B 17 26.56 3.99 -43.55
C GLU B 17 27.90 4.41 -42.94
N ASN B 18 27.80 5.11 -41.80
CA ASN B 18 28.96 5.59 -41.08
C ASN B 18 29.18 4.82 -39.77
N GLU B 19 30.34 4.98 -39.18
CA GLU B 19 30.68 4.25 -37.96
C GLU B 19 31.60 5.06 -37.06
N ILE B 20 31.65 4.66 -35.79
CA ILE B 20 32.49 5.35 -34.83
C ILE B 20 33.46 4.31 -34.29
N LYS B 21 34.74 4.61 -34.39
CA LYS B 21 35.74 3.69 -33.89
C LYS B 21 35.90 3.95 -32.41
N ILE B 22 35.98 2.87 -31.62
CA ILE B 22 36.10 2.96 -30.16
C ILE B 22 37.45 2.39 -29.78
N TYR B 23 38.13 3.08 -28.87
CA TYR B 23 39.45 2.67 -28.42
C TYR B 23 39.44 2.49 -26.91
N GLU B 24 40.32 1.63 -26.41
CA GLU B 24 40.46 1.38 -24.99
C GLU B 24 41.11 2.56 -24.32
N PRO B 25 40.42 3.18 -23.35
CA PRO B 25 40.99 4.37 -22.68
C PRO B 25 42.37 4.17 -22.03
N ALA B 26 42.65 2.96 -21.55
CA ALA B 26 43.91 2.69 -20.87
C ALA B 26 45.07 2.42 -21.85
N SER B 27 44.84 1.55 -22.82
CA SER B 27 45.88 1.20 -23.78
C SER B 27 45.83 1.94 -25.12
N GLY B 28 44.73 2.63 -25.41
CA GLY B 28 44.57 3.33 -26.67
C GLY B 28 44.27 2.35 -27.80
N ALA B 29 44.35 1.07 -27.49
CA ALA B 29 44.07 0.04 -28.49
C ALA B 29 42.67 0.19 -29.07
N GLU B 30 42.51 -0.15 -30.35
CA GLU B 30 41.21 -0.07 -31.00
C GLU B 30 40.35 -1.23 -30.54
N LEU B 31 39.15 -0.91 -30.06
CA LEU B 31 38.26 -1.95 -29.56
C LEU B 31 37.28 -2.48 -30.59
N GLY B 32 36.82 -1.59 -31.48
CA GLY B 32 35.87 -1.98 -32.51
C GLY B 32 35.17 -0.71 -32.93
N SER B 33 34.15 -0.84 -33.79
CA SER B 33 33.40 0.34 -34.19
C SER B 33 31.91 0.07 -34.02
N VAL B 34 31.14 1.13 -33.80
CA VAL B 34 29.69 1.03 -33.66
C VAL B 34 29.03 1.93 -34.71
N PRO B 35 27.80 1.60 -35.12
CA PRO B 35 27.19 2.47 -36.16
C PRO B 35 26.95 3.91 -35.71
N ALA B 36 26.98 4.83 -36.67
CA ALA B 36 26.71 6.24 -36.40
C ALA B 36 25.40 6.41 -37.16
N MET B 37 24.30 6.15 -36.46
CA MET B 37 22.98 6.16 -37.08
C MET B 37 22.60 7.52 -37.67
N SER B 38 21.76 7.47 -38.70
CA SER B 38 21.23 8.68 -39.33
C SER B 38 19.85 8.93 -38.70
N THR B 39 19.28 10.11 -38.91
CA THR B 39 17.96 10.40 -38.37
C THR B 39 16.87 9.46 -38.90
N GLU B 40 17.01 9.00 -40.14
CA GLU B 40 16.01 8.11 -40.72
C GLU B 40 16.07 6.73 -40.06
N GLU B 41 17.28 6.34 -39.65
CA GLU B 41 17.51 5.06 -39.01
C GLU B 41 16.96 5.09 -37.60
N VAL B 42 17.01 6.27 -36.96
CA VAL B 42 16.41 6.52 -35.65
C VAL B 42 14.90 6.40 -35.82
N ASP B 43 14.36 7.04 -36.87
CA ASP B 43 12.93 6.99 -37.20
C ASP B 43 12.42 5.56 -37.32
N TYR B 44 13.23 4.72 -37.94
CA TYR B 44 12.86 3.32 -38.19
C TYR B 44 12.84 2.52 -36.89
N VAL B 45 13.80 2.81 -36.00
CA VAL B 45 13.86 2.16 -34.69
C VAL B 45 12.53 2.46 -33.99
N TYR B 46 12.19 3.74 -33.91
CA TYR B 46 10.98 4.21 -33.24
C TYR B 46 9.71 3.67 -33.90
N ALA B 47 9.64 3.69 -35.23
CA ALA B 47 8.43 3.19 -35.87
C ALA B 47 8.27 1.70 -35.61
N SER B 48 9.40 0.99 -35.54
CA SER B 48 9.39 -0.45 -35.25
C SER B 48 8.88 -0.71 -33.83
N ALA B 49 9.46 0.01 -32.88
CA ALA B 49 9.09 -0.11 -31.47
C ALA B 49 7.61 0.17 -31.30
N LYS B 50 7.15 1.29 -31.84
CA LYS B 50 5.76 1.67 -31.74
C LYS B 50 4.83 0.62 -32.31
N LYS B 51 5.24 -0.01 -33.40
CA LYS B 51 4.41 -1.02 -34.03
C LYS B 51 4.27 -2.32 -33.19
N ALA B 52 5.32 -2.62 -32.44
CA ALA B 52 5.41 -3.82 -31.63
C ALA B 52 4.72 -3.65 -30.27
N GLN B 53 4.67 -2.41 -29.79
CA GLN B 53 4.09 -2.14 -28.48
C GLN B 53 2.75 -2.78 -28.15
N PRO B 54 1.75 -2.66 -29.05
CA PRO B 54 0.45 -3.25 -28.69
C PRO B 54 0.47 -4.73 -28.35
N ALA B 55 1.19 -5.52 -29.15
CA ALA B 55 1.24 -6.97 -28.94
C ALA B 55 2.09 -7.35 -27.74
N TRP B 56 3.01 -6.47 -27.36
CA TRP B 56 3.90 -6.70 -26.23
C TRP B 56 3.17 -6.37 -24.94
N ARG B 57 2.27 -5.39 -25.03
CA ARG B 57 1.45 -5.01 -23.89
C ARG B 57 0.37 -6.08 -23.69
N ALA B 58 -0.05 -6.67 -24.79
CA ALA B 58 -1.12 -7.68 -24.80
C ALA B 58 -0.69 -8.99 -24.17
N LEU B 59 0.62 -9.19 -24.02
CA LEU B 59 1.11 -10.37 -23.31
C LEU B 59 0.76 -10.23 -21.82
N SER B 60 0.77 -11.36 -21.12
CA SER B 60 0.56 -11.37 -19.68
C SER B 60 1.85 -10.89 -18.97
N TYR B 61 1.72 -10.40 -17.75
CA TYR B 61 2.91 -10.00 -16.99
C TYR B 61 3.90 -11.18 -16.87
N ILE B 62 3.39 -12.37 -16.60
CA ILE B 62 4.26 -13.53 -16.44
C ILE B 62 5.10 -13.87 -17.69
N GLU B 63 4.52 -13.67 -18.88
CA GLU B 63 5.24 -13.92 -20.14
C GLU B 63 6.37 -12.91 -20.32
N ARG B 64 6.14 -11.65 -19.98
CA ARG B 64 7.17 -10.63 -20.12
C ARG B 64 8.30 -10.85 -19.13
N ALA B 65 7.92 -11.30 -17.94
CA ALA B 65 8.88 -11.60 -16.88
C ALA B 65 9.76 -12.77 -17.31
N ALA B 66 9.17 -13.77 -17.96
CA ALA B 66 9.93 -14.95 -18.42
C ALA B 66 11.00 -14.52 -19.46
N TYR B 67 10.62 -13.66 -20.39
CA TYR B 67 11.59 -13.14 -21.35
C TYR B 67 12.73 -12.45 -20.63
N LEU B 68 12.39 -11.63 -19.64
CA LEU B 68 13.38 -10.87 -18.86
C LEU B 68 14.34 -11.75 -18.09
N HIS B 69 13.80 -12.79 -17.45
CA HIS B 69 14.59 -13.77 -16.69
C HIS B 69 15.58 -14.48 -17.63
N LYS B 70 15.10 -14.83 -18.82
CA LYS B 70 15.96 -15.46 -19.82
C LYS B 70 17.16 -14.53 -20.15
N VAL B 71 16.89 -13.25 -20.43
CA VAL B 71 17.94 -12.27 -20.68
C VAL B 71 18.96 -12.29 -19.55
N ALA B 72 18.49 -12.24 -18.31
CA ALA B 72 19.36 -12.23 -17.13
C ALA B 72 20.24 -13.49 -17.07
N ASP B 73 19.64 -14.61 -17.40
CA ASP B 73 20.35 -15.89 -17.43
C ASP B 73 21.49 -15.85 -18.48
N ILE B 74 21.19 -15.37 -19.69
CA ILE B 74 22.21 -15.20 -20.73
C ILE B 74 23.36 -14.31 -20.24
N LEU B 75 23.03 -13.23 -19.52
CA LEU B 75 24.06 -12.34 -18.98
C LEU B 75 24.96 -13.03 -17.97
N MET B 76 24.37 -13.89 -17.14
CA MET B 76 25.15 -14.57 -16.10
C MET B 76 26.13 -15.52 -16.78
N ARG B 77 25.62 -16.25 -17.77
CA ARG B 77 26.41 -17.20 -18.54
C ARG B 77 27.60 -16.52 -19.22
N ASP B 78 27.39 -15.28 -19.69
CA ASP B 78 28.41 -14.56 -20.44
C ASP B 78 29.05 -13.44 -19.67
N LYS B 79 29.02 -13.48 -18.35
CA LYS B 79 29.59 -12.38 -17.56
C LYS B 79 31.07 -12.04 -17.81
N GLU B 80 31.86 -13.07 -18.07
CA GLU B 80 33.31 -12.92 -18.30
C GLU B 80 33.56 -12.34 -19.68
N LYS B 81 32.82 -12.86 -20.64
CA LYS B 81 32.91 -12.41 -22.00
C LYS B 81 32.60 -10.92 -22.01
N ILE B 82 31.44 -10.56 -21.44
CA ILE B 82 31.00 -9.17 -21.41
C ILE B 82 31.87 -8.27 -20.54
N GLY B 83 32.19 -8.73 -19.34
CA GLY B 83 33.00 -7.93 -18.43
C GLY B 83 34.40 -7.65 -18.95
N ALA B 84 34.89 -8.56 -19.79
CA ALA B 84 36.23 -8.43 -20.38
C ALA B 84 36.24 -7.24 -21.34
N ILE B 85 35.21 -7.13 -22.16
CA ILE B 85 35.12 -6.04 -23.10
C ILE B 85 34.79 -4.73 -22.41
N LEU B 86 33.83 -4.80 -21.49
CA LEU B 86 33.41 -3.64 -20.71
C LEU B 86 34.60 -3.02 -20.00
N SER B 87 35.41 -3.90 -19.41
CA SER B 87 36.59 -3.47 -18.65
C SER B 87 37.52 -2.63 -19.54
N LYS B 88 37.72 -3.10 -20.76
CA LYS B 88 38.58 -2.43 -21.75
C LYS B 88 37.93 -1.14 -22.28
N GLU B 89 36.64 -1.23 -22.57
CA GLU B 89 35.92 -0.08 -23.10
C GLU B 89 35.87 1.16 -22.20
N VAL B 90 35.80 0.96 -20.89
CA VAL B 90 35.73 2.10 -19.98
C VAL B 90 36.83 2.19 -18.95
N ALA B 91 37.89 1.39 -19.13
CA ALA B 91 39.02 1.38 -18.19
C ALA B 91 38.56 1.08 -16.77
N LYS B 92 37.67 0.11 -16.64
CA LYS B 92 37.16 -0.29 -15.33
C LYS B 92 37.83 -1.63 -15.00
N GLY B 93 38.27 -1.80 -13.74
CA GLY B 93 38.89 -3.03 -13.29
C GLY B 93 38.13 -4.24 -13.81
N TYR B 94 38.84 -5.28 -14.23
CA TYR B 94 38.18 -6.48 -14.77
C TYR B 94 37.09 -7.09 -13.88
N LYS B 95 37.43 -7.28 -12.60
CA LYS B 95 36.53 -7.88 -11.61
C LYS B 95 35.30 -7.01 -11.38
N SER B 96 35.53 -5.70 -11.36
CA SER B 96 34.48 -4.69 -11.18
C SER B 96 33.52 -4.70 -12.38
N ALA B 97 34.06 -5.01 -13.56
CA ALA B 97 33.26 -5.06 -14.77
C ALA B 97 32.41 -6.31 -14.86
N VAL B 98 32.92 -7.43 -14.33
CA VAL B 98 32.17 -8.69 -14.32
C VAL B 98 31.09 -8.52 -13.25
N SER B 99 31.45 -7.77 -12.23
CA SER B 99 30.54 -7.43 -11.16
C SER B 99 29.39 -6.53 -11.68
N GLU B 100 29.69 -5.60 -12.59
CA GLU B 100 28.64 -4.75 -13.15
C GLU B 100 27.65 -5.60 -13.94
N VAL B 101 28.15 -6.64 -14.58
CA VAL B 101 27.26 -7.50 -15.37
C VAL B 101 26.33 -8.32 -14.47
N VAL B 102 26.87 -8.83 -13.37
CA VAL B 102 26.13 -9.67 -12.43
C VAL B 102 24.98 -8.87 -11.80
N ARG B 103 25.30 -7.65 -11.39
CA ARG B 103 24.34 -6.70 -10.84
C ARG B 103 23.21 -6.36 -11.82
N THR B 104 23.53 -6.44 -13.11
CA THR B 104 22.61 -6.12 -14.19
C THR B 104 21.63 -7.28 -14.31
N ALA B 105 22.15 -8.49 -14.27
CA ALA B 105 21.31 -9.68 -14.29
C ALA B 105 20.38 -9.65 -13.04
N GLU B 106 20.95 -9.32 -11.89
CA GLU B 106 20.23 -9.21 -10.61
C GLU B 106 19.10 -8.20 -10.67
N ILE B 107 19.36 -7.03 -11.25
CA ILE B 107 18.38 -5.94 -11.35
C ILE B 107 17.28 -6.36 -12.32
N ILE B 108 17.69 -7.03 -13.38
CA ILE B 108 16.76 -7.47 -14.38
C ILE B 108 15.78 -8.50 -13.83
N ASN B 109 16.28 -9.47 -13.07
CA ASN B 109 15.44 -10.53 -12.52
C ASN B 109 14.50 -9.92 -11.49
N TYR B 110 15.03 -9.07 -10.63
CA TYR B 110 14.27 -8.37 -9.59
C TYR B 110 13.12 -7.54 -10.14
N ALA B 111 13.38 -6.83 -11.22
CA ALA B 111 12.41 -5.97 -11.86
C ALA B 111 11.31 -6.79 -12.49
N ALA B 112 11.68 -7.92 -13.07
CA ALA B 112 10.72 -8.82 -13.71
C ALA B 112 9.69 -9.28 -12.67
N GLU B 113 10.19 -9.72 -11.52
CA GLU B 113 9.35 -10.24 -10.45
C GLU B 113 8.59 -9.12 -9.69
N GLU B 114 9.19 -7.94 -9.59
CA GLU B 114 8.55 -6.79 -8.96
C GLU B 114 7.41 -6.30 -9.84
N GLY B 115 7.68 -6.17 -11.13
CA GLY B 115 6.69 -5.68 -12.06
C GLY B 115 5.56 -6.65 -12.31
N LEU B 116 5.80 -7.93 -12.09
CA LEU B 116 4.73 -8.88 -12.35
C LEU B 116 3.61 -8.86 -11.32
N ARG B 117 3.92 -8.24 -10.18
CA ARG B 117 3.06 -8.14 -9.02
C ARG B 117 2.51 -6.75 -8.89
N MET B 118 2.39 -6.06 -10.00
CA MET B 118 1.85 -4.71 -9.97
C MET B 118 0.34 -4.85 -9.73
N GLU B 119 -0.15 -4.12 -8.74
CA GLU B 119 -1.57 -4.19 -8.40
C GLU B 119 -2.25 -2.82 -8.60
N GLY B 120 -3.55 -2.85 -8.85
CA GLY B 120 -4.31 -1.62 -9.05
C GLY B 120 -5.07 -1.37 -7.76
N GLU B 121 -5.94 -0.37 -7.77
CA GLU B 121 -6.70 -0.07 -6.57
C GLU B 121 -8.16 0.21 -6.93
N VAL B 122 -9.05 0.02 -5.96
CA VAL B 122 -10.45 0.28 -6.09
C VAL B 122 -10.77 1.42 -5.13
N LEU B 123 -11.26 2.53 -5.66
CA LEU B 123 -11.64 3.67 -4.84
C LEU B 123 -13.14 3.78 -4.77
N GLU B 124 -13.63 4.24 -3.61
CA GLU B 124 -15.05 4.37 -3.33
C GLU B 124 -15.53 5.82 -3.48
N GLY B 125 -16.59 6.00 -4.27
CA GLY B 125 -17.21 7.31 -4.40
C GLY B 125 -17.74 7.76 -3.04
N GLY B 126 -18.26 6.82 -2.24
CA GLY B 126 -18.79 7.09 -0.92
C GLY B 126 -17.78 7.61 0.11
N SER B 127 -16.49 7.51 -0.18
CA SER B 127 -15.46 8.06 0.72
C SER B 127 -15.53 9.60 0.62
N PHE B 128 -15.96 10.08 -0.53
CA PHE B 128 -15.98 11.52 -0.79
C PHE B 128 -17.36 12.19 -0.75
N GLU B 129 -18.39 11.49 -1.21
CA GLU B 129 -19.72 12.05 -1.20
C GLU B 129 -20.75 10.95 -1.17
N ALA B 130 -21.74 11.15 -0.31
CA ALA B 130 -22.83 10.21 -0.09
C ALA B 130 -23.58 9.82 -1.36
N ALA B 131 -23.89 10.79 -2.20
CA ALA B 131 -24.62 10.53 -3.44
C ALA B 131 -23.87 9.63 -4.42
N SER B 132 -22.56 9.49 -4.20
CA SER B 132 -21.76 8.63 -5.07
C SER B 132 -21.32 7.33 -4.40
N LYS B 133 -22.07 6.89 -3.40
CA LYS B 133 -21.73 5.65 -2.70
C LYS B 133 -21.70 4.39 -3.58
N LYS B 134 -22.47 4.37 -4.67
CA LYS B 134 -22.50 3.22 -5.57
C LYS B 134 -21.49 3.34 -6.72
N LYS B 135 -20.81 4.47 -6.77
CA LYS B 135 -19.79 4.69 -7.79
C LYS B 135 -18.40 4.24 -7.33
N ILE B 136 -17.71 3.40 -8.10
CA ILE B 136 -16.35 2.97 -7.76
C ILE B 136 -15.40 3.22 -8.95
N ALA B 137 -14.12 3.42 -8.63
CA ALA B 137 -13.10 3.56 -9.65
C ALA B 137 -12.15 2.37 -9.63
N VAL B 138 -12.09 1.63 -10.73
CA VAL B 138 -11.17 0.48 -10.88
C VAL B 138 -9.94 1.02 -11.61
N VAL B 139 -8.86 1.17 -10.87
CA VAL B 139 -7.65 1.81 -11.36
C VAL B 139 -6.52 0.81 -11.56
N ARG B 140 -6.06 0.69 -12.81
CA ARG B 140 -5.00 -0.25 -13.18
C ARG B 140 -3.83 0.49 -13.85
N ARG B 141 -2.63 -0.02 -13.66
CA ARG B 141 -1.46 0.59 -14.24
C ARG B 141 -1.39 0.21 -15.70
N GLU B 142 -0.84 1.10 -16.52
CA GLU B 142 -0.66 0.86 -17.96
C GLU B 142 0.71 1.42 -18.33
N PRO B 143 1.32 0.85 -19.39
CA PRO B 143 2.63 1.38 -19.79
C PRO B 143 2.49 2.76 -20.41
N VAL B 144 3.57 3.54 -20.42
CA VAL B 144 3.54 4.86 -21.06
C VAL B 144 3.73 4.71 -22.59
N GLY B 145 4.33 3.60 -23.03
CA GLY B 145 4.49 3.35 -24.45
C GLY B 145 5.93 3.09 -24.83
N LEU B 146 6.57 4.07 -25.46
CA LEU B 146 7.94 3.87 -25.87
C LEU B 146 8.87 4.61 -24.93
N VAL B 147 9.80 3.87 -24.34
CA VAL B 147 10.76 4.47 -23.43
C VAL B 147 12.13 4.62 -24.11
N LEU B 148 12.72 5.80 -23.99
CA LEU B 148 14.07 5.99 -24.50
C LEU B 148 15.00 5.90 -23.29
N ALA B 149 15.88 4.89 -23.32
CA ALA B 149 16.81 4.66 -22.27
C ALA B 149 18.20 5.09 -22.70
N ILE B 150 18.83 5.96 -21.92
CA ILE B 150 20.16 6.49 -22.18
C ILE B 150 21.09 6.31 -20.97
N SER B 151 22.10 5.45 -21.12
CA SER B 151 23.06 5.13 -20.04
C SER B 151 24.37 5.90 -20.12
N PRO B 152 25.05 6.06 -18.97
CA PRO B 152 26.32 6.80 -18.96
C PRO B 152 27.53 5.85 -19.10
N PHE B 153 28.69 6.42 -19.34
CA PHE B 153 29.93 5.66 -19.55
C PHE B 153 30.39 4.82 -18.35
N ASN B 154 30.16 5.32 -17.13
CA ASN B 154 30.64 4.63 -15.94
C ASN B 154 29.88 3.34 -15.59
N TYR B 155 28.70 3.15 -16.17
CA TYR B 155 27.91 1.94 -15.96
C TYR B 155 27.09 1.73 -17.21
N PRO B 156 27.77 1.60 -18.37
CA PRO B 156 27.03 1.48 -19.63
C PRO B 156 25.99 0.38 -19.64
N VAL B 157 26.27 -0.72 -18.92
CA VAL B 157 25.40 -1.89 -18.92
C VAL B 157 24.42 -1.94 -17.74
N ASN B 158 24.91 -1.62 -16.55
CA ASN B 158 24.08 -1.64 -15.37
C ASN B 158 22.98 -0.57 -15.42
N LEU B 159 23.39 0.68 -15.68
CA LEU B 159 22.52 1.83 -15.76
C LEU B 159 21.71 1.85 -17.06
N ALA B 160 21.73 0.72 -17.76
CA ALA B 160 20.89 0.49 -18.93
C ALA B 160 19.82 -0.54 -18.50
N GLY B 161 20.25 -1.63 -17.87
CA GLY B 161 19.36 -2.68 -17.43
C GLY B 161 18.40 -2.18 -16.36
N SER B 162 18.88 -1.23 -15.55
CA SER B 162 18.07 -0.67 -14.48
C SER B 162 16.94 0.19 -15.02
N LYS B 163 17.02 0.58 -16.30
CA LYS B 163 15.98 1.36 -16.95
C LYS B 163 15.14 0.44 -17.82
N ILE B 164 15.82 -0.45 -18.53
CA ILE B 164 15.16 -1.31 -19.49
C ILE B 164 14.17 -2.33 -18.90
N ALA B 165 14.62 -3.06 -17.88
CA ALA B 165 13.82 -4.14 -17.32
C ALA B 165 12.56 -3.64 -16.66
N PRO B 166 12.68 -2.57 -15.85
CA PRO B 166 11.48 -1.99 -15.27
C PRO B 166 10.56 -1.50 -16.37
N ALA B 167 11.11 -0.95 -17.45
CA ALA B 167 10.30 -0.42 -18.54
C ALA B 167 9.51 -1.52 -19.22
N LEU B 168 10.24 -2.57 -19.63
CA LEU B 168 9.70 -3.73 -20.34
C LEU B 168 8.68 -4.58 -19.56
N ILE B 169 8.92 -4.84 -18.28
CA ILE B 169 7.95 -5.67 -17.51
C ILE B 169 6.56 -5.05 -17.51
N ALA B 170 6.50 -3.72 -17.54
CA ALA B 170 5.26 -2.96 -17.48
C ALA B 170 4.52 -2.90 -18.82
N GLY B 171 5.17 -3.40 -19.88
CA GLY B 171 4.56 -3.39 -21.20
C GLY B 171 5.02 -2.25 -22.11
N ASN B 172 6.06 -1.54 -21.70
CA ASN B 172 6.59 -0.47 -22.55
C ASN B 172 7.54 -1.13 -23.53
N VAL B 173 7.90 -0.39 -24.59
CA VAL B 173 8.93 -0.84 -25.54
C VAL B 173 10.11 0.10 -25.37
N ILE B 174 11.29 -0.40 -25.71
CA ILE B 174 12.50 0.31 -25.42
C ILE B 174 13.33 0.63 -26.66
N ALA B 175 13.96 1.80 -26.64
CA ALA B 175 14.96 2.18 -27.60
C ALA B 175 16.06 2.54 -26.61
N PHE B 176 17.16 1.80 -26.67
CA PHE B 176 18.31 1.98 -25.77
C PHE B 176 19.47 2.66 -26.50
N LYS B 177 19.91 3.78 -25.95
CA LYS B 177 21.07 4.48 -26.49
C LYS B 177 22.16 4.48 -25.43
N PRO B 178 23.20 3.64 -25.62
CA PRO B 178 24.32 3.64 -24.68
C PRO B 178 25.20 4.84 -24.95
N PRO B 179 26.15 5.10 -24.04
CA PRO B 179 27.04 6.22 -24.36
C PRO B 179 28.01 5.76 -25.47
N THR B 180 28.63 6.69 -26.18
CA THR B 180 29.53 6.30 -27.27
C THR B 180 30.68 5.47 -26.72
N GLN B 181 31.35 6.00 -25.72
CA GLN B 181 32.38 5.24 -25.05
C GLN B 181 31.61 4.29 -24.12
N GLY B 182 31.25 3.13 -24.63
CA GLY B 182 30.49 2.15 -23.88
C GLY B 182 29.43 1.52 -24.76
N SER B 183 29.40 1.96 -26.01
CA SER B 183 28.41 1.46 -26.97
C SER B 183 28.61 -0.01 -27.35
N ILE B 184 29.86 -0.47 -27.29
CA ILE B 184 30.14 -1.87 -27.60
C ILE B 184 29.55 -2.75 -26.49
N SER B 185 29.84 -2.36 -25.26
CA SER B 185 29.27 -3.04 -24.09
C SER B 185 27.76 -2.99 -24.24
N GLY B 186 27.23 -1.80 -24.54
CA GLY B 186 25.82 -1.62 -24.77
C GLY B 186 25.29 -2.63 -25.77
N LEU B 187 25.99 -2.80 -26.89
CA LEU B 187 25.56 -3.73 -27.93
C LEU B 187 25.72 -5.21 -27.53
N LEU B 188 26.65 -5.49 -26.63
CA LEU B 188 26.84 -6.84 -26.10
C LEU B 188 25.61 -7.16 -25.22
N LEU B 189 25.12 -6.16 -24.50
CA LEU B 189 23.90 -6.33 -23.69
C LEU B 189 22.74 -6.62 -24.63
N ALA B 190 22.73 -5.95 -25.78
CA ALA B 190 21.66 -6.12 -26.74
C ALA B 190 21.61 -7.53 -27.25
N GLU B 191 22.76 -8.20 -27.21
CA GLU B 191 22.88 -9.58 -27.71
C GLU B 191 22.07 -10.49 -26.79
N ALA B 192 22.17 -10.24 -25.48
CA ALA B 192 21.40 -11.01 -24.52
C ALA B 192 19.89 -10.91 -24.83
N PHE B 193 19.42 -9.71 -25.14
CA PHE B 193 18.01 -9.50 -25.46
C PHE B 193 17.62 -10.20 -26.79
N ALA B 194 18.55 -10.17 -27.76
CA ALA B 194 18.33 -10.83 -29.04
C ALA B 194 18.23 -12.33 -28.83
N GLU B 195 19.18 -12.90 -28.07
CA GLU B 195 19.17 -14.32 -27.81
C GLU B 195 17.97 -14.77 -26.96
N ALA B 196 17.45 -13.88 -26.10
CA ALA B 196 16.28 -14.24 -25.28
C ALA B 196 15.03 -14.32 -26.14
N GLY B 197 15.09 -13.70 -27.33
CA GLY B 197 14.01 -13.79 -28.29
C GLY B 197 12.78 -12.94 -28.08
N LEU B 198 12.92 -11.80 -27.42
CA LEU B 198 11.79 -10.90 -27.23
C LEU B 198 11.27 -10.56 -28.63
N PRO B 199 9.97 -10.34 -28.78
CA PRO B 199 9.53 -10.05 -30.16
C PRO B 199 10.22 -8.84 -30.82
N ALA B 200 10.24 -8.84 -32.15
CA ALA B 200 10.91 -7.80 -32.92
C ALA B 200 10.33 -6.44 -32.64
N GLY B 201 11.20 -5.47 -32.40
CA GLY B 201 10.77 -4.10 -32.14
C GLY B 201 10.49 -3.78 -30.67
N VAL B 202 10.35 -4.81 -29.83
CA VAL B 202 10.15 -4.62 -28.40
C VAL B 202 11.37 -3.99 -27.74
N PHE B 203 12.55 -4.43 -28.15
CA PHE B 203 13.79 -3.86 -27.61
C PHE B 203 14.70 -3.49 -28.80
N ASN B 204 15.19 -2.25 -28.82
CA ASN B 204 16.03 -1.81 -29.94
C ASN B 204 17.14 -0.94 -29.42
N THR B 205 18.21 -0.83 -30.21
CA THR B 205 19.35 0.02 -29.86
C THR B 205 19.56 1.15 -30.87
N ILE B 206 20.18 2.23 -30.39
CA ILE B 206 20.52 3.38 -31.22
C ILE B 206 21.97 3.75 -30.89
N THR B 207 22.80 3.97 -31.92
CA THR B 207 24.19 4.40 -31.69
C THR B 207 24.50 5.58 -32.58
N GLY B 208 25.39 6.45 -32.11
CA GLY B 208 25.74 7.67 -32.82
C GLY B 208 26.20 8.61 -31.74
N ARG B 209 26.86 9.69 -32.12
CA ARG B 209 27.34 10.61 -31.11
C ARG B 209 26.18 11.45 -30.57
N GLY B 210 26.03 11.46 -29.24
CA GLY B 210 25.01 12.24 -28.55
C GLY B 210 24.95 13.68 -29.04
N SER B 211 26.13 14.28 -29.21
CA SER B 211 26.26 15.66 -29.70
C SER B 211 25.73 15.83 -31.13
N GLU B 212 25.29 14.75 -31.77
CA GLU B 212 24.82 14.86 -33.14
C GLU B 212 23.42 14.32 -33.38
N ILE B 213 23.08 13.24 -32.68
CA ILE B 213 21.75 12.65 -32.84
C ILE B 213 20.96 12.75 -31.55
N GLY B 214 21.63 13.18 -30.48
CA GLY B 214 21.07 13.32 -29.15
C GLY B 214 19.80 14.11 -29.05
N ASP B 215 19.84 15.38 -29.47
CA ASP B 215 18.62 16.21 -29.48
C ASP B 215 17.54 15.54 -30.32
N TYR B 216 17.90 14.98 -31.47
CA TYR B 216 16.91 14.33 -32.34
C TYR B 216 16.17 13.13 -31.70
N ILE B 217 16.90 12.20 -31.10
CA ILE B 217 16.28 11.05 -30.46
C ILE B 217 15.35 11.44 -29.29
N VAL B 218 15.72 12.50 -28.58
CA VAL B 218 14.96 12.99 -27.43
C VAL B 218 13.73 13.80 -27.82
N GLU B 219 13.91 14.70 -28.79
CA GLU B 219 12.82 15.54 -29.24
C GLU B 219 11.83 14.78 -30.08
N HIS B 220 12.22 13.62 -30.57
CA HIS B 220 11.32 12.84 -31.41
C HIS B 220 9.97 12.61 -30.72
N GLN B 221 8.89 12.79 -31.48
CA GLN B 221 7.54 12.64 -30.92
C GLN B 221 7.06 11.22 -30.66
N ALA B 222 7.85 10.25 -31.11
CA ALA B 222 7.55 8.85 -30.88
C ALA B 222 7.78 8.48 -29.40
N VAL B 223 8.79 9.11 -28.81
CA VAL B 223 9.19 8.90 -27.43
C VAL B 223 8.16 9.41 -26.42
N ASN B 224 7.76 8.52 -25.51
CA ASN B 224 6.76 8.86 -24.51
C ASN B 224 7.40 9.13 -23.16
N PHE B 225 8.63 8.66 -23.00
CA PHE B 225 9.33 8.79 -21.72
C PHE B 225 10.83 8.79 -21.98
N ILE B 226 11.54 9.70 -21.31
CA ILE B 226 12.98 9.74 -21.43
C ILE B 226 13.62 9.44 -20.06
N ASN B 227 14.37 8.36 -20.02
CA ASN B 227 15.03 7.90 -18.80
C ASN B 227 16.54 8.03 -19.04
N PHE B 228 17.18 8.93 -18.31
CA PHE B 228 18.55 9.25 -18.57
C PHE B 228 19.45 9.37 -17.35
N THR B 229 20.66 8.86 -17.50
CA THR B 229 21.69 9.02 -16.48
C THR B 229 22.88 9.67 -17.18
N GLY B 230 23.37 10.77 -16.64
CA GLY B 230 24.49 11.42 -17.28
C GLY B 230 24.87 12.70 -16.59
N SER B 231 25.44 13.64 -17.35
CA SER B 231 25.82 14.93 -16.79
C SER B 231 24.62 15.84 -16.52
N THR B 232 24.80 16.74 -15.57
CA THR B 232 23.77 17.69 -15.22
C THR B 232 23.45 18.54 -16.44
N GLY B 233 24.48 18.88 -17.20
CA GLY B 233 24.41 19.69 -18.40
C GLY B 233 23.43 19.14 -19.44
N ILE B 234 23.63 17.89 -19.83
CA ILE B 234 22.75 17.24 -20.79
C ILE B 234 21.38 17.03 -20.16
N GLY B 235 21.36 16.66 -18.88
CA GLY B 235 20.11 16.45 -18.16
C GLY B 235 19.21 17.67 -18.22
N GLU B 236 19.79 18.84 -18.02
CA GLU B 236 19.01 20.07 -18.13
C GLU B 236 18.38 20.28 -19.51
N ARG B 237 19.13 19.93 -20.56
CA ARG B 237 18.63 20.08 -21.93
C ARG B 237 17.52 19.07 -22.16
N ILE B 238 17.67 17.90 -21.56
CA ILE B 238 16.65 16.88 -21.72
C ILE B 238 15.36 17.31 -21.04
N GLY B 239 15.48 17.95 -19.90
CA GLY B 239 14.31 18.48 -19.23
C GLY B 239 13.52 19.38 -20.17
N LYS B 240 14.20 20.35 -20.78
CA LYS B 240 13.55 21.26 -21.71
C LYS B 240 12.98 20.59 -22.99
N MET B 241 13.75 19.68 -23.58
CA MET B 241 13.33 18.94 -24.77
C MET B 241 12.22 17.90 -24.51
N ALA B 242 12.04 17.51 -23.25
CA ALA B 242 10.97 16.59 -22.86
C ALA B 242 9.63 17.29 -23.00
N GLY B 243 9.63 18.61 -22.80
CA GLY B 243 8.40 19.38 -22.87
C GLY B 243 7.56 18.92 -21.72
N MET B 244 6.35 18.44 -21.97
CA MET B 244 5.51 17.97 -20.89
C MET B 244 5.54 16.44 -20.68
N ARG B 245 6.39 15.75 -21.44
CA ARG B 245 6.55 14.30 -21.35
C ARG B 245 7.30 13.92 -20.06
N PRO B 246 6.94 12.76 -19.49
CA PRO B 246 7.60 12.34 -18.26
C PRO B 246 9.08 11.95 -18.49
N ILE B 247 9.88 12.17 -17.47
CA ILE B 247 11.33 11.93 -17.56
C ILE B 247 11.87 11.36 -16.25
N MET B 248 13.02 10.70 -16.37
CA MET B 248 13.79 10.25 -15.22
C MET B 248 15.21 10.74 -15.46
N LEU B 249 15.73 11.54 -14.52
CA LEU B 249 17.07 12.09 -14.67
C LEU B 249 17.88 11.74 -13.44
N ALA B 250 19.04 11.14 -13.67
CA ALA B 250 19.99 10.79 -12.61
C ALA B 250 21.29 11.49 -13.03
N LEU B 251 21.57 12.62 -12.40
CA LEU B 251 22.69 13.42 -12.82
C LEU B 251 23.86 13.43 -11.85
N GLY B 252 24.58 14.52 -11.79
CA GLY B 252 25.75 14.54 -10.91
C GLY B 252 25.51 14.72 -9.43
N GLY B 253 26.60 14.56 -8.67
CA GLY B 253 26.56 14.76 -7.25
C GLY B 253 27.88 15.26 -6.68
N LYS B 254 27.80 15.90 -5.52
CA LYS B 254 28.98 16.32 -4.76
C LYS B 254 28.66 15.85 -3.33
N ASP B 255 28.46 14.54 -3.18
CA ASP B 255 28.02 13.99 -1.89
C ASP B 255 28.93 14.34 -0.77
N SER B 256 28.36 14.89 0.29
CA SER B 256 29.15 15.21 1.46
C SER B 256 29.14 14.05 2.51
N ALA B 257 30.24 13.96 3.25
CA ALA B 257 30.42 12.95 4.30
C ALA B 257 30.63 13.80 5.52
N ILE B 258 29.57 13.92 6.33
CA ILE B 258 29.64 14.73 7.54
C ILE B 258 30.14 13.92 8.73
N VAL B 259 31.23 14.41 9.33
CA VAL B 259 31.91 13.73 10.42
C VAL B 259 31.80 14.47 11.76
N LEU B 260 31.04 13.91 12.70
CA LEU B 260 30.87 14.53 14.01
C LEU B 260 32.01 14.09 14.97
N GLU B 261 32.14 14.83 16.07
CA GLU B 261 33.20 14.55 17.08
C GLU B 261 33.18 13.14 17.71
N ASP B 262 32.00 12.51 17.73
CA ASP B 262 31.80 11.18 18.32
C ASP B 262 31.89 10.07 17.27
N ALA B 263 32.37 10.42 16.10
CA ALA B 263 32.44 9.46 15.02
C ALA B 263 33.47 8.38 15.35
N ASP B 264 33.29 7.21 14.77
CA ASP B 264 34.27 6.14 14.89
C ASP B 264 35.20 6.43 13.71
N LEU B 265 36.34 7.09 13.99
CA LEU B 265 37.29 7.53 12.97
C LEU B 265 37.84 6.49 12.02
N GLU B 266 38.10 5.30 12.51
CA GLU B 266 38.64 4.27 11.64
C GLU B 266 37.59 3.75 10.66
N LEU B 267 36.35 3.63 11.12
CA LEU B 267 35.26 3.17 10.26
C LEU B 267 34.99 4.27 9.23
N THR B 268 34.94 5.50 9.71
CA THR B 268 34.73 6.68 8.85
C THR B 268 35.74 6.72 7.69
N ALA B 269 37.03 6.75 8.03
CA ALA B 269 38.10 6.74 7.04
C ALA B 269 37.96 5.62 6.04
N LYS B 270 37.72 4.41 6.53
CA LYS B 270 37.60 3.26 5.64
C LYS B 270 36.48 3.46 4.60
N ASN B 271 35.36 4.04 5.03
CA ASN B 271 34.19 4.21 4.17
C ASN B 271 34.47 5.36 3.21
N ILE B 272 35.08 6.42 3.73
CA ILE B 272 35.43 7.58 2.95
C ILE B 272 36.36 7.18 1.81
N ILE B 273 37.40 6.42 2.13
CA ILE B 273 38.36 5.94 1.13
C ILE B 273 37.70 5.13 0.04
N ALA B 274 36.88 4.16 0.45
CA ALA B 274 36.20 3.31 -0.52
C ALA B 274 35.22 4.11 -1.40
N GLY B 275 34.50 5.06 -0.81
CA GLY B 275 33.50 5.83 -1.53
C GLY B 275 34.08 6.92 -2.41
N ALA B 276 35.13 7.57 -1.93
CA ALA B 276 35.73 8.64 -2.70
C ALA B 276 36.56 8.15 -3.90
N PHE B 277 37.24 7.01 -3.74
CA PHE B 277 38.18 6.52 -4.74
C PHE B 277 37.78 5.38 -5.64
N GLY B 278 36.65 4.74 -5.35
CA GLY B 278 36.14 3.68 -6.19
C GLY B 278 36.01 4.18 -7.62
N TYR B 279 36.49 3.39 -8.56
CA TYR B 279 36.43 3.77 -9.98
C TYR B 279 37.08 5.14 -10.25
N SER B 280 38.11 5.45 -9.46
CA SER B 280 38.90 6.70 -9.56
C SER B 280 38.05 7.92 -9.36
N GLY B 281 36.95 7.77 -8.61
CA GLY B 281 36.03 8.85 -8.27
C GLY B 281 35.03 9.16 -9.37
N GLN B 282 34.95 8.28 -10.37
CA GLN B 282 34.03 8.43 -11.50
C GLN B 282 32.66 7.78 -11.22
N ARG B 283 32.06 8.16 -10.09
CA ARG B 283 30.74 7.68 -9.67
C ARG B 283 29.95 8.90 -9.20
N CYS B 284 28.66 8.92 -9.54
N CYS B 284 28.67 8.94 -9.55
CA CYS B 284 27.78 10.01 -9.15
CA CYS B 284 27.82 10.05 -9.16
C CYS B 284 27.60 10.04 -7.64
C CYS B 284 27.59 10.05 -7.64
N THR B 285 27.54 8.85 -7.04
CA THR B 285 27.35 8.71 -5.57
C THR B 285 28.62 8.69 -4.73
N ALA B 286 29.77 8.91 -5.34
CA ALA B 286 31.01 8.90 -4.58
C ALA B 286 31.02 9.95 -3.47
N VAL B 287 31.77 9.67 -2.39
CA VAL B 287 31.98 10.65 -1.31
C VAL B 287 32.88 11.69 -2.00
N LYS B 288 32.42 12.94 -2.08
CA LYS B 288 33.15 13.96 -2.86
C LYS B 288 33.68 15.15 -2.11
N ARG B 289 33.25 15.27 -0.86
CA ARG B 289 33.74 16.29 0.04
C ARG B 289 33.49 15.74 1.45
N VAL B 290 34.41 16.03 2.34
CA VAL B 290 34.33 15.60 3.73
C VAL B 290 34.17 16.85 4.55
N LEU B 291 33.09 16.93 5.31
CA LEU B 291 32.81 18.09 6.16
C LEU B 291 33.02 17.53 7.58
N VAL B 292 34.20 17.79 8.13
CA VAL B 292 34.62 17.18 9.38
C VAL B 292 34.82 18.19 10.48
N MET B 293 34.30 17.86 11.66
CA MET B 293 34.44 18.73 12.83
C MET B 293 35.94 18.93 13.13
N GLU B 294 36.33 20.17 13.42
CA GLU B 294 37.74 20.51 13.63
C GLU B 294 38.51 19.60 14.59
N SER B 295 37.91 19.35 15.76
CA SER B 295 38.54 18.54 16.81
C SER B 295 39.03 17.14 16.42
N VAL B 296 38.38 16.49 15.45
CA VAL B 296 38.78 15.15 15.02
C VAL B 296 39.44 15.15 13.65
N ALA B 297 39.46 16.31 13.00
CA ALA B 297 40.01 16.45 11.64
C ALA B 297 41.42 15.92 11.40
N ASP B 298 42.36 16.31 12.26
CA ASP B 298 43.76 15.90 12.09
C ASP B 298 43.88 14.38 12.13
N GLU B 299 43.22 13.77 13.10
CA GLU B 299 43.25 12.34 13.22
C GLU B 299 42.61 11.64 12.01
N LEU B 300 41.43 12.12 11.59
CA LEU B 300 40.75 11.50 10.46
C LEU B 300 41.57 11.71 9.17
N VAL B 301 42.08 12.93 9.00
CA VAL B 301 42.91 13.23 7.84
C VAL B 301 44.09 12.25 7.71
N GLU B 302 44.80 12.05 8.83
CA GLU B 302 45.93 11.13 8.88
C GLU B 302 45.57 9.70 8.48
N LYS B 303 44.44 9.18 8.99
CA LYS B 303 43.95 7.84 8.63
C LYS B 303 43.69 7.76 7.12
N ILE B 304 42.96 8.74 6.57
CA ILE B 304 42.68 8.73 5.13
C ILE B 304 43.99 8.72 4.35
N ARG B 305 44.90 9.64 4.72
CA ARG B 305 46.18 9.76 4.05
C ARG B 305 46.84 8.41 3.91
N GLU B 306 46.99 7.75 5.05
CA GLU B 306 47.58 6.43 5.10
C GLU B 306 46.86 5.42 4.21
N LYS B 307 45.52 5.39 4.25
CA LYS B 307 44.79 4.44 3.43
C LYS B 307 44.87 4.76 1.93
N VAL B 308 45.11 6.03 1.61
CA VAL B 308 45.23 6.43 0.20
C VAL B 308 46.47 5.79 -0.41
N LEU B 309 47.54 5.74 0.38
CA LEU B 309 48.81 5.14 -0.05
C LEU B 309 48.71 3.63 -0.31
N ALA B 310 47.70 2.99 0.25
CA ALA B 310 47.50 1.54 0.06
C ALA B 310 46.71 1.21 -1.20
N LEU B 311 46.21 2.25 -1.87
CA LEU B 311 45.44 2.07 -3.10
C LEU B 311 46.36 1.69 -4.27
N THR B 312 45.94 0.69 -5.05
CA THR B 312 46.73 0.28 -6.19
C THR B 312 46.47 1.25 -7.35
N ILE B 313 47.47 1.42 -8.21
CA ILE B 313 47.36 2.33 -9.35
C ILE B 313 47.80 1.62 -10.60
N GLY B 314 47.02 1.68 -11.67
CA GLY B 314 47.41 0.97 -12.89
C GLY B 314 46.30 0.56 -13.84
N ASN B 315 46.51 -0.53 -14.56
CA ASN B 315 45.59 -1.03 -15.56
C ASN B 315 44.37 -1.79 -15.06
N PRO B 316 43.30 -1.79 -15.89
CA PRO B 316 42.02 -2.48 -15.72
C PRO B 316 42.20 -3.99 -15.53
N GLU B 317 42.99 -4.60 -16.41
CA GLU B 317 43.25 -6.04 -16.36
C GLU B 317 43.90 -6.46 -15.06
N ASP B 318 44.55 -5.51 -14.38
CA ASP B 318 45.23 -5.78 -13.11
C ASP B 318 44.36 -5.42 -11.92
N ASP B 319 43.10 -5.08 -12.16
CA ASP B 319 42.16 -4.72 -11.09
C ASP B 319 42.69 -3.62 -10.16
N ALA B 320 43.42 -2.67 -10.71
CA ALA B 320 43.92 -1.56 -9.90
C ALA B 320 42.74 -0.73 -9.36
N ASP B 321 42.89 -0.16 -8.18
CA ASP B 321 41.84 0.66 -7.59
C ASP B 321 41.66 1.93 -8.43
N ILE B 322 42.80 2.57 -8.71
CA ILE B 322 42.85 3.76 -9.52
C ILE B 322 43.31 3.39 -10.90
N THR B 323 42.41 3.57 -11.87
CA THR B 323 42.65 3.31 -13.28
C THR B 323 42.70 4.66 -14.01
N PRO B 324 43.17 4.65 -15.27
CA PRO B 324 43.18 5.91 -16.02
C PRO B 324 41.76 6.44 -16.21
N LEU B 325 41.60 7.77 -16.19
CA LEU B 325 40.30 8.40 -16.45
C LEU B 325 39.79 8.11 -17.85
N ILE B 326 38.47 8.19 -18.02
CA ILE B 326 37.79 7.86 -19.29
C ILE B 326 38.36 8.55 -20.54
N ASP B 327 38.86 9.77 -20.40
CA ASP B 327 39.46 10.46 -21.53
C ASP B 327 40.27 11.67 -21.16
N THR B 328 40.98 12.19 -22.16
CA THR B 328 41.88 13.33 -21.97
C THR B 328 41.20 14.55 -21.40
N LYS B 329 40.08 14.88 -22.03
CA LYS B 329 39.28 16.01 -21.62
C LYS B 329 39.00 15.95 -20.11
N SER B 330 38.50 14.79 -19.67
CA SER B 330 38.18 14.55 -18.27
C SER B 330 39.37 14.73 -17.36
N ALA B 331 40.50 14.14 -17.74
CA ALA B 331 41.73 14.26 -16.92
C ALA B 331 42.21 15.72 -16.93
N ASP B 332 42.08 16.38 -18.08
CA ASP B 332 42.43 17.78 -18.20
C ASP B 332 41.59 18.62 -17.27
N TYR B 333 40.31 18.26 -17.14
CA TYR B 333 39.39 19.01 -16.26
C TYR B 333 39.73 18.79 -14.79
N VAL B 334 40.06 17.56 -14.43
CA VAL B 334 40.45 17.26 -13.05
C VAL B 334 41.72 18.02 -12.64
N GLU B 335 42.73 17.99 -13.51
CA GLU B 335 43.99 18.69 -13.28
C GLU B 335 43.75 20.18 -13.06
N GLY B 336 42.77 20.74 -13.76
CA GLY B 336 42.40 22.13 -13.57
C GLY B 336 41.91 22.43 -12.16
N LEU B 337 41.12 21.51 -11.60
CA LEU B 337 40.58 21.65 -10.23
C LEU B 337 41.71 21.50 -9.21
N ILE B 338 42.60 20.55 -9.48
CA ILE B 338 43.76 20.27 -8.63
C ILE B 338 44.60 21.55 -8.53
N ASN B 339 44.95 22.13 -9.69
CA ASN B 339 45.75 23.35 -9.73
C ASN B 339 45.07 24.52 -9.03
N ASP B 340 43.77 24.67 -9.24
CA ASP B 340 43.03 25.75 -8.60
C ASP B 340 43.04 25.62 -7.07
N ALA B 341 42.98 24.39 -6.56
CA ALA B 341 42.98 24.18 -5.10
C ALA B 341 44.39 24.45 -4.54
N ASN B 342 45.39 23.92 -5.21
CA ASN B 342 46.78 24.07 -4.80
C ASN B 342 47.15 25.56 -4.81
N ASP B 343 46.93 26.20 -5.96
CA ASP B 343 47.28 27.62 -6.11
C ASP B 343 46.51 28.49 -5.12
N LYS B 344 45.40 27.97 -4.60
CA LYS B 344 44.62 28.73 -3.62
C LYS B 344 45.00 28.46 -2.15
N GLY B 345 45.90 27.50 -1.93
CA GLY B 345 46.38 27.23 -0.58
C GLY B 345 46.05 25.89 0.05
N ALA B 346 45.32 25.05 -0.67
CA ALA B 346 44.95 23.76 -0.12
C ALA B 346 46.21 22.92 0.06
N THR B 347 46.18 22.10 1.10
CA THR B 347 47.31 21.27 1.43
C THR B 347 47.14 19.87 0.83
N ALA B 348 47.90 19.58 -0.21
CA ALA B 348 47.83 18.26 -0.79
C ALA B 348 48.67 17.28 0.06
N LEU B 349 48.01 16.33 0.72
CA LEU B 349 48.70 15.34 1.56
C LEU B 349 49.21 14.19 0.71
N THR B 350 48.88 14.23 -0.56
CA THR B 350 49.31 13.17 -1.46
C THR B 350 49.98 13.80 -2.67
N GLU B 351 50.80 13.02 -3.34
CA GLU B 351 51.54 13.57 -4.46
C GLU B 351 50.66 13.76 -5.69
N ILE B 352 50.74 14.97 -6.25
CA ILE B 352 49.99 15.31 -7.46
C ILE B 352 50.78 14.81 -8.65
N LYS B 353 50.26 13.81 -9.34
CA LYS B 353 50.97 13.22 -10.46
C LYS B 353 49.99 12.67 -11.52
N ARG B 354 50.29 12.93 -12.79
CA ARG B 354 49.47 12.48 -13.89
C ARG B 354 50.35 11.95 -14.99
N GLU B 355 50.04 10.75 -15.47
CA GLU B 355 50.80 10.14 -16.54
C GLU B 355 49.75 9.70 -17.51
N GLY B 356 49.73 10.32 -18.69
CA GLY B 356 48.70 10.06 -19.68
C GLY B 356 47.40 10.55 -19.06
N ASN B 357 46.43 9.65 -18.95
CA ASN B 357 45.17 10.01 -18.34
C ASN B 357 44.99 9.39 -16.95
N LEU B 358 46.08 8.79 -16.46
CA LEU B 358 46.11 8.18 -15.14
C LEU B 358 46.50 9.23 -14.13
N ILE B 359 45.55 9.64 -13.30
CA ILE B 359 45.86 10.60 -12.25
C ILE B 359 45.94 9.83 -10.93
N CYS B 360 46.95 10.14 -10.13
CA CYS B 360 47.18 9.45 -8.88
C CYS B 360 46.23 10.00 -7.84
N PRO B 361 45.75 9.13 -6.94
CA PRO B 361 44.79 9.61 -5.94
C PRO B 361 45.36 10.72 -5.09
N ILE B 362 44.59 11.79 -4.94
CA ILE B 362 45.03 12.89 -4.12
C ILE B 362 44.06 13.33 -3.04
N LEU B 363 44.62 13.62 -1.87
CA LEU B 363 43.88 14.08 -0.72
C LEU B 363 44.28 15.51 -0.46
N PHE B 364 43.29 16.41 -0.46
CA PHE B 364 43.55 17.81 -0.23
C PHE B 364 42.95 18.16 1.11
N ASP B 365 43.74 18.78 1.98
CA ASP B 365 43.26 19.21 3.28
C ASP B 365 43.13 20.71 3.25
N LYS B 366 42.46 21.26 4.24
CA LYS B 366 42.30 22.70 4.33
C LYS B 366 41.75 23.33 3.03
N VAL B 367 40.71 22.70 2.50
CA VAL B 367 39.99 23.16 1.31
C VAL B 367 38.96 24.17 1.82
N THR B 368 38.87 25.31 1.15
CA THR B 368 37.94 26.35 1.58
C THR B 368 36.82 26.46 0.57
N THR B 369 35.78 27.24 0.92
CA THR B 369 34.63 27.45 0.05
C THR B 369 34.97 28.30 -1.18
N ASP B 370 36.17 28.87 -1.20
CA ASP B 370 36.61 29.73 -2.30
C ASP B 370 37.29 28.92 -3.40
N MET B 371 37.46 27.63 -3.14
CA MET B 371 38.08 26.75 -4.12
C MET B 371 37.05 26.01 -4.96
N ARG B 372 37.31 25.91 -6.26
CA ARG B 372 36.43 25.20 -7.20
C ARG B 372 36.12 23.80 -6.69
N LEU B 373 37.17 23.12 -6.22
CA LEU B 373 37.12 21.74 -5.71
C LEU B 373 36.15 21.52 -4.55
N ALA B 374 35.80 22.60 -3.87
CA ALA B 374 34.82 22.53 -2.79
C ALA B 374 33.42 22.27 -3.37
N TRP B 375 33.21 22.66 -4.64
CA TRP B 375 31.91 22.60 -5.30
C TRP B 375 31.71 21.74 -6.52
N GLU B 376 32.65 21.82 -7.45
CA GLU B 376 32.50 21.10 -8.71
C GLU B 376 32.74 19.62 -8.59
N GLU B 377 31.94 18.84 -9.32
CA GLU B 377 32.07 17.40 -9.35
C GLU B 377 33.25 17.03 -10.24
N PRO B 378 34.30 16.42 -9.68
CA PRO B 378 35.45 16.21 -10.56
C PRO B 378 35.35 15.03 -11.49
N PHE B 379 34.79 13.95 -10.99
CA PHE B 379 34.84 12.69 -11.73
C PHE B 379 36.33 12.30 -11.92
N GLY B 380 37.06 12.38 -10.81
CA GLY B 380 38.45 11.98 -10.77
C GLY B 380 38.85 11.70 -9.33
N PRO B 381 40.00 11.02 -9.14
CA PRO B 381 40.53 10.60 -7.82
C PRO B 381 41.11 11.72 -6.94
N VAL B 382 40.28 12.70 -6.63
CA VAL B 382 40.70 13.85 -5.83
C VAL B 382 39.71 14.14 -4.73
N LEU B 383 40.18 14.12 -3.49
CA LEU B 383 39.30 14.37 -2.35
C LEU B 383 39.57 15.59 -1.53
N PRO B 384 38.58 16.49 -1.41
CA PRO B 384 38.76 17.66 -0.56
C PRO B 384 38.27 17.44 0.87
N ILE B 385 38.99 18.04 1.83
CA ILE B 385 38.62 17.95 3.24
C ILE B 385 38.34 19.35 3.67
N ILE B 386 37.15 19.57 4.21
CA ILE B 386 36.70 20.90 4.62
C ILE B 386 36.37 20.79 6.10
N ARG B 387 37.05 21.58 6.91
CA ARG B 387 36.87 21.55 8.36
C ARG B 387 35.82 22.54 8.79
N VAL B 388 34.88 22.07 9.61
CA VAL B 388 33.79 22.91 10.10
C VAL B 388 33.89 22.94 11.62
N THR B 389 33.22 23.91 12.25
CA THR B 389 33.23 24.03 13.69
C THR B 389 31.88 23.74 14.36
N SER B 390 30.90 23.33 13.55
CA SER B 390 29.56 22.99 14.04
C SER B 390 28.78 22.21 12.99
N VAL B 391 27.82 21.41 13.46
CA VAL B 391 26.98 20.59 12.61
C VAL B 391 26.17 21.53 11.71
N GLU B 392 25.75 22.63 12.29
CA GLU B 392 24.99 23.65 11.58
C GLU B 392 25.78 24.13 10.37
N GLU B 393 27.08 24.35 10.55
CA GLU B 393 27.94 24.84 9.50
C GLU B 393 28.03 23.78 8.44
N ALA B 394 28.24 22.54 8.90
CA ALA B 394 28.30 21.42 7.98
C ALA B 394 27.03 21.32 7.12
N ILE B 395 25.87 21.47 7.75
CA ILE B 395 24.59 21.40 7.04
C ILE B 395 24.47 22.51 5.99
N GLU B 396 24.78 23.74 6.40
CA GLU B 396 24.77 24.91 5.50
C GLU B 396 25.65 24.68 4.26
N ILE B 397 26.88 24.23 4.47
CA ILE B 397 27.81 24.02 3.38
C ILE B 397 27.34 22.91 2.48
N SER B 398 26.87 21.84 3.11
CA SER B 398 26.36 20.69 2.40
C SER B 398 25.25 21.11 1.46
N ASN B 399 24.32 21.90 2.00
CA ASN B 399 23.13 22.36 1.28
C ASN B 399 23.38 23.54 0.34
N LYS B 400 24.52 24.21 0.47
CA LYS B 400 24.85 25.33 -0.41
C LYS B 400 25.17 24.84 -1.84
N SER B 401 25.50 23.56 -1.94
CA SER B 401 25.75 22.90 -3.22
C SER B 401 24.49 22.89 -4.12
N GLU B 402 24.68 22.87 -5.44
CA GLU B 402 23.53 22.79 -6.34
C GLU B 402 23.19 21.32 -6.51
N TYR B 403 24.07 20.45 -6.02
CA TYR B 403 23.86 19.01 -6.13
C TYR B 403 23.20 18.50 -4.85
N GLY B 404 22.54 17.34 -4.92
CA GLY B 404 21.87 16.80 -3.77
C GLY B 404 21.45 15.37 -3.98
N LEU B 405 22.43 14.54 -4.26
CA LEU B 405 22.20 13.15 -4.53
C LEU B 405 22.10 12.35 -3.23
N GLN B 406 23.21 12.34 -2.49
CA GLN B 406 23.28 11.61 -1.22
C GLN B 406 24.21 12.32 -0.28
N ALA B 407 24.19 11.85 0.97
CA ALA B 407 25.11 12.34 2.01
C ALA B 407 25.38 11.17 2.94
N SER B 408 26.54 11.23 3.57
CA SER B 408 26.97 10.28 4.61
C SER B 408 27.05 11.08 5.90
N ILE B 409 26.65 10.45 7.02
CA ILE B 409 26.77 11.05 8.33
C ILE B 409 27.44 10.01 9.22
N PHE B 410 28.52 10.43 9.88
CA PHE B 410 29.31 9.52 10.71
C PHE B 410 29.27 10.04 12.14
N THR B 411 28.56 9.29 12.98
CA THR B 411 28.33 9.67 14.37
C THR B 411 27.83 8.42 15.11
N ASN B 412 27.77 8.51 16.42
CA ASN B 412 27.27 7.42 17.27
C ASN B 412 25.95 7.87 17.89
N ASP B 413 25.58 9.12 17.65
CA ASP B 413 24.30 9.66 18.09
C ASP B 413 23.28 9.54 16.92
N PHE B 414 22.62 8.39 16.85
CA PHE B 414 21.64 8.12 15.79
C PHE B 414 20.43 9.05 15.70
N PRO B 415 19.79 9.35 16.82
CA PRO B 415 18.59 10.20 16.75
C PRO B 415 18.94 11.57 16.18
N ARG B 416 20.14 12.01 16.47
CA ARG B 416 20.63 13.30 15.99
C ARG B 416 20.97 13.18 14.50
N ALA B 417 21.55 12.04 14.13
CA ALA B 417 21.85 11.72 12.74
C ALA B 417 20.57 11.82 11.91
N PHE B 418 19.47 11.30 12.46
CA PHE B 418 18.16 11.33 11.80
C PHE B 418 17.66 12.76 11.67
N GLY B 419 17.84 13.54 12.71
CA GLY B 419 17.48 14.96 12.72
C GLY B 419 18.25 15.75 11.68
N ILE B 420 19.52 15.39 11.49
CA ILE B 420 20.39 16.04 10.50
C ILE B 420 19.98 15.63 9.11
N ALA B 421 19.69 14.34 8.94
CA ALA B 421 19.29 13.80 7.65
C ALA B 421 18.03 14.47 7.09
N GLU B 422 17.12 14.85 7.98
CA GLU B 422 15.90 15.58 7.60
C GLU B 422 16.25 16.93 6.98
N GLN B 423 17.34 17.55 7.43
CA GLN B 423 17.75 18.89 6.96
C GLN B 423 18.61 18.92 5.72
N LEU B 424 19.22 17.79 5.39
CA LEU B 424 20.08 17.69 4.21
C LEU B 424 19.24 17.57 2.95
N GLU B 425 19.48 18.48 1.99
CA GLU B 425 18.77 18.49 0.72
C GLU B 425 19.31 17.45 -0.24
N VAL B 426 19.07 16.18 0.09
CA VAL B 426 19.56 15.06 -0.70
C VAL B 426 18.45 14.04 -0.77
N GLY B 427 18.64 13.02 -1.61
CA GLY B 427 17.67 11.97 -1.71
C GLY B 427 17.85 10.89 -0.65
N THR B 428 19.09 10.48 -0.43
CA THR B 428 19.38 9.39 0.51
C THR B 428 20.50 9.81 1.47
N VAL B 429 20.30 9.54 2.76
CA VAL B 429 21.33 9.77 3.79
C VAL B 429 21.76 8.41 4.34
N HIS B 430 23.06 8.13 4.27
CA HIS B 430 23.63 6.89 4.79
C HIS B 430 24.30 7.19 6.13
N ILE B 431 23.86 6.47 7.18
CA ILE B 431 24.43 6.67 8.50
C ILE B 431 25.57 5.66 8.69
N ASN B 432 26.75 6.16 9.01
CA ASN B 432 27.91 5.31 9.24
C ASN B 432 28.22 4.33 8.15
N ASN B 433 28.07 4.79 6.91
CA ASN B 433 28.41 4.05 5.71
C ASN B 433 28.64 5.09 4.62
N LYS B 434 29.38 4.71 3.57
CA LYS B 434 29.60 5.62 2.45
C LYS B 434 28.30 5.68 1.63
N THR B 435 28.17 6.74 0.84
CA THR B 435 27.00 6.90 -0.03
C THR B 435 27.04 5.83 -1.13
N GLN B 436 25.87 5.44 -1.63
CA GLN B 436 25.85 4.38 -2.61
C GLN B 436 24.42 4.18 -3.17
N ARG B 437 24.31 3.95 -4.47
CA ARG B 437 23.00 3.76 -5.12
C ARG B 437 22.33 2.61 -4.39
N GLY B 438 23.22 1.73 -3.97
CA GLY B 438 23.04 0.48 -3.26
C GLY B 438 21.83 0.14 -2.44
N THR B 439 21.64 -1.14 -2.66
CA THR B 439 20.56 -2.04 -2.66
C THR B 439 19.49 -1.53 -3.60
N ASP B 440 19.52 -2.12 -4.81
CA ASP B 440 18.72 -1.65 -5.92
C ASP B 440 17.22 -1.54 -5.76
N ASN B 441 16.70 -2.16 -4.69
CA ASN B 441 15.27 -2.11 -4.37
C ASN B 441 14.97 -0.81 -3.62
N PHE B 442 16.01 -0.20 -3.05
CA PHE B 442 15.91 1.04 -2.27
C PHE B 442 15.72 2.25 -3.20
N PRO B 443 15.02 3.28 -2.74
CA PRO B 443 14.90 4.42 -3.66
C PRO B 443 16.25 5.08 -3.97
N PHE B 444 16.38 5.59 -5.19
CA PHE B 444 17.59 6.30 -5.64
C PHE B 444 17.13 7.58 -6.35
N LEU B 445 17.44 8.71 -5.74
CA LEU B 445 16.98 9.98 -6.30
C LEU B 445 17.91 11.10 -5.85
N GLY B 446 17.87 12.21 -6.58
CA GLY B 446 18.66 13.38 -6.25
C GLY B 446 17.79 14.60 -6.11
N ALA B 447 18.16 15.49 -5.21
CA ALA B 447 17.45 16.75 -5.03
C ALA B 447 18.13 17.78 -5.94
N LYS B 448 17.51 18.95 -6.07
CA LYS B 448 18.10 20.01 -6.87
C LYS B 448 18.66 19.57 -8.24
N LYS B 449 19.90 19.91 -8.55
CA LYS B 449 20.48 19.55 -9.86
C LYS B 449 20.97 18.14 -9.99
N SER B 450 20.66 17.28 -9.03
CA SER B 450 21.12 15.90 -9.13
C SER B 450 20.12 14.95 -9.78
N GLY B 451 18.91 15.43 -10.03
CA GLY B 451 17.93 14.55 -10.66
C GLY B 451 16.49 14.98 -10.71
N ALA B 452 15.70 14.14 -11.35
CA ALA B 452 14.25 14.30 -11.48
C ALA B 452 13.68 12.89 -11.48
N GLY B 453 12.70 12.62 -10.65
CA GLY B 453 12.10 11.30 -10.60
C GLY B 453 12.80 10.44 -9.56
N ILE B 454 12.20 9.29 -9.24
CA ILE B 454 12.77 8.38 -8.26
C ILE B 454 13.00 7.03 -8.91
N GLN B 455 14.24 6.55 -8.78
CA GLN B 455 14.64 5.24 -9.29
C GLN B 455 14.76 4.24 -8.11
N GLY B 456 15.33 3.08 -8.38
CA GLY B 456 15.33 1.93 -7.50
C GLY B 456 14.24 1.14 -8.18
N VAL B 457 14.28 -0.18 -8.17
CA VAL B 457 13.35 -0.96 -8.99
C VAL B 457 11.88 -0.57 -9.04
N LYS B 458 11.19 -0.67 -7.92
CA LYS B 458 9.76 -0.44 -7.94
C LYS B 458 9.42 0.98 -8.28
N TYR B 459 10.31 1.90 -7.97
CA TYR B 459 10.08 3.30 -8.28
C TYR B 459 10.22 3.55 -9.79
N SER B 460 11.14 2.83 -10.43
CA SER B 460 11.32 2.97 -11.86
C SER B 460 10.06 2.45 -12.54
N ILE B 461 9.56 1.30 -12.07
CA ILE B 461 8.39 0.68 -12.66
C ILE B 461 7.21 1.64 -12.57
N GLU B 462 7.05 2.22 -11.39
CA GLU B 462 5.99 3.18 -11.14
C GLU B 462 6.12 4.41 -12.08
N ALA B 463 7.34 4.96 -12.17
CA ALA B 463 7.61 6.11 -13.04
C ALA B 463 7.19 5.83 -14.50
N MET B 464 7.59 4.67 -15.03
CA MET B 464 7.28 4.36 -16.43
C MET B 464 5.92 3.71 -16.75
N THR B 465 4.96 3.89 -15.85
CA THR B 465 3.60 3.44 -16.07
C THR B 465 2.74 4.63 -15.71
N THR B 466 1.51 4.61 -16.21
CA THR B 466 0.55 5.63 -15.91
C THR B 466 -0.62 4.82 -15.33
N VAL B 467 -1.78 5.45 -15.21
CA VAL B 467 -2.90 4.73 -14.65
C VAL B 467 -4.05 4.87 -15.63
N LYS B 468 -4.95 3.90 -15.65
CA LYS B 468 -6.18 3.95 -16.43
C LYS B 468 -7.31 3.66 -15.44
N SER B 469 -8.17 4.64 -15.25
CA SER B 469 -9.24 4.54 -14.31
C SER B 469 -10.55 4.22 -15.02
N VAL B 470 -11.23 3.17 -14.57
CA VAL B 470 -12.54 2.84 -15.12
C VAL B 470 -13.56 3.01 -13.99
N VAL B 471 -14.46 3.97 -14.18
CA VAL B 471 -15.49 4.29 -13.20
C VAL B 471 -16.87 3.81 -13.66
N PHE B 472 -17.64 3.24 -12.74
CA PHE B 472 -19.00 2.80 -13.07
C PHE B 472 -19.81 2.69 -11.78
N ASP B 473 -21.13 2.64 -11.94
CA ASP B 473 -22.03 2.52 -10.79
C ASP B 473 -22.53 1.11 -10.58
N ILE B 474 -22.48 0.65 -9.34
CA ILE B 474 -22.99 -0.66 -8.99
C ILE B 474 -24.53 -0.52 -8.91
N LYS B 475 -25.24 -1.56 -9.31
CA LYS B 475 -26.70 -1.57 -9.19
C LYS B 475 -27.15 -2.56 -8.11
N THR C 2 -31.79 5.14 44.58
CA THR C 2 -30.53 4.94 43.89
C THR C 2 -30.56 5.54 42.47
N LYS C 3 -29.46 6.18 42.06
CA LYS C 3 -29.35 6.75 40.71
C LYS C 3 -29.14 5.62 39.70
N GLN C 4 -30.21 5.25 39.01
CA GLN C 4 -30.25 4.09 38.14
C GLN C 4 -29.96 4.36 36.67
N TYR C 5 -28.78 3.91 36.25
CA TYR C 5 -28.39 4.04 34.85
C TYR C 5 -29.04 2.95 34.05
N LYS C 6 -29.21 3.22 32.76
CA LYS C 6 -29.89 2.34 31.83
C LYS C 6 -28.97 1.96 30.64
N ASN C 7 -29.22 0.79 30.07
CA ASN C 7 -28.50 0.40 28.87
C ASN C 7 -29.14 1.09 27.66
N TYR C 8 -28.35 1.27 26.60
CA TYR C 8 -28.83 1.86 25.35
C TYR C 8 -29.07 0.70 24.36
N VAL C 9 -30.32 0.46 24.03
CA VAL C 9 -30.70 -0.71 23.26
C VAL C 9 -31.71 -0.39 22.20
N ASN C 10 -31.32 -0.61 20.95
CA ASN C 10 -32.21 -0.34 19.86
C ASN C 10 -32.83 1.06 19.96
N GLY C 11 -31.99 2.06 20.21
CA GLY C 11 -32.45 3.45 20.26
C GLY C 11 -33.22 3.86 21.51
N GLU C 12 -33.32 3.00 22.50
CA GLU C 12 -34.02 3.33 23.74
C GLU C 12 -33.17 3.05 24.97
N TRP C 13 -33.48 3.71 26.07
CA TRP C 13 -32.81 3.46 27.35
C TRP C 13 -33.60 2.47 28.21
N LYS C 14 -33.00 1.33 28.53
CA LYS C 14 -33.72 0.29 29.23
C LYS C 14 -33.13 -0.09 30.56
N LEU C 15 -33.99 -0.22 31.56
CA LEU C 15 -33.57 -0.70 32.87
C LEU C 15 -33.78 -2.20 32.84
N SER C 16 -33.15 -2.90 33.76
CA SER C 16 -33.36 -4.33 33.86
C SER C 16 -34.08 -4.59 35.17
N GLU C 17 -34.57 -5.81 35.32
CA GLU C 17 -35.28 -6.20 36.53
C GLU C 17 -34.32 -6.11 37.72
N ASN C 18 -33.09 -6.51 37.47
CA ASN C 18 -32.05 -6.48 38.50
C ASN C 18 -31.01 -5.39 38.22
N GLU C 19 -30.27 -5.01 39.24
CA GLU C 19 -29.27 -3.96 39.10
C GLU C 19 -28.02 -4.25 39.92
N ILE C 20 -26.95 -3.55 39.59
CA ILE C 20 -25.72 -3.69 40.34
C ILE C 20 -25.35 -2.32 40.82
N LYS C 21 -25.16 -2.19 42.14
CA LYS C 21 -24.78 -0.93 42.75
C LYS C 21 -23.26 -0.70 42.59
N ILE C 22 -22.88 0.52 42.22
CA ILE C 22 -21.46 0.85 42.01
C ILE C 22 -21.02 1.90 43.03
N TYR C 23 -19.87 1.66 43.64
CA TYR C 23 -19.31 2.54 44.66
C TYR C 23 -17.94 3.09 44.25
N GLU C 24 -17.61 4.25 44.77
CA GLU C 24 -16.32 4.86 44.49
C GLU C 24 -15.25 4.07 45.25
N PRO C 25 -14.23 3.57 44.54
CA PRO C 25 -13.15 2.80 45.16
C PRO C 25 -12.33 3.59 46.19
N ALA C 26 -12.17 4.90 45.99
CA ALA C 26 -11.38 5.67 46.95
C ALA C 26 -12.19 6.06 48.21
N SER C 27 -13.46 6.43 48.01
CA SER C 27 -14.31 6.88 49.11
C SER C 27 -15.31 5.88 49.67
N GLY C 28 -15.75 4.93 48.86
CA GLY C 28 -16.76 3.96 49.28
C GLY C 28 -18.16 4.47 49.00
N ALA C 29 -18.26 5.74 48.60
CA ALA C 29 -19.54 6.37 48.32
C ALA C 29 -20.25 5.72 47.14
N GLU C 30 -21.54 5.53 47.27
CA GLU C 30 -22.34 4.97 46.19
C GLU C 30 -22.34 5.93 45.00
N LEU C 31 -22.14 5.39 43.80
CA LEU C 31 -22.12 6.23 42.61
C LEU C 31 -23.41 6.10 41.80
N GLY C 32 -24.10 4.98 41.93
CA GLY C 32 -25.31 4.72 41.18
C GLY C 32 -25.42 3.23 40.93
N SER C 33 -26.34 2.83 40.05
CA SER C 33 -26.46 1.41 39.75
C SER C 33 -26.54 1.25 38.23
N VAL C 34 -26.23 0.04 37.75
CA VAL C 34 -26.33 -0.30 36.33
C VAL C 34 -27.12 -1.60 36.24
N PRO C 35 -27.80 -1.82 35.10
CA PRO C 35 -28.64 -3.02 34.97
C PRO C 35 -27.82 -4.32 34.92
N ALA C 36 -28.39 -5.38 35.52
CA ALA C 36 -27.79 -6.70 35.48
C ALA C 36 -28.67 -7.43 34.45
N MET C 37 -28.32 -7.30 33.19
CA MET C 37 -29.12 -7.86 32.11
C MET C 37 -29.32 -9.36 32.20
N SER C 38 -30.47 -9.82 31.70
CA SER C 38 -30.78 -11.23 31.66
C SER C 38 -30.33 -11.70 30.28
N THR C 39 -30.24 -13.00 30.09
CA THR C 39 -29.85 -13.51 28.78
C THR C 39 -30.83 -13.12 27.69
N GLU C 40 -32.11 -12.95 28.04
CA GLU C 40 -33.12 -12.59 27.06
C GLU C 40 -32.90 -11.17 26.64
N GLU C 41 -32.39 -10.36 27.55
CA GLU C 41 -32.11 -8.96 27.23
C GLU C 41 -30.89 -8.84 26.32
N VAL C 42 -29.93 -9.76 26.51
CA VAL C 42 -28.75 -9.82 25.65
C VAL C 42 -29.22 -10.28 24.24
N ASP C 43 -30.11 -11.27 24.21
CA ASP C 43 -30.65 -11.73 22.93
C ASP C 43 -31.26 -10.60 22.11
N TYR C 44 -32.02 -9.73 22.79
CA TYR C 44 -32.71 -8.60 22.16
C TYR C 44 -31.72 -7.55 21.68
N VAL C 45 -30.67 -7.29 22.44
CA VAL C 45 -29.61 -6.40 21.99
C VAL C 45 -29.07 -6.92 20.64
N TYR C 46 -28.62 -8.16 20.65
CA TYR C 46 -28.01 -8.77 19.45
C TYR C 46 -28.95 -8.80 18.25
N ALA C 47 -30.21 -9.18 18.49
CA ALA C 47 -31.21 -9.21 17.41
C ALA C 47 -31.41 -7.79 16.89
N SER C 48 -31.39 -6.82 17.80
CA SER C 48 -31.54 -5.43 17.41
C SER C 48 -30.40 -4.95 16.51
N ALA C 49 -29.18 -5.31 16.88
CA ALA C 49 -27.99 -4.92 16.10
C ALA C 49 -28.01 -5.58 14.74
N LYS C 50 -28.30 -6.88 14.73
CA LYS C 50 -28.32 -7.63 13.48
C LYS C 50 -29.34 -7.11 12.50
N LYS C 51 -30.45 -6.61 12.99
CA LYS C 51 -31.50 -6.09 12.11
C LYS C 51 -31.12 -4.74 11.53
N ALA C 52 -30.30 -4.01 12.29
CA ALA C 52 -29.89 -2.68 11.87
C ALA C 52 -28.65 -2.69 10.94
N GLN C 53 -27.89 -3.78 10.97
CA GLN C 53 -26.66 -3.82 10.21
C GLN C 53 -26.75 -3.59 8.69
N PRO C 54 -27.74 -4.21 8.04
CA PRO C 54 -27.77 -3.96 6.59
C PRO C 54 -27.93 -2.51 6.17
N ALA C 55 -28.81 -1.75 6.83
CA ALA C 55 -29.00 -0.32 6.49
C ALA C 55 -27.81 0.52 6.90
N TRP C 56 -27.14 0.12 7.98
CA TRP C 56 -25.95 0.83 8.45
C TRP C 56 -24.80 0.64 7.43
N ARG C 57 -24.69 -0.59 6.92
CA ARG C 57 -23.69 -0.90 5.91
C ARG C 57 -24.00 -0.24 4.58
N ALA C 58 -25.28 -0.13 4.25
CA ALA C 58 -25.72 0.50 2.99
C ALA C 58 -25.40 2.01 2.91
N LEU C 59 -25.23 2.67 4.05
CA LEU C 59 -24.85 4.07 4.09
C LEU C 59 -23.47 4.22 3.46
N SER C 60 -23.15 5.43 3.00
CA SER C 60 -21.81 5.73 2.49
C SER C 60 -20.82 5.83 3.67
N TYR C 61 -19.53 5.69 3.36
CA TYR C 61 -18.48 5.83 4.38
C TYR C 61 -18.55 7.21 5.01
N ILE C 62 -18.69 8.22 4.17
CA ILE C 62 -18.75 9.61 4.65
C ILE C 62 -19.90 9.88 5.62
N GLU C 63 -21.05 9.25 5.41
CA GLU C 63 -22.17 9.37 6.37
C GLU C 63 -21.82 8.72 7.69
N ARG C 64 -21.21 7.53 7.64
CA ARG C 64 -20.82 6.86 8.88
C ARG C 64 -19.78 7.67 9.66
N ALA C 65 -18.86 8.29 8.93
CA ALA C 65 -17.86 9.20 9.52
C ALA C 65 -18.52 10.39 10.20
N ALA C 66 -19.50 10.99 9.53
CA ALA C 66 -20.20 12.19 10.06
C ALA C 66 -20.78 11.91 11.45
N TYR C 67 -21.36 10.72 11.63
CA TYR C 67 -21.94 10.24 12.89
C TYR C 67 -20.86 10.13 13.97
N LEU C 68 -19.72 9.56 13.61
CA LEU C 68 -18.61 9.36 14.54
C LEU C 68 -18.04 10.70 14.99
N HIS C 69 -17.87 11.62 14.04
CA HIS C 69 -17.38 12.98 14.33
C HIS C 69 -18.34 13.69 15.31
N LYS C 70 -19.63 13.51 15.12
CA LYS C 70 -20.64 14.07 16.02
C LYS C 70 -20.47 13.54 17.45
N VAL C 71 -20.29 12.22 17.56
CA VAL C 71 -20.03 11.56 18.86
C VAL C 71 -18.78 12.17 19.51
N ALA C 72 -17.70 12.28 18.74
CA ALA C 72 -16.43 12.83 19.26
C ALA C 72 -16.62 14.30 19.77
N ASP C 73 -17.43 15.08 19.08
CA ASP C 73 -17.73 16.46 19.46
C ASP C 73 -18.47 16.54 20.78
N ILE C 74 -19.45 15.66 20.96
CA ILE C 74 -20.22 15.56 22.18
C ILE C 74 -19.27 15.20 23.33
N LEU C 75 -18.32 14.30 23.08
CA LEU C 75 -17.39 13.90 24.13
C LEU C 75 -16.48 15.04 24.54
N MET C 76 -16.03 15.84 23.57
CA MET C 76 -15.24 17.01 23.87
C MET C 76 -16.01 18.00 24.74
N ARG C 77 -17.25 18.27 24.34
CA ARG C 77 -18.15 19.17 25.09
C ARG C 77 -18.34 18.68 26.52
N ASP C 78 -18.47 17.37 26.70
CA ASP C 78 -18.76 16.77 27.99
C ASP C 78 -17.57 16.15 28.72
N LYS C 79 -16.38 16.50 28.31
CA LYS C 79 -15.21 15.91 28.93
C LYS C 79 -15.12 16.08 30.47
N GLU C 80 -15.56 17.24 30.98
CA GLU C 80 -15.53 17.49 32.42
C GLU C 80 -16.59 16.69 33.15
N LYS C 81 -17.75 16.55 32.53
CA LYS C 81 -18.84 15.80 33.13
C LYS C 81 -18.41 14.35 33.20
N ILE C 82 -18.04 13.82 32.04
CA ILE C 82 -17.61 12.43 31.97
C ILE C 82 -16.37 12.12 32.82
N GLY C 83 -15.36 12.99 32.75
CA GLY C 83 -14.14 12.80 33.52
C GLY C 83 -14.40 12.81 35.04
N ALA C 84 -15.33 13.66 35.48
CA ALA C 84 -15.68 13.76 36.91
C ALA C 84 -16.24 12.45 37.46
N ILE C 85 -17.13 11.81 36.70
CA ILE C 85 -17.68 10.54 37.12
C ILE C 85 -16.66 9.39 36.99
N LEU C 86 -15.97 9.34 35.85
CA LEU C 86 -14.97 8.30 35.58
C LEU C 86 -13.93 8.28 36.68
N SER C 87 -13.47 9.47 37.06
CA SER C 87 -12.48 9.66 38.10
C SER C 87 -12.92 9.00 39.39
N LYS C 88 -14.20 9.18 39.72
CA LYS C 88 -14.73 8.61 40.95
C LYS C 88 -14.97 7.11 40.83
N GLU C 89 -15.46 6.69 39.67
CA GLU C 89 -15.76 5.30 39.46
C GLU C 89 -14.55 4.36 39.48
N VAL C 90 -13.44 4.84 38.93
CA VAL C 90 -12.25 3.98 38.91
C VAL C 90 -11.10 4.50 39.72
N ALA C 91 -11.34 5.51 40.55
CA ALA C 91 -10.28 6.11 41.40
C ALA C 91 -9.06 6.53 40.58
N LYS C 92 -9.32 7.11 39.41
CA LYS C 92 -8.29 7.66 38.54
C LYS C 92 -8.29 9.18 38.78
N GLY C 93 -7.12 9.82 38.80
CA GLY C 93 -7.01 11.25 39.01
C GLY C 93 -7.97 12.00 38.10
N TYR C 94 -8.57 13.06 38.63
CA TYR C 94 -9.50 13.85 37.82
C TYR C 94 -8.95 14.28 36.44
N LYS C 95 -7.79 14.93 36.43
CA LYS C 95 -7.21 15.43 35.18
C LYS C 95 -6.94 14.32 34.16
N SER C 96 -6.51 13.18 34.69
CA SER C 96 -6.22 11.98 33.94
C SER C 96 -7.49 11.41 33.33
N ALA C 97 -8.59 11.48 34.08
CA ALA C 97 -9.88 11.00 33.60
C ALA C 97 -10.41 11.90 32.47
N VAL C 98 -10.31 13.20 32.62
CA VAL C 98 -10.76 14.13 31.57
C VAL C 98 -9.90 13.85 30.32
N SER C 99 -8.61 13.64 30.56
CA SER C 99 -7.66 13.27 29.54
C SER C 99 -8.09 11.99 28.80
N GLU C 100 -8.57 10.99 29.53
CA GLU C 100 -9.01 9.77 28.90
C GLU C 100 -10.15 10.04 27.90
N VAL C 101 -11.02 10.99 28.27
CA VAL C 101 -12.17 11.33 27.45
C VAL C 101 -11.71 12.05 26.17
N VAL C 102 -10.75 12.96 26.36
CA VAL C 102 -10.21 13.73 25.24
C VAL C 102 -9.56 12.78 24.23
N ARG C 103 -8.76 11.85 24.74
CA ARG C 103 -8.13 10.85 23.91
C ARG C 103 -9.18 10.00 23.23
N THR C 104 -10.34 9.80 23.88
CA THR C 104 -11.39 8.97 23.27
C THR C 104 -11.99 9.62 22.03
N ALA C 105 -12.26 10.92 22.12
CA ALA C 105 -12.77 11.73 21.00
C ALA C 105 -11.73 11.72 19.87
N GLU C 106 -10.46 11.88 20.25
CA GLU C 106 -9.40 11.91 19.26
C GLU C 106 -9.36 10.61 18.46
N ILE C 107 -9.43 9.48 19.15
CA ILE C 107 -9.41 8.16 18.54
C ILE C 107 -10.63 8.02 17.63
N ILE C 108 -11.79 8.49 18.11
CA ILE C 108 -13.04 8.35 17.34
C ILE C 108 -12.99 9.15 16.07
N ASN C 109 -12.43 10.36 16.16
CA ASN C 109 -12.29 11.23 14.99
C ASN C 109 -11.31 10.60 13.99
N TYR C 110 -10.19 10.12 14.51
CA TYR C 110 -9.15 9.53 13.70
C TYR C 110 -9.57 8.28 12.95
N ALA C 111 -10.37 7.44 13.60
CA ALA C 111 -10.93 6.21 13.01
C ALA C 111 -11.90 6.55 11.87
N ALA C 112 -12.73 7.57 12.12
CA ALA C 112 -13.72 7.99 11.14
C ALA C 112 -13.03 8.32 9.83
N GLU C 113 -11.91 9.00 9.94
CA GLU C 113 -11.21 9.52 8.76
C GLU C 113 -10.29 8.47 8.15
N GLU C 114 -9.73 7.62 8.99
CA GLU C 114 -8.93 6.51 8.50
C GLU C 114 -9.86 5.50 7.76
N GLY C 115 -10.97 5.13 8.39
CA GLY C 115 -11.86 4.19 7.77
C GLY C 115 -12.60 4.71 6.55
N LEU C 116 -12.76 6.01 6.41
CA LEU C 116 -13.48 6.51 5.23
C LEU C 116 -12.67 6.41 3.94
N ARG C 117 -11.37 6.29 4.10
CA ARG C 117 -10.44 6.19 3.00
C ARG C 117 -10.04 4.76 2.77
N MET C 118 -10.83 3.80 3.26
CA MET C 118 -10.40 2.42 3.02
C MET C 118 -10.43 2.14 1.47
N GLU C 119 -9.37 1.54 0.96
CA GLU C 119 -9.29 1.26 -0.48
C GLU C 119 -9.17 -0.23 -0.76
N GLY C 120 -9.66 -0.63 -1.92
CA GLY C 120 -9.60 -2.02 -2.29
C GLY C 120 -8.46 -2.20 -3.25
N GLU C 121 -8.34 -3.41 -3.78
CA GLU C 121 -7.26 -3.70 -4.72
C GLU C 121 -7.75 -4.41 -5.97
N VAL C 122 -6.98 -4.29 -7.04
CA VAL C 122 -7.30 -4.93 -8.31
C VAL C 122 -6.12 -5.81 -8.61
N LEU C 123 -6.35 -7.11 -8.61
CA LEU C 123 -5.29 -8.09 -8.88
C LEU C 123 -5.45 -8.63 -10.34
N GLU C 124 -4.32 -8.98 -10.94
CA GLU C 124 -4.24 -9.41 -12.33
C GLU C 124 -4.04 -10.91 -12.43
N GLY C 125 -4.91 -11.63 -13.14
CA GLY C 125 -4.70 -13.05 -13.30
C GLY C 125 -3.39 -13.32 -14.05
N GLY C 126 -2.95 -12.36 -14.88
CA GLY C 126 -1.77 -12.45 -15.72
C GLY C 126 -0.46 -12.37 -14.97
N SER C 127 -0.56 -12.00 -13.71
CA SER C 127 0.57 -12.01 -12.78
C SER C 127 0.93 -13.46 -12.48
N PHE C 128 -0.10 -14.31 -12.40
CA PHE C 128 0.08 -15.72 -12.04
C PHE C 128 0.12 -16.69 -13.22
N GLU C 129 -0.80 -16.52 -14.17
CA GLU C 129 -0.84 -17.43 -15.32
C GLU C 129 -1.22 -16.73 -16.62
N ALA C 130 -0.45 -17.02 -17.67
CA ALA C 130 -0.69 -16.37 -18.96
C ALA C 130 -2.12 -16.54 -19.47
N ALA C 131 -2.66 -17.76 -19.33
CA ALA C 131 -4.04 -18.00 -19.77
C ALA C 131 -5.07 -17.15 -19.01
N SER C 132 -4.67 -16.52 -17.89
CA SER C 132 -5.66 -15.73 -17.12
C SER C 132 -5.47 -14.22 -17.24
N LYS C 133 -4.68 -13.82 -18.22
CA LYS C 133 -4.32 -12.44 -18.42
C LYS C 133 -5.46 -11.43 -18.51
N LYS C 134 -6.65 -11.89 -18.91
CA LYS C 134 -7.84 -11.02 -19.02
C LYS C 134 -8.73 -11.08 -17.77
N LYS C 135 -8.37 -11.94 -16.81
CA LYS C 135 -9.19 -12.12 -15.60
C LYS C 135 -8.62 -11.20 -14.50
N ILE C 136 -9.48 -10.40 -13.87
CA ILE C 136 -8.99 -9.53 -12.81
C ILE C 136 -9.88 -9.74 -11.60
N ALA C 137 -9.29 -9.53 -10.41
CA ALA C 137 -10.07 -9.61 -9.16
C ALA C 137 -10.18 -8.20 -8.59
N VAL C 138 -11.40 -7.75 -8.32
CA VAL C 138 -11.71 -6.43 -7.75
C VAL C 138 -12.03 -6.70 -6.30
N VAL C 139 -11.06 -6.42 -5.43
CA VAL C 139 -11.21 -6.77 -4.02
C VAL C 139 -11.54 -5.54 -3.14
N ARG C 140 -12.68 -5.57 -2.45
CA ARG C 140 -13.15 -4.48 -1.61
C ARG C 140 -13.41 -5.01 -0.18
N ARG C 141 -13.16 -4.17 0.84
CA ARG C 141 -13.39 -4.53 2.25
C ARG C 141 -14.87 -4.49 2.59
N GLU C 142 -15.29 -5.39 3.46
CA GLU C 142 -16.68 -5.47 3.93
C GLU C 142 -16.65 -5.66 5.44
N PRO C 143 -17.75 -5.28 6.13
CA PRO C 143 -17.64 -5.48 7.58
C PRO C 143 -17.87 -6.95 7.95
N VAL C 144 -17.43 -7.36 9.13
CA VAL C 144 -17.67 -8.73 9.54
C VAL C 144 -19.06 -8.90 10.08
N GLY C 145 -19.72 -7.82 10.53
CA GLY C 145 -21.08 -7.95 11.02
C GLY C 145 -21.25 -7.29 12.37
N LEU C 146 -21.53 -8.09 13.39
CA LEU C 146 -21.75 -7.61 14.72
C LEU C 146 -20.46 -7.78 15.54
N VAL C 147 -19.98 -6.67 16.10
CA VAL C 147 -18.77 -6.72 16.93
C VAL C 147 -19.16 -6.63 18.37
N LEU C 148 -18.60 -7.49 19.21
CA LEU C 148 -18.83 -7.40 20.64
C LEU C 148 -17.58 -6.72 21.20
N ALA C 149 -17.74 -5.53 21.78
CA ALA C 149 -16.57 -4.80 22.35
C ALA C 149 -16.61 -4.84 23.87
N ILE C 150 -15.52 -5.29 24.45
CA ILE C 150 -15.39 -5.44 25.91
C ILE C 150 -14.19 -4.65 26.43
N SER C 151 -14.48 -3.66 27.29
CA SER C 151 -13.43 -2.79 27.84
C SER C 151 -13.11 -3.13 29.29
N PRO C 152 -11.91 -2.73 29.76
CA PRO C 152 -11.38 -3.01 31.09
C PRO C 152 -11.60 -1.80 31.99
N PHE C 153 -11.47 -2.00 33.29
CA PHE C 153 -11.73 -0.94 34.30
C PHE C 153 -10.78 0.25 34.21
N ASN C 154 -9.57 0.00 33.75
CA ASN C 154 -8.53 1.04 33.75
C ASN C 154 -8.64 2.08 32.67
N TYR C 155 -9.46 1.78 31.65
CA TYR C 155 -9.77 2.71 30.56
C TYR C 155 -11.13 2.28 30.02
N PRO C 156 -12.17 2.39 30.86
CA PRO C 156 -13.50 1.89 30.48
C PRO C 156 -14.10 2.60 29.25
N VAL C 157 -13.62 3.81 29.00
CA VAL C 157 -14.11 4.65 27.94
C VAL C 157 -13.18 4.70 26.73
N ASN C 158 -11.91 4.96 27.00
CA ASN C 158 -10.94 5.02 25.92
C ASN C 158 -10.80 3.68 25.20
N LEU C 159 -10.71 2.61 25.96
CA LEU C 159 -10.57 1.29 25.36
C LEU C 159 -11.87 0.70 24.89
N ALA C 160 -12.93 1.50 24.95
CA ALA C 160 -14.21 1.11 24.35
C ALA C 160 -14.18 1.83 23.00
N GLY C 161 -13.93 3.15 23.04
CA GLY C 161 -13.88 3.95 21.81
C GLY C 161 -12.94 3.40 20.76
N SER C 162 -11.80 2.87 21.22
CA SER C 162 -10.75 2.33 20.33
C SER C 162 -11.20 1.09 19.56
N LYS C 163 -12.21 0.43 20.09
CA LYS C 163 -12.81 -0.73 19.48
C LYS C 163 -14.07 -0.33 18.69
N ILE C 164 -14.91 0.51 19.31
CA ILE C 164 -16.18 0.92 18.74
C ILE C 164 -16.08 1.68 17.43
N ALA C 165 -15.27 2.73 17.40
CA ALA C 165 -15.20 3.59 16.21
C ALA C 165 -14.62 2.88 14.99
N PRO C 166 -13.49 2.16 15.16
CA PRO C 166 -12.95 1.42 14.03
C PRO C 166 -13.98 0.37 13.53
N ALA C 167 -14.72 -0.25 14.45
CA ALA C 167 -15.73 -1.25 14.03
C ALA C 167 -16.84 -0.57 13.17
N LEU C 168 -17.47 0.45 13.74
CA LEU C 168 -18.55 1.24 13.10
C LEU C 168 -18.25 1.89 11.77
N ILE C 169 -17.11 2.57 11.64
CA ILE C 169 -16.79 3.23 10.36
C ILE C 169 -16.83 2.24 9.17
N ALA C 170 -16.43 1.01 9.42
CA ALA C 170 -16.40 -0.04 8.41
C ALA C 170 -17.76 -0.66 8.12
N GLY C 171 -18.80 -0.29 8.88
CA GLY C 171 -20.10 -0.85 8.57
C GLY C 171 -20.53 -1.97 9.47
N ASN C 172 -19.78 -2.21 10.53
CA ASN C 172 -20.17 -3.22 11.50
C ASN C 172 -21.13 -2.55 12.45
N VAL C 173 -21.87 -3.36 13.20
CA VAL C 173 -22.70 -2.85 14.30
C VAL C 173 -22.03 -3.24 15.61
N ILE C 174 -22.42 -2.59 16.70
CA ILE C 174 -21.77 -2.82 18.00
C ILE C 174 -22.68 -3.19 19.17
N ALA C 175 -22.20 -4.12 20.00
CA ALA C 175 -22.72 -4.39 21.34
C ALA C 175 -21.49 -4.11 22.23
N PHE C 176 -21.61 -3.13 23.11
CA PHE C 176 -20.55 -2.70 24.01
C PHE C 176 -20.81 -3.14 25.44
N LYS C 177 -19.89 -3.93 25.96
CA LYS C 177 -19.97 -4.34 27.34
C LYS C 177 -18.84 -3.71 28.16
N PRO C 178 -19.18 -2.75 29.01
CA PRO C 178 -18.08 -2.23 29.83
C PRO C 178 -17.80 -3.11 31.04
N PRO C 179 -16.66 -2.88 31.71
CA PRO C 179 -16.43 -3.62 32.94
C PRO C 179 -17.46 -3.12 34.00
N THR C 180 -17.85 -3.98 34.92
CA THR C 180 -18.84 -3.60 35.92
C THR C 180 -18.37 -2.38 36.70
N GLN C 181 -17.14 -2.43 37.20
CA GLN C 181 -16.56 -1.26 37.88
C GLN C 181 -16.04 -0.38 36.73
N GLY C 182 -16.84 0.57 36.27
CA GLY C 182 -16.57 1.37 35.08
C GLY C 182 -17.77 1.31 34.16
N SER C 183 -18.83 0.61 34.57
CA SER C 183 -20.03 0.52 33.73
C SER C 183 -20.84 1.80 33.65
N ILE C 184 -20.75 2.66 34.68
CA ILE C 184 -21.42 3.95 34.63
C ILE C 184 -20.74 4.82 33.58
N SER C 185 -19.41 4.86 33.60
CA SER C 185 -18.60 5.63 32.62
C SER C 185 -18.90 5.09 31.20
N GLY C 186 -19.04 3.77 31.12
CA GLY C 186 -19.40 3.13 29.88
C GLY C 186 -20.75 3.61 29.36
N LEU C 187 -21.71 3.77 30.27
CA LEU C 187 -23.04 4.25 29.90
C LEU C 187 -23.06 5.75 29.62
N LEU C 188 -22.11 6.47 30.21
CA LEU C 188 -21.95 7.89 29.92
C LEU C 188 -21.44 8.05 28.49
N LEU C 189 -20.59 7.11 28.04
CA LEU C 189 -20.08 7.12 26.65
C LEU C 189 -21.24 6.83 25.72
N ALA C 190 -22.09 5.87 26.10
CA ALA C 190 -23.27 5.53 25.31
C ALA C 190 -24.14 6.79 25.07
N GLU C 191 -24.22 7.67 26.07
CA GLU C 191 -25.01 8.87 25.92
C GLU C 191 -24.61 9.66 24.68
N ALA C 192 -23.31 9.78 24.48
CA ALA C 192 -22.80 10.51 23.32
C ALA C 192 -23.27 9.87 22.01
N PHE C 193 -23.24 8.55 21.98
CA PHE C 193 -23.67 7.83 20.77
C PHE C 193 -25.18 8.00 20.54
N ALA C 194 -25.95 8.04 21.63
CA ALA C 194 -27.39 8.28 21.58
C ALA C 194 -27.64 9.69 21.08
N GLU C 195 -26.97 10.68 21.68
CA GLU C 195 -27.17 12.08 21.27
C GLU C 195 -26.77 12.31 19.82
N ALA C 196 -25.72 11.66 19.36
CA ALA C 196 -25.29 11.77 17.97
C ALA C 196 -26.35 11.23 16.98
N GLY C 197 -27.28 10.43 17.46
CA GLY C 197 -28.36 10.00 16.59
C GLY C 197 -28.06 8.87 15.62
N LEU C 198 -27.12 7.98 15.94
CA LEU C 198 -26.88 6.84 15.07
C LEU C 198 -28.19 6.05 15.01
N PRO C 199 -28.49 5.44 13.85
CA PRO C 199 -29.77 4.67 13.81
C PRO C 199 -29.88 3.57 14.88
N ALA C 200 -31.12 3.29 15.27
CA ALA C 200 -31.44 2.34 16.32
C ALA C 200 -30.84 0.96 16.05
N GLY C 201 -30.13 0.40 17.02
CA GLY C 201 -29.54 -0.91 16.83
C GLY C 201 -28.09 -0.93 16.35
N VAL C 202 -27.63 0.17 15.75
CA VAL C 202 -26.26 0.29 15.28
C VAL C 202 -25.23 0.25 16.45
N PHE C 203 -25.56 0.91 17.58
CA PHE C 203 -24.69 0.92 18.76
C PHE C 203 -25.57 0.54 19.95
N ASN C 204 -25.12 -0.42 20.78
CA ASN C 204 -25.91 -0.88 21.93
C ASN C 204 -24.99 -1.21 23.06
N THR C 205 -25.52 -1.20 24.28
CA THR C 205 -24.72 -1.55 25.44
C THR C 205 -25.32 -2.78 26.17
N ILE C 206 -24.48 -3.47 26.89
CA ILE C 206 -24.84 -4.63 27.70
C ILE C 206 -24.13 -4.42 29.04
N THR C 207 -24.83 -4.64 30.14
CA THR C 207 -24.23 -4.57 31.48
C THR C 207 -24.73 -5.77 32.29
N GLY C 208 -23.93 -6.16 33.26
CA GLY C 208 -24.19 -7.30 34.12
C GLY C 208 -22.83 -7.88 34.48
N ARG C 209 -22.74 -8.69 35.52
CA ARG C 209 -21.43 -9.23 35.91
C ARG C 209 -20.90 -10.25 34.91
N GLY C 210 -19.71 -9.98 34.41
CA GLY C 210 -18.98 -10.83 33.48
C GLY C 210 -18.97 -12.27 33.95
N SER C 211 -18.88 -12.45 35.25
CA SER C 211 -18.89 -13.78 35.85
C SER C 211 -20.26 -14.43 35.76
N GLU C 212 -21.24 -13.72 35.20
CA GLU C 212 -22.59 -14.28 35.08
C GLU C 212 -23.22 -14.27 33.71
N ILE C 213 -22.90 -13.26 32.90
CA ILE C 213 -23.43 -13.20 31.54
C ILE C 213 -22.28 -13.20 30.56
N GLY C 214 -21.06 -13.14 31.10
CA GLY C 214 -19.83 -13.08 30.33
C GLY C 214 -19.70 -14.14 29.25
N ASP C 215 -19.80 -15.41 29.64
CA ASP C 215 -19.72 -16.51 28.65
C ASP C 215 -20.85 -16.44 27.66
N TYR C 216 -22.03 -16.11 28.15
CA TYR C 216 -23.23 -16.02 27.30
C TYR C 216 -23.09 -14.99 26.17
N ILE C 217 -22.60 -13.79 26.51
CA ILE C 217 -22.45 -12.73 25.51
C ILE C 217 -21.40 -13.09 24.45
N VAL C 218 -20.39 -13.83 24.85
CA VAL C 218 -19.29 -14.19 23.97
C VAL C 218 -19.65 -15.40 23.12
N GLU C 219 -20.34 -16.35 23.73
CA GLU C 219 -20.65 -17.59 23.03
C GLU C 219 -21.75 -17.44 22.03
N HIS C 220 -22.49 -16.35 22.18
CA HIS C 220 -23.63 -16.09 21.34
C HIS C 220 -23.30 -16.13 19.87
N GLN C 221 -24.13 -16.84 19.12
CA GLN C 221 -23.90 -16.98 17.70
C GLN C 221 -24.14 -15.74 16.83
N ALA C 222 -24.71 -14.71 17.41
CA ALA C 222 -24.95 -13.49 16.65
C ALA C 222 -23.65 -12.72 16.50
N VAL C 223 -22.73 -12.95 17.43
CA VAL C 223 -21.44 -12.26 17.44
C VAL C 223 -20.50 -12.78 16.36
N ASN C 224 -19.97 -11.86 15.55
CA ASN C 224 -19.11 -12.19 14.44
C ASN C 224 -17.67 -11.88 14.75
N PHE C 225 -17.46 -11.10 15.81
CA PHE C 225 -16.10 -10.72 16.19
C PHE C 225 -16.08 -10.29 17.63
N ILE C 226 -15.14 -10.80 18.43
CA ILE C 226 -15.01 -10.39 19.82
C ILE C 226 -13.75 -9.56 20.01
N ASN C 227 -13.92 -8.30 20.45
CA ASN C 227 -12.80 -7.40 20.65
C ASN C 227 -12.71 -7.06 22.13
N PHE C 228 -11.66 -7.57 22.78
CA PHE C 228 -11.57 -7.55 24.24
C PHE C 228 -10.22 -7.06 24.80
N THR C 229 -10.28 -6.28 25.88
CA THR C 229 -9.13 -5.86 26.63
C THR C 229 -9.43 -6.24 28.07
N GLY C 230 -8.47 -6.88 28.73
CA GLY C 230 -8.63 -7.32 30.11
C GLY C 230 -7.55 -8.28 30.53
N SER C 231 -7.88 -9.12 31.49
CA SER C 231 -6.91 -10.07 32.04
C SER C 231 -6.63 -11.22 31.10
N THR C 232 -5.44 -11.80 31.26
CA THR C 232 -5.00 -12.93 30.42
C THR C 232 -5.93 -14.13 30.64
N GLY C 233 -6.34 -14.33 31.88
CA GLY C 233 -7.23 -15.44 32.22
C GLY C 233 -8.55 -15.40 31.50
N ILE C 234 -9.20 -14.22 31.44
CA ILE C 234 -10.47 -14.12 30.75
C ILE C 234 -10.21 -14.23 29.26
N GLY C 235 -9.14 -13.60 28.79
CA GLY C 235 -8.80 -13.59 27.37
C GLY C 235 -8.58 -14.98 26.83
N GLU C 236 -8.01 -15.85 27.65
CA GLU C 236 -7.80 -17.25 27.26
C GLU C 236 -9.12 -17.96 27.09
N ARG C 237 -10.07 -17.67 27.96
CA ARG C 237 -11.39 -18.30 27.84
C ARG C 237 -12.08 -17.77 26.61
N ILE C 238 -11.93 -16.49 26.35
CA ILE C 238 -12.56 -15.92 25.18
C ILE C 238 -11.98 -16.58 23.93
N GLY C 239 -10.68 -16.82 23.92
CA GLY C 239 -10.07 -17.47 22.76
C GLY C 239 -10.80 -18.76 22.43
N LYS C 240 -10.98 -19.58 23.45
CA LYS C 240 -11.73 -20.83 23.32
C LYS C 240 -13.21 -20.70 22.98
N MET C 241 -13.88 -19.70 23.56
CA MET C 241 -15.30 -19.55 23.25
C MET C 241 -15.53 -18.98 21.87
N ALA C 242 -14.54 -18.29 21.31
CA ALA C 242 -14.70 -17.69 19.99
C ALA C 242 -14.82 -18.76 18.92
N GLY C 243 -14.16 -19.88 19.16
CA GLY C 243 -14.07 -20.97 18.20
C GLY C 243 -13.32 -20.47 16.98
N MET C 244 -13.97 -20.48 15.83
CA MET C 244 -13.29 -20.02 14.63
C MET C 244 -13.54 -18.56 14.23
N ARG C 245 -14.30 -17.85 15.06
CA ARG C 245 -14.61 -16.45 14.84
C ARG C 245 -13.40 -15.58 15.11
N PRO C 246 -13.23 -14.49 14.34
CA PRO C 246 -12.08 -13.63 14.61
C PRO C 246 -12.19 -12.90 15.97
N ILE C 247 -11.02 -12.58 16.53
CA ILE C 247 -10.89 -11.94 17.84
C ILE C 247 -9.71 -10.97 17.91
N MET C 248 -9.85 -10.01 18.80
CA MET C 248 -8.82 -9.06 19.07
C MET C 248 -8.73 -9.17 20.57
N LEU C 249 -7.53 -9.47 21.09
CA LEU C 249 -7.32 -9.59 22.53
C LEU C 249 -6.09 -8.78 22.92
N ALA C 250 -6.23 -7.91 23.91
CA ALA C 250 -5.11 -7.13 24.44
C ALA C 250 -5.18 -7.52 25.89
N LEU C 251 -4.15 -8.20 26.37
CA LEU C 251 -4.19 -8.71 27.74
C LEU C 251 -3.12 -8.18 28.66
N GLY C 252 -2.64 -9.01 29.57
CA GLY C 252 -1.63 -8.50 30.48
C GLY C 252 -0.24 -8.27 29.92
N GLY C 253 0.61 -7.65 30.73
CA GLY C 253 1.98 -7.37 30.36
C GLY C 253 2.86 -7.33 31.59
N LYS C 254 4.15 -7.55 31.38
CA LYS C 254 5.16 -7.47 32.43
C LYS C 254 6.33 -6.85 31.68
N ASP C 255 6.08 -5.67 31.12
CA ASP C 255 7.06 -4.99 30.27
C ASP C 255 8.37 -4.75 30.97
N SER C 256 9.45 -5.19 30.32
CA SER C 256 10.77 -4.92 30.84
C SER C 256 11.37 -3.65 30.25
N ALA C 257 12.12 -2.95 31.08
CA ALA C 257 12.87 -1.76 30.70
C ALA C 257 14.34 -2.23 30.84
N ILE C 258 15.04 -2.35 29.73
CA ILE C 258 16.41 -2.86 29.69
C ILE C 258 17.35 -1.70 29.68
N VAL C 259 18.24 -1.66 30.66
CA VAL C 259 19.16 -0.55 30.81
C VAL C 259 20.62 -0.93 30.56
N LEU C 260 21.21 -0.44 29.46
CA LEU C 260 22.61 -0.75 29.17
C LEU C 260 23.56 0.21 29.90
N GLU C 261 24.84 -0.14 29.97
CA GLU C 261 25.88 0.68 30.64
C GLU C 261 26.02 2.09 30.06
N ASP C 262 25.65 2.25 28.79
CA ASP C 262 25.76 3.55 28.14
C ASP C 262 24.50 4.37 28.16
N ALA C 263 23.56 3.99 29.03
CA ALA C 263 22.29 4.69 29.11
C ALA C 263 22.41 6.04 29.77
N ASP C 264 21.53 6.94 29.40
CA ASP C 264 21.47 8.25 30.07
C ASP C 264 20.56 7.91 31.28
N LEU C 265 21.18 7.78 32.46
CA LEU C 265 20.54 7.33 33.69
C LEU C 265 19.45 8.22 34.20
N GLU C 266 19.62 9.53 34.02
CA GLU C 266 18.60 10.46 34.47
C GLU C 266 17.33 10.34 33.61
N LEU C 267 17.50 10.26 32.29
CA LEU C 267 16.39 10.11 31.35
C LEU C 267 15.71 8.75 31.61
N THR C 268 16.53 7.74 31.88
CA THR C 268 16.06 6.39 32.16
C THR C 268 15.18 6.35 33.41
N ALA C 269 15.66 6.92 34.51
CA ALA C 269 14.95 6.97 35.77
C ALA C 269 13.64 7.75 35.64
N LYS C 270 13.69 8.87 34.92
CA LYS C 270 12.49 9.69 34.73
C LYS C 270 11.39 8.90 34.01
N ASN C 271 11.76 8.20 32.94
CA ASN C 271 10.82 7.38 32.14
C ASN C 271 10.32 6.17 32.89
N ILE C 272 11.23 5.54 33.63
CA ILE C 272 10.90 4.37 34.42
C ILE C 272 9.88 4.70 35.52
N ILE C 273 10.02 5.87 36.12
CA ILE C 273 9.12 6.29 37.17
C ILE C 273 7.74 6.59 36.59
N ALA C 274 7.72 7.29 35.46
CA ALA C 274 6.44 7.64 34.86
C ALA C 274 5.70 6.40 34.40
N GLY C 275 6.40 5.48 33.73
CA GLY C 275 5.79 4.27 33.22
C GLY C 275 5.42 3.23 34.25
N ALA C 276 6.17 3.16 35.33
CA ALA C 276 5.94 2.16 36.36
C ALA C 276 4.83 2.59 37.30
N PHE C 277 4.77 3.87 37.60
CA PHE C 277 3.83 4.36 38.58
C PHE C 277 2.56 5.10 38.14
N GLY C 278 2.45 5.37 36.85
CA GLY C 278 1.27 6.02 36.27
C GLY C 278 0.05 5.20 36.66
N TYR C 279 -0.99 5.85 37.17
CA TYR C 279 -2.21 5.14 37.58
C TYR C 279 -1.95 4.00 38.57
N SER C 280 -0.98 4.20 39.48
CA SER C 280 -0.58 3.25 40.51
C SER C 280 -0.16 1.91 39.96
N GLY C 281 0.37 1.88 38.74
CA GLY C 281 0.82 0.64 38.15
C GLY C 281 -0.31 -0.15 37.49
N GLN C 282 -1.50 0.45 37.43
CA GLN C 282 -2.65 -0.24 36.84
C GLN C 282 -2.76 -0.03 35.33
N ARG C 283 -1.68 -0.33 34.61
CA ARG C 283 -1.63 -0.25 33.15
C ARG C 283 -0.99 -1.49 32.61
N CYS C 284 -1.53 -1.98 31.49
N CYS C 284 -1.51 -2.01 31.49
CA CYS C 284 -1.00 -3.17 30.80
CA CYS C 284 -0.92 -3.22 30.89
C CYS C 284 0.42 -2.91 30.28
C CYS C 284 0.45 -2.91 30.30
N THR C 285 0.66 -1.68 29.84
CA THR C 285 1.93 -1.26 29.24
C THR C 285 2.88 -0.63 30.23
N ALA C 286 2.62 -0.76 31.51
CA ALA C 286 3.54 -0.14 32.45
C ALA C 286 4.87 -0.87 32.43
N VAL C 287 5.96 -0.12 32.71
CA VAL C 287 7.30 -0.70 32.92
C VAL C 287 7.07 -1.58 34.16
N LYS C 288 7.23 -2.88 34.06
CA LYS C 288 6.95 -3.69 35.24
C LYS C 288 8.15 -4.46 35.78
N ARG C 289 9.29 -4.28 35.15
CA ARG C 289 10.54 -4.87 35.62
C ARG C 289 11.73 -4.21 34.92
N VAL C 290 12.74 -3.87 35.70
CA VAL C 290 13.93 -3.18 35.20
C VAL C 290 15.08 -4.20 35.14
N LEU C 291 15.63 -4.40 33.95
CA LEU C 291 16.71 -5.35 33.74
C LEU C 291 17.90 -4.45 33.51
N VAL C 292 18.65 -4.15 34.57
CA VAL C 292 19.74 -3.19 34.53
C VAL C 292 21.11 -3.83 34.67
N MET C 293 22.02 -3.46 33.76
CA MET C 293 23.39 -3.97 33.81
C MET C 293 23.95 -3.62 35.18
N GLU C 294 24.63 -4.59 35.82
CA GLU C 294 25.20 -4.38 37.17
C GLU C 294 25.93 -3.07 37.41
N SER C 295 26.84 -2.73 36.50
CA SER C 295 27.68 -1.56 36.65
C SER C 295 26.99 -0.21 36.77
N VAL C 296 25.76 -0.06 36.29
CA VAL C 296 25.04 1.21 36.42
C VAL C 296 23.87 1.13 37.42
N ALA C 297 23.63 -0.07 37.94
CA ALA C 297 22.49 -0.32 38.84
C ALA C 297 22.39 0.56 40.08
N ASP C 298 23.49 0.65 40.84
CA ASP C 298 23.45 1.45 42.04
C ASP C 298 23.04 2.88 41.78
N GLU C 299 23.63 3.48 40.75
CA GLU C 299 23.30 4.86 40.41
C GLU C 299 21.85 5.02 39.93
N LEU C 300 21.43 4.15 39.03
CA LEU C 300 20.03 4.17 38.52
C LEU C 300 19.01 3.98 39.68
N VAL C 301 19.25 2.96 40.50
CA VAL C 301 18.39 2.66 41.64
C VAL C 301 18.22 3.87 42.55
N GLU C 302 19.31 4.60 42.77
CA GLU C 302 19.26 5.76 43.65
C GLU C 302 18.42 6.90 43.04
N LYS C 303 18.52 7.07 41.73
CA LYS C 303 17.70 8.07 41.03
C LYS C 303 16.20 7.65 41.11
N ILE C 304 15.91 6.37 40.86
CA ILE C 304 14.52 5.89 40.95
C ILE C 304 13.98 6.13 42.38
N ARG C 305 14.72 5.66 43.37
CA ARG C 305 14.36 5.80 44.77
C ARG C 305 14.00 7.22 45.10
N GLU C 306 14.85 8.15 44.70
CA GLU C 306 14.61 9.56 44.96
C GLU C 306 13.35 10.10 44.24
N LYS C 307 13.16 9.69 42.98
CA LYS C 307 12.00 10.16 42.23
C LYS C 307 10.70 9.53 42.75
N VAL C 308 10.77 8.30 43.28
CA VAL C 308 9.60 7.64 43.89
C VAL C 308 9.06 8.45 45.06
N LEU C 309 9.98 9.09 45.80
CA LEU C 309 9.61 9.89 46.97
C LEU C 309 8.91 11.20 46.68
N ALA C 310 8.97 11.65 45.44
CA ALA C 310 8.31 12.88 45.01
C ALA C 310 6.89 12.61 44.50
N LEU C 311 6.52 11.34 44.39
CA LEU C 311 5.18 10.95 43.91
C LEU C 311 4.17 11.32 44.98
N THR C 312 3.10 12.01 44.59
CA THR C 312 2.02 12.39 45.48
C THR C 312 1.14 11.15 45.67
N ILE C 313 0.53 11.05 46.84
CA ILE C 313 -0.27 9.89 47.23
C ILE C 313 -1.58 10.40 47.81
N GLY C 314 -2.68 9.80 47.40
CA GLY C 314 -3.96 10.25 47.88
C GLY C 314 -5.14 10.05 46.95
N ASN C 315 -6.03 11.02 46.97
CA ASN C 315 -7.32 10.93 46.30
C ASN C 315 -7.33 11.39 44.87
N PRO C 316 -8.27 10.83 44.10
CA PRO C 316 -8.55 11.08 42.68
C PRO C 316 -8.76 12.58 42.43
N GLU C 317 -9.59 13.20 43.29
CA GLU C 317 -9.91 14.60 43.14
C GLU C 317 -8.71 15.48 43.34
N ASP C 318 -7.70 14.98 44.03
CA ASP C 318 -6.51 15.79 44.25
C ASP C 318 -5.45 15.55 43.20
N ASP C 319 -5.76 14.74 42.18
CA ASP C 319 -4.82 14.42 41.10
C ASP C 319 -3.52 13.79 41.59
N ALA C 320 -3.61 12.95 42.60
CA ALA C 320 -2.44 12.29 43.16
C ALA C 320 -1.88 11.30 42.14
N ASP C 321 -0.56 11.13 42.13
CA ASP C 321 0.10 10.19 41.21
C ASP C 321 -0.36 8.78 41.55
N ILE C 322 -0.38 8.50 42.85
CA ILE C 322 -0.74 7.20 43.39
C ILE C 322 -2.09 7.32 44.08
N THR C 323 -3.10 6.66 43.53
CA THR C 323 -4.44 6.66 44.09
C THR C 323 -4.73 5.26 44.62
N PRO C 324 -5.83 5.09 45.37
CA PRO C 324 -6.15 3.75 45.89
C PRO C 324 -6.40 2.82 44.74
N LEU C 325 -6.08 1.54 44.94
CA LEU C 325 -6.30 0.54 43.90
C LEU C 325 -7.81 0.25 43.63
N ILE C 326 -8.08 -0.39 42.49
CA ILE C 326 -9.43 -0.64 42.04
C ILE C 326 -10.38 -1.23 43.05
N ASP C 327 -9.88 -2.22 43.81
CA ASP C 327 -10.63 -2.91 44.87
C ASP C 327 -9.71 -3.64 45.87
N THR C 328 -10.34 -4.17 46.92
CA THR C 328 -9.66 -4.90 48.00
C THR C 328 -8.90 -6.10 47.52
N LYS C 329 -9.54 -6.89 46.68
CA LYS C 329 -8.93 -8.08 46.11
C LYS C 329 -7.56 -7.77 45.50
N SER C 330 -7.53 -6.71 44.69
CA SER C 330 -6.35 -6.28 43.96
C SER C 330 -5.29 -5.78 44.91
N ALA C 331 -5.68 -4.97 45.88
CA ALA C 331 -4.72 -4.44 46.84
C ALA C 331 -4.15 -5.58 47.68
N ASP C 332 -5.00 -6.59 48.00
CA ASP C 332 -4.59 -7.78 48.73
C ASP C 332 -3.55 -8.56 47.91
N TYR C 333 -3.84 -8.79 46.64
CA TYR C 333 -2.93 -9.54 45.78
C TYR C 333 -1.56 -8.82 45.67
N VAL C 334 -1.58 -7.49 45.53
CA VAL C 334 -0.37 -6.69 45.41
C VAL C 334 0.48 -6.77 46.67
N GLU C 335 -0.19 -6.68 47.82
CA GLU C 335 0.50 -6.75 49.11
C GLU C 335 1.10 -8.13 49.35
N GLY C 336 0.48 -9.15 48.81
CA GLY C 336 1.05 -10.49 48.94
C GLY C 336 2.34 -10.59 48.13
N LEU C 337 2.41 -9.87 47.02
CA LEU C 337 3.56 -9.92 46.10
C LEU C 337 4.68 -9.16 46.76
N ILE C 338 4.31 -8.08 47.42
CA ILE C 338 5.23 -7.25 48.17
C ILE C 338 5.84 -8.03 49.32
N ASN C 339 4.99 -8.72 50.08
CA ASN C 339 5.46 -9.55 51.20
C ASN C 339 6.35 -10.67 50.72
N ASP C 340 5.99 -11.27 49.59
CA ASP C 340 6.73 -12.40 49.10
C ASP C 340 8.15 -11.97 48.82
N ALA C 341 8.29 -10.79 48.24
CA ALA C 341 9.59 -10.24 47.79
C ALA C 341 10.46 -9.96 48.99
N ASN C 342 9.87 -9.24 49.92
CA ASN C 342 10.50 -8.88 51.14
C ASN C 342 10.88 -10.13 51.96
N ASP C 343 9.95 -11.06 52.16
CA ASP C 343 10.25 -12.29 52.90
C ASP C 343 11.39 -13.10 52.25
N LYS C 344 11.49 -13.01 50.92
CA LYS C 344 12.52 -13.74 50.18
C LYS C 344 13.87 -13.00 50.16
N GLY C 345 13.88 -11.80 50.68
CA GLY C 345 15.09 -11.02 50.81
C GLY C 345 15.43 -9.94 49.82
N ALA C 346 14.47 -9.51 49.02
CA ALA C 346 14.72 -8.43 48.07
C ALA C 346 14.96 -7.22 48.94
N THR C 347 15.66 -6.25 48.40
CA THR C 347 15.93 -5.03 49.13
C THR C 347 14.88 -3.99 48.81
N ALA C 348 14.01 -3.68 49.78
CA ALA C 348 13.01 -2.64 49.66
C ALA C 348 13.71 -1.29 49.83
N LEU C 349 13.54 -0.40 48.86
CA LEU C 349 14.14 0.91 48.95
C LEU C 349 13.12 1.91 49.46
N THR C 350 11.90 1.43 49.66
CA THR C 350 10.85 2.29 50.13
C THR C 350 10.13 1.55 51.26
N GLU C 351 9.37 2.30 52.04
CA GLU C 351 8.62 1.74 53.13
C GLU C 351 7.40 0.99 52.57
N ILE C 352 7.05 -0.09 53.24
CA ILE C 352 5.91 -0.89 52.85
C ILE C 352 4.72 -0.38 53.63
N LYS C 353 3.73 0.15 52.92
CA LYS C 353 2.59 0.76 53.58
C LYS C 353 1.29 0.63 52.77
N ARG C 354 0.25 0.22 53.45
CA ARG C 354 -1.09 0.09 52.89
C ARG C 354 -2.04 0.67 53.91
N GLU C 355 -2.93 1.54 53.44
CA GLU C 355 -3.99 2.11 54.27
C GLU C 355 -5.23 2.00 53.39
N GLY C 356 -6.12 1.08 53.77
CA GLY C 356 -7.32 0.79 53.00
C GLY C 356 -6.80 0.07 51.79
N ASN C 357 -7.17 0.58 50.61
CA ASN C 357 -6.70 0.02 49.35
C ASN C 357 -5.66 0.90 48.70
N LEU C 358 -5.16 1.86 49.46
CA LEU C 358 -4.10 2.76 49.01
C LEU C 358 -2.71 2.18 49.36
N ILE C 359 -2.01 1.63 48.38
CA ILE C 359 -0.68 1.08 48.63
C ILE C 359 0.36 2.16 48.22
N CYS C 360 1.30 2.43 49.12
CA CYS C 360 2.32 3.44 48.85
C CYS C 360 3.35 2.86 47.89
N PRO C 361 3.83 3.68 46.95
CA PRO C 361 4.75 3.18 45.91
C PRO C 361 6.01 2.54 46.49
N ILE C 362 6.33 1.36 45.99
CA ILE C 362 7.48 0.70 46.52
C ILE C 362 8.39 0.14 45.46
N LEU C 363 9.67 0.28 45.74
CA LEU C 363 10.73 -0.14 44.87
C LEU C 363 11.51 -1.29 45.52
N PHE C 364 11.65 -2.40 44.82
CA PHE C 364 12.43 -3.55 45.31
C PHE C 364 13.66 -3.75 44.43
N ASP C 365 14.83 -3.74 45.06
CA ASP C 365 16.10 -3.92 44.36
C ASP C 365 16.51 -5.35 44.54
N LYS C 366 17.49 -5.78 43.75
CA LYS C 366 18.01 -7.15 43.85
C LYS C 366 16.94 -8.24 43.92
N VAL C 367 15.98 -8.16 42.99
CA VAL C 367 14.91 -9.13 42.85
C VAL C 367 15.47 -10.30 42.06
N THR C 368 15.15 -11.52 42.47
CA THR C 368 15.67 -12.72 41.84
C THR C 368 14.54 -13.49 41.18
N THR C 369 14.91 -14.37 40.25
CA THR C 369 13.96 -15.12 39.43
C THR C 369 13.08 -16.02 40.23
N ASP C 370 13.47 -16.17 41.48
CA ASP C 370 12.78 -17.02 42.44
C ASP C 370 11.63 -16.26 43.13
N MET C 371 11.62 -14.94 42.99
CA MET C 371 10.56 -14.13 43.57
C MET C 371 9.37 -13.97 42.63
N ARG C 372 8.15 -14.07 43.19
CA ARG C 372 6.90 -13.95 42.42
C ARG C 372 6.87 -12.65 41.65
N LEU C 373 7.35 -11.60 42.30
CA LEU C 373 7.37 -10.26 41.72
C LEU C 373 8.22 -10.04 40.47
N ALA C 374 9.06 -11.05 40.16
CA ALA C 374 9.90 -11.00 39.00
C ALA C 374 9.01 -11.31 37.80
N TRP C 375 7.95 -12.10 38.04
CA TRP C 375 7.09 -12.58 36.98
C TRP C 375 5.64 -12.13 36.92
N GLU C 376 4.95 -12.18 38.05
CA GLU C 376 3.53 -11.84 38.07
C GLU C 376 3.24 -10.36 37.87
N GLU C 377 2.20 -10.07 37.07
CA GLU C 377 1.76 -8.70 36.77
C GLU C 377 1.00 -8.16 37.99
N PRO C 378 1.62 -7.22 38.72
CA PRO C 378 0.95 -6.79 39.95
C PRO C 378 -0.33 -5.97 39.78
N PHE C 379 -0.25 -4.92 38.98
CA PHE C 379 -1.34 -3.96 38.81
C PHE C 379 -1.49 -3.25 40.13
N GLY C 380 -0.35 -2.81 40.63
CA GLY C 380 -0.22 -2.06 41.85
C GLY C 380 1.11 -1.35 41.71
N PRO C 381 1.38 -0.36 42.56
CA PRO C 381 2.57 0.50 42.54
C PRO C 381 3.81 -0.14 43.21
N VAL C 382 4.22 -1.27 42.65
CA VAL C 382 5.40 -2.00 43.14
C VAL C 382 6.31 -2.34 41.96
N LEU C 383 7.56 -1.93 42.04
CA LEU C 383 8.52 -2.13 40.95
C LEU C 383 9.74 -2.94 41.37
N PRO C 384 9.99 -4.07 40.70
CA PRO C 384 11.22 -4.85 40.98
C PRO C 384 12.37 -4.41 40.06
N ILE C 385 13.57 -4.35 40.64
CA ILE C 385 14.79 -4.10 39.87
C ILE C 385 15.58 -5.43 39.79
N ILE C 386 15.91 -5.87 38.59
CA ILE C 386 16.66 -7.11 38.41
C ILE C 386 18.03 -6.79 37.79
N ARG C 387 19.09 -7.15 38.50
CA ARG C 387 20.45 -6.84 38.02
C ARG C 387 20.99 -7.90 37.11
N VAL C 388 21.52 -7.47 35.95
CA VAL C 388 22.03 -8.41 34.98
C VAL C 388 23.49 -8.10 34.68
N THR C 389 24.17 -9.07 34.08
CA THR C 389 25.58 -8.90 33.77
C THR C 389 25.87 -8.88 32.29
N SER C 390 24.84 -9.05 31.47
CA SER C 390 24.97 -8.93 30.03
C SER C 390 23.61 -8.64 29.38
N VAL C 391 23.66 -8.21 28.11
CA VAL C 391 22.47 -7.91 27.34
C VAL C 391 21.82 -9.24 26.99
N GLU C 392 22.65 -10.25 26.80
CA GLU C 392 22.16 -11.59 26.49
C GLU C 392 21.29 -12.11 27.65
N GLU C 393 21.74 -11.92 28.88
CA GLU C 393 20.98 -12.31 30.07
C GLU C 393 19.64 -11.51 30.15
N ALA C 394 19.72 -10.19 29.96
CA ALA C 394 18.51 -9.33 29.93
C ALA C 394 17.47 -9.86 28.92
N ILE C 395 17.92 -10.22 27.73
CA ILE C 395 17.02 -10.71 26.68
C ILE C 395 16.36 -12.03 27.09
N GLU C 396 17.15 -12.88 27.74
CA GLU C 396 16.70 -14.20 28.15
C GLU C 396 15.64 -14.08 29.24
N ILE C 397 15.92 -13.23 30.22
CA ILE C 397 15.01 -12.99 31.35
C ILE C 397 13.74 -12.33 30.84
N SER C 398 13.92 -11.36 29.94
CA SER C 398 12.78 -10.68 29.35
C SER C 398 11.86 -11.65 28.65
N ASN C 399 12.41 -12.53 27.81
CA ASN C 399 11.64 -13.47 26.99
C ASN C 399 11.13 -14.68 27.74
N LYS C 400 11.67 -14.89 28.94
CA LYS C 400 11.25 -16.04 29.74
C LYS C 400 9.83 -15.79 30.30
N SER C 401 9.41 -14.54 30.31
CA SER C 401 8.06 -14.17 30.71
C SER C 401 7.02 -14.77 29.73
N GLU C 402 5.83 -15.06 30.24
CA GLU C 402 4.76 -15.52 29.36
C GLU C 402 4.13 -14.31 28.68
N TYR C 403 4.43 -13.11 29.17
CA TYR C 403 3.93 -11.85 28.59
C TYR C 403 4.90 -11.30 27.54
N GLY C 404 4.38 -10.59 26.53
CA GLY C 404 5.21 -9.97 25.52
C GLY C 404 4.47 -8.81 24.88
N LEU C 405 4.14 -7.81 25.68
CA LEU C 405 3.42 -6.63 25.19
C LEU C 405 4.38 -5.63 24.54
N GLN C 406 5.20 -5.00 25.40
CA GLN C 406 6.18 -4.01 24.97
C GLN C 406 7.46 -4.13 25.81
N ALA C 407 8.51 -3.44 25.36
CA ALA C 407 9.76 -3.38 26.11
C ALA C 407 10.35 -2.02 25.89
N SER C 408 11.18 -1.60 26.83
CA SER C 408 11.87 -0.33 26.75
C SER C 408 13.37 -0.66 26.73
N ILE C 409 14.14 0.03 25.90
CA ILE C 409 15.59 -0.16 25.91
C ILE C 409 16.22 1.20 26.10
N PHE C 410 17.05 1.37 27.13
CA PHE C 410 17.75 2.63 27.36
C PHE C 410 19.23 2.44 27.06
N THR C 411 19.69 3.15 26.05
CA THR C 411 21.05 3.05 25.56
C THR C 411 21.29 4.21 24.61
N ASN C 412 22.56 4.42 24.25
CA ASN C 412 22.94 5.47 23.30
C ASN C 412 23.40 4.77 22.04
N ASP C 413 23.30 3.44 22.04
CA ASP C 413 23.71 2.66 20.86
C ASP C 413 22.50 2.19 20.03
N PHE C 414 22.01 3.08 19.18
CA PHE C 414 20.81 2.77 18.39
C PHE C 414 20.77 1.54 17.53
N PRO C 415 21.83 1.29 16.77
CA PRO C 415 21.83 0.14 15.88
C PRO C 415 21.75 -1.16 16.69
N ARG C 416 22.38 -1.13 17.86
CA ARG C 416 22.41 -2.28 18.75
C ARG C 416 21.03 -2.42 19.40
N ALA C 417 20.45 -1.30 19.81
CA ALA C 417 19.08 -1.33 20.38
C ALA C 417 18.12 -1.99 19.36
N PHE C 418 18.31 -1.69 18.09
CA PHE C 418 17.45 -2.32 17.06
C PHE C 418 17.71 -3.80 16.97
N GLY C 419 18.96 -4.21 17.19
CA GLY C 419 19.28 -5.64 17.11
C GLY C 419 18.68 -6.39 18.28
N ILE C 420 18.68 -5.76 19.44
CA ILE C 420 18.08 -6.33 20.65
C ILE C 420 16.56 -6.38 20.46
N ALA C 421 15.98 -5.29 19.98
CA ALA C 421 14.54 -5.25 19.70
C ALA C 421 14.08 -6.45 18.91
N GLU C 422 14.84 -6.80 17.87
CA GLU C 422 14.51 -7.90 16.96
C GLU C 422 14.40 -9.24 17.71
N GLN C 423 15.16 -9.34 18.79
CA GLN C 423 15.21 -10.55 19.60
C GLN C 423 14.12 -10.58 20.70
N LEU C 424 13.61 -9.44 21.08
CA LEU C 424 12.60 -9.35 22.15
C LEU C 424 11.20 -9.78 21.67
N GLU C 425 10.66 -10.79 22.34
CA GLU C 425 9.36 -11.34 22.01
C GLU C 425 8.23 -10.44 22.56
N VAL C 426 8.13 -9.25 21.97
CA VAL C 426 7.11 -8.24 22.31
C VAL C 426 6.52 -7.69 21.04
N GLY C 427 5.51 -6.83 21.19
CA GLY C 427 4.90 -6.20 20.04
C GLY C 427 5.65 -4.93 19.64
N THR C 428 5.97 -4.11 20.64
CA THR C 428 6.58 -2.81 20.40
C THR C 428 7.80 -2.66 21.32
N VAL C 429 8.88 -2.09 20.79
CA VAL C 429 10.04 -1.79 21.62
C VAL C 429 10.21 -0.29 21.47
N HIS C 430 10.30 0.39 22.61
CA HIS C 430 10.46 1.84 22.65
C HIS C 430 11.92 2.12 23.03
N ILE C 431 12.60 2.96 22.26
CA ILE C 431 14.00 3.27 22.54
C ILE C 431 14.10 4.57 23.30
N ASN C 432 14.75 4.55 24.46
CA ASN C 432 14.86 5.76 25.28
C ASN C 432 13.54 6.45 25.67
N ASN C 433 12.49 5.65 25.90
CA ASN C 433 11.20 6.15 26.38
C ASN C 433 10.54 4.99 27.09
N LYS C 434 9.61 5.30 27.99
CA LYS C 434 8.89 4.22 28.66
C LYS C 434 7.96 3.57 27.65
N THR C 435 7.45 2.39 27.97
CA THR C 435 6.52 1.72 27.10
C THR C 435 5.17 2.48 27.11
N GLN C 436 4.35 2.35 26.06
CA GLN C 436 3.06 3.04 26.03
C GLN C 436 2.27 2.58 24.76
N ARG C 437 0.94 2.55 24.82
CA ARG C 437 0.08 2.18 23.66
C ARG C 437 0.22 3.29 22.59
N GLY C 438 0.39 4.50 23.08
CA GLY C 438 0.41 5.67 22.23
C GLY C 438 1.48 5.64 21.17
N THR C 439 1.43 6.50 20.17
CA THR C 439 0.35 7.32 19.70
C THR C 439 -0.65 6.32 19.00
N ASP C 440 -1.96 6.58 19.10
CA ASP C 440 -2.99 5.64 18.66
C ASP C 440 -3.08 5.19 17.21
N ASN C 441 -2.31 5.84 16.33
CA ASN C 441 -2.24 5.41 14.92
C ASN C 441 -1.21 4.26 14.80
N PHE C 442 -0.28 4.16 15.78
CA PHE C 442 0.82 3.20 15.80
C PHE C 442 0.21 1.85 16.13
N PRO C 443 0.85 0.77 15.66
CA PRO C 443 0.32 -0.56 16.03
C PRO C 443 0.48 -0.81 17.52
N PHE C 444 -0.44 -1.60 18.04
CA PHE C 444 -0.47 -1.98 19.43
C PHE C 444 -0.85 -3.44 19.46
N LEU C 445 0.07 -4.26 19.94
CA LEU C 445 -0.11 -5.72 19.94
C LEU C 445 0.81 -6.33 20.98
N GLY C 446 0.43 -7.52 21.44
CA GLY C 446 1.22 -8.27 22.39
C GLY C 446 1.61 -9.63 21.82
N ALA C 447 2.80 -10.10 22.17
CA ALA C 447 3.21 -11.47 21.78
C ALA C 447 2.77 -12.45 22.90
N LYS C 448 3.00 -13.75 22.71
CA LYS C 448 2.66 -14.78 23.72
C LYS C 448 1.30 -14.58 24.42
N LYS C 449 1.32 -14.55 25.76
CA LYS C 449 0.09 -14.41 26.53
C LYS C 449 -0.40 -12.96 26.68
N SER C 450 0.18 -12.02 25.95
CA SER C 450 -0.23 -10.64 26.06
C SER C 450 -1.29 -10.23 25.07
N GLY C 451 -1.58 -11.06 24.06
CA GLY C 451 -2.54 -10.61 23.07
C GLY C 451 -2.64 -11.44 21.82
N ALA C 452 -3.66 -11.15 21.01
CA ALA C 452 -3.94 -11.81 19.72
C ALA C 452 -4.49 -10.67 18.91
N GLY C 453 -4.04 -10.51 17.68
CA GLY C 453 -4.53 -9.45 16.81
C GLY C 453 -3.74 -8.18 16.98
N ILE C 454 -3.85 -7.26 16.01
CA ILE C 454 -3.11 -6.01 16.06
C ILE C 454 -4.07 -4.84 16.09
N GLN C 455 -3.89 -3.97 17.08
CA GLN C 455 -4.69 -2.79 17.30
C GLN C 455 -3.84 -1.57 16.90
N GLY C 456 -4.32 -0.40 17.30
CA GLY C 456 -3.84 0.84 16.71
C GLY C 456 -4.95 0.99 15.69
N VAL C 457 -5.37 2.23 15.39
CA VAL C 457 -6.53 2.51 14.50
C VAL C 457 -6.71 1.78 13.17
N LYS C 458 -5.82 2.02 12.22
CA LYS C 458 -5.97 1.33 10.92
C LYS C 458 -5.92 -0.19 11.04
N TYR C 459 -5.15 -0.72 11.99
CA TYR C 459 -5.06 -2.17 12.20
C TYR C 459 -6.37 -2.73 12.79
N SER C 460 -7.02 -1.98 13.67
CA SER C 460 -8.33 -2.38 14.23
C SER C 460 -9.37 -2.41 13.09
N ILE C 461 -9.32 -1.42 12.21
CA ILE C 461 -10.29 -1.38 11.11
C ILE C 461 -10.05 -2.62 10.19
N GLU C 462 -8.79 -2.91 9.93
CA GLU C 462 -8.45 -4.04 9.08
C GLU C 462 -8.88 -5.35 9.73
N ALA C 463 -8.64 -5.46 11.02
CA ALA C 463 -9.04 -6.63 11.79
C ALA C 463 -10.55 -6.88 11.73
N MET C 464 -11.34 -5.81 11.86
CA MET C 464 -12.82 -5.93 11.86
C MET C 464 -13.54 -5.80 10.52
N THR C 465 -12.82 -6.08 9.45
CA THR C 465 -13.44 -6.12 8.13
C THR C 465 -12.93 -7.40 7.49
N THR C 466 -13.61 -7.80 6.43
CA THR C 466 -13.15 -8.91 5.64
C THR C 466 -13.06 -8.38 4.23
N VAL C 467 -12.83 -9.27 3.30
CA VAL C 467 -12.70 -8.87 1.91
C VAL C 467 -13.75 -9.58 1.07
N LYS C 468 -14.26 -8.89 0.04
CA LYS C 468 -15.17 -9.49 -0.96
C LYS C 468 -14.44 -9.37 -2.31
N SER C 469 -14.12 -10.50 -2.91
CA SER C 469 -13.49 -10.49 -4.23
C SER C 469 -14.51 -10.74 -5.32
N VAL C 470 -14.53 -9.88 -6.34
CA VAL C 470 -15.42 -10.05 -7.51
C VAL C 470 -14.47 -10.24 -8.71
N VAL C 471 -14.54 -11.42 -9.31
CA VAL C 471 -13.63 -11.80 -10.37
C VAL C 471 -14.39 -11.93 -11.68
N PHE C 472 -13.84 -11.37 -12.76
CA PHE C 472 -14.45 -11.48 -14.08
C PHE C 472 -13.42 -11.30 -15.20
N ASP C 473 -13.81 -11.72 -16.39
CA ASP C 473 -12.92 -11.64 -17.54
C ASP C 473 -13.21 -10.42 -18.37
N ILE C 474 -12.15 -9.71 -18.74
CA ILE C 474 -12.29 -8.54 -19.60
C ILE C 474 -12.41 -9.02 -21.05
N LYS C 475 -13.29 -8.41 -21.83
CA LYS C 475 -13.41 -8.83 -23.22
C LYS C 475 -12.75 -7.80 -24.16
N THR D 2 5.81 -54.58 1.60
CA THR D 2 5.20 -53.27 1.41
C THR D 2 6.27 -52.17 1.34
N LYS D 3 6.03 -51.17 0.50
CA LYS D 3 6.96 -50.02 0.46
C LYS D 3 6.66 -49.07 1.63
N GLN D 4 7.59 -49.04 2.59
CA GLN D 4 7.46 -48.27 3.82
C GLN D 4 8.05 -46.86 3.78
N TYR D 5 7.21 -45.86 3.58
CA TYR D 5 7.65 -44.46 3.54
C TYR D 5 8.06 -43.92 4.91
N LYS D 6 8.96 -42.93 4.91
CA LYS D 6 9.44 -42.33 6.16
C LYS D 6 9.09 -40.84 6.28
N ASN D 7 9.12 -40.33 7.51
CA ASN D 7 8.82 -38.92 7.73
C ASN D 7 10.15 -38.20 7.66
N TYR D 8 10.11 -36.92 7.29
CA TYR D 8 11.31 -36.11 7.23
C TYR D 8 11.34 -35.29 8.50
N VAL D 9 12.33 -35.57 9.34
CA VAL D 9 12.38 -34.97 10.66
C VAL D 9 13.76 -34.51 11.05
N ASN D 10 13.90 -33.21 11.26
CA ASN D 10 15.17 -32.63 11.66
C ASN D 10 16.30 -33.08 10.74
N GLY D 11 16.02 -33.16 9.45
CA GLY D 11 17.02 -33.54 8.48
C GLY D 11 17.24 -35.02 8.27
N GLU D 12 16.36 -35.87 8.80
CA GLU D 12 16.52 -37.31 8.64
C GLU D 12 15.22 -37.94 8.22
N TRP D 13 15.31 -39.14 7.66
CA TRP D 13 14.10 -39.87 7.30
C TRP D 13 13.90 -40.92 8.36
N LYS D 14 12.80 -40.80 9.10
CA LYS D 14 12.51 -41.69 10.22
C LYS D 14 11.26 -42.51 10.03
N LEU D 15 11.35 -43.78 10.43
CA LEU D 15 10.20 -44.68 10.43
C LEU D 15 9.68 -44.63 11.88
N SER D 16 8.48 -45.18 12.09
CA SER D 16 7.88 -45.27 13.42
C SER D 16 7.65 -46.74 13.76
N GLU D 17 7.37 -47.04 15.03
CA GLU D 17 7.08 -48.41 15.48
C GLU D 17 5.97 -48.93 14.58
N ASN D 18 4.91 -48.15 14.49
CA ASN D 18 3.69 -48.54 13.79
C ASN D 18 3.56 -47.83 12.48
N GLU D 19 2.71 -48.36 11.63
CA GLU D 19 2.53 -47.82 10.30
C GLU D 19 1.07 -47.95 9.85
N ILE D 20 0.73 -47.24 8.78
CA ILE D 20 -0.60 -47.28 8.20
C ILE D 20 -0.39 -47.64 6.73
N LYS D 21 -1.15 -48.64 6.27
CA LYS D 21 -1.07 -49.09 4.88
C LYS D 21 -2.05 -48.30 4.03
N ILE D 22 -1.60 -47.81 2.86
CA ILE D 22 -2.42 -47.00 1.97
C ILE D 22 -2.77 -47.82 0.75
N TYR D 23 -4.00 -47.71 0.27
CA TYR D 23 -4.47 -48.49 -0.87
C TYR D 23 -5.08 -47.57 -1.89
N GLU D 24 -4.96 -47.92 -3.17
CA GLU D 24 -5.51 -47.10 -4.21
C GLU D 24 -7.00 -47.18 -4.10
N PRO D 25 -7.66 -46.02 -4.16
CA PRO D 25 -9.12 -46.04 -4.06
C PRO D 25 -9.82 -46.66 -5.26
N ALA D 26 -9.23 -46.50 -6.44
CA ALA D 26 -9.86 -47.03 -7.65
C ALA D 26 -9.67 -48.53 -7.83
N SER D 27 -8.44 -48.99 -7.58
CA SER D 27 -8.07 -50.39 -7.77
C SER D 27 -8.06 -51.26 -6.51
N GLY D 28 -7.84 -50.67 -5.35
CA GLY D 28 -7.77 -51.40 -4.10
C GLY D 28 -6.35 -51.90 -3.89
N ALA D 29 -5.52 -51.73 -4.91
CA ALA D 29 -4.13 -52.16 -4.84
C ALA D 29 -3.45 -51.46 -3.68
N GLU D 30 -2.45 -52.10 -3.09
CA GLU D 30 -1.71 -51.51 -1.99
C GLU D 30 -0.72 -50.57 -2.62
N LEU D 31 -0.56 -49.41 -2.00
CA LEU D 31 0.34 -48.38 -2.51
C LEU D 31 1.63 -48.28 -1.69
N GLY D 32 1.55 -48.64 -0.42
CA GLY D 32 2.70 -48.57 0.49
C GLY D 32 2.19 -48.25 1.88
N SER D 33 3.11 -47.98 2.80
CA SER D 33 2.72 -47.59 4.15
C SER D 33 3.39 -46.28 4.58
N VAL D 34 2.79 -45.58 5.56
CA VAL D 34 3.37 -44.35 6.14
C VAL D 34 3.42 -44.57 7.65
N PRO D 35 4.32 -43.86 8.34
CA PRO D 35 4.41 -44.09 9.79
C PRO D 35 3.15 -43.60 10.56
N ALA D 36 2.90 -44.20 11.73
CA ALA D 36 1.81 -43.78 12.60
C ALA D 36 2.54 -43.26 13.80
N MET D 37 2.89 -41.98 13.76
CA MET D 37 3.69 -41.34 14.79
C MET D 37 3.05 -41.40 16.17
N SER D 38 3.93 -41.45 17.15
CA SER D 38 3.57 -41.46 18.56
C SER D 38 3.67 -40.03 19.01
N THR D 39 3.02 -39.70 20.13
CA THR D 39 3.08 -38.33 20.65
C THR D 39 4.52 -37.87 20.91
N GLU D 40 5.40 -38.78 21.28
CA GLU D 40 6.80 -38.43 21.55
C GLU D 40 7.53 -38.05 20.25
N GLU D 41 7.19 -38.72 19.15
CA GLU D 41 7.78 -38.41 17.86
C GLU D 41 7.27 -37.05 17.37
N VAL D 42 6.01 -36.76 17.65
CA VAL D 42 5.44 -35.43 17.34
C VAL D 42 6.20 -34.36 18.14
N ASP D 43 6.44 -34.64 19.42
CA ASP D 43 7.21 -33.75 20.29
C ASP D 43 8.63 -33.48 19.73
N TYR D 44 9.19 -34.51 19.09
CA TYR D 44 10.55 -34.41 18.57
C TYR D 44 10.59 -33.50 17.35
N VAL D 45 9.59 -33.68 16.49
CA VAL D 45 9.40 -32.84 15.32
C VAL D 45 9.34 -31.35 15.73
N TYR D 46 8.47 -31.05 16.68
CA TYR D 46 8.28 -29.67 17.17
C TYR D 46 9.50 -29.06 17.85
N ALA D 47 10.15 -29.86 18.70
CA ALA D 47 11.36 -29.44 19.38
C ALA D 47 12.46 -29.17 18.35
N SER D 48 12.51 -29.96 17.28
CA SER D 48 13.52 -29.77 16.24
C SER D 48 13.29 -28.46 15.45
N ALA D 49 12.05 -28.27 15.04
CA ALA D 49 11.62 -27.05 14.36
C ALA D 49 11.90 -25.79 15.21
N LYS D 50 11.47 -25.83 16.46
CA LYS D 50 11.69 -24.67 17.31
C LYS D 50 13.18 -24.33 17.43
N LYS D 51 14.01 -25.36 17.41
CA LYS D 51 15.47 -25.19 17.55
C LYS D 51 16.11 -24.59 16.29
N ALA D 52 15.57 -24.96 15.13
CA ALA D 52 16.07 -24.50 13.84
C ALA D 52 15.57 -23.10 13.50
N GLN D 53 14.44 -22.72 14.08
CA GLN D 53 13.84 -21.44 13.75
C GLN D 53 14.70 -20.18 13.86
N PRO D 54 15.40 -20.01 14.97
CA PRO D 54 16.15 -18.75 15.04
C PRO D 54 17.18 -18.53 13.88
N ALA D 55 17.83 -19.61 13.45
CA ALA D 55 18.82 -19.54 12.39
C ALA D 55 18.15 -19.41 11.02
N TRP D 56 16.94 -19.93 10.91
CA TRP D 56 16.23 -19.85 9.65
C TRP D 56 15.76 -18.43 9.45
N ARG D 57 15.32 -17.81 10.54
CA ARG D 57 14.86 -16.43 10.52
C ARG D 57 16.03 -15.46 10.26
N ALA D 58 17.21 -15.81 10.78
CA ALA D 58 18.41 -14.97 10.68
C ALA D 58 18.95 -14.90 9.24
N LEU D 59 18.47 -15.79 8.38
CA LEU D 59 18.90 -15.76 6.99
C LEU D 59 18.23 -14.54 6.36
N SER D 60 18.74 -14.14 5.19
CA SER D 60 18.14 -13.05 4.43
C SER D 60 16.93 -13.59 3.67
N TYR D 61 15.99 -12.72 3.28
CA TYR D 61 14.83 -13.16 2.51
C TYR D 61 15.28 -13.91 1.24
N ILE D 62 16.23 -13.31 0.52
CA ILE D 62 16.76 -13.89 -0.71
C ILE D 62 17.31 -15.32 -0.58
N GLU D 63 17.97 -15.61 0.53
CA GLU D 63 18.43 -16.98 0.78
C GLU D 63 17.28 -17.97 0.96
N ARG D 64 16.24 -17.58 1.71
CA ARG D 64 15.07 -18.47 1.91
C ARG D 64 14.33 -18.65 0.60
N ALA D 65 14.26 -17.57 -0.20
CA ALA D 65 13.61 -17.66 -1.51
C ALA D 65 14.40 -18.67 -2.37
N ALA D 66 15.73 -18.54 -2.42
CA ALA D 66 16.59 -19.48 -3.21
C ALA D 66 16.28 -20.93 -2.86
N TYR D 67 16.14 -21.22 -1.57
CA TYR D 67 15.76 -22.59 -1.12
C TYR D 67 14.43 -22.99 -1.67
N LEU D 68 13.50 -22.06 -1.69
CA LEU D 68 12.14 -22.34 -2.15
C LEU D 68 12.05 -22.61 -3.65
N HIS D 69 12.81 -21.83 -4.43
CA HIS D 69 12.86 -21.97 -5.89
C HIS D 69 13.45 -23.32 -6.26
N LYS D 70 14.48 -23.71 -5.50
CA LYS D 70 15.14 -25.01 -5.68
C LYS D 70 14.12 -26.12 -5.49
N VAL D 71 13.32 -26.01 -4.42
CA VAL D 71 12.26 -27.00 -4.19
C VAL D 71 11.32 -27.07 -5.39
N ALA D 72 10.82 -25.92 -5.85
CA ALA D 72 9.91 -25.92 -6.97
C ALA D 72 10.59 -26.52 -8.23
N ASP D 73 11.90 -26.33 -8.37
CA ASP D 73 12.63 -26.88 -9.55
C ASP D 73 12.59 -28.40 -9.50
N ILE D 74 12.86 -28.95 -8.33
CA ILE D 74 12.79 -30.40 -8.15
C ILE D 74 11.41 -30.92 -8.46
N LEU D 75 10.37 -30.21 -8.03
CA LEU D 75 9.02 -30.63 -8.30
C LEU D 75 8.73 -30.64 -9.81
N MET D 76 9.21 -29.64 -10.53
CA MET D 76 8.97 -29.59 -11.96
C MET D 76 9.69 -30.77 -12.64
N ARG D 77 10.90 -31.03 -12.19
CA ARG D 77 11.67 -32.17 -12.70
C ARG D 77 10.91 -33.48 -12.46
N ASP D 78 10.32 -33.61 -11.25
CA ASP D 78 9.62 -34.84 -10.87
C ASP D 78 8.13 -34.93 -11.06
N LYS D 79 7.55 -33.97 -11.76
CA LYS D 79 6.11 -33.93 -11.90
C LYS D 79 5.39 -35.22 -12.27
N GLU D 80 6.00 -36.03 -13.14
CA GLU D 80 5.38 -37.28 -13.61
C GLU D 80 5.51 -38.38 -12.57
N LYS D 81 6.65 -38.40 -11.91
CA LYS D 81 6.86 -39.38 -10.87
C LYS D 81 5.87 -39.15 -9.73
N ILE D 82 5.70 -37.89 -9.35
CA ILE D 82 4.81 -37.53 -8.25
C ILE D 82 3.37 -37.62 -8.67
N GLY D 83 3.05 -37.11 -9.85
CA GLY D 83 1.68 -37.17 -10.31
C GLY D 83 1.19 -38.60 -10.46
N ALA D 84 2.10 -39.51 -10.81
CA ALA D 84 1.75 -40.92 -11.00
C ALA D 84 1.19 -41.53 -9.71
N ILE D 85 1.96 -41.37 -8.63
CA ILE D 85 1.56 -41.87 -7.32
C ILE D 85 0.30 -41.15 -6.78
N LEU D 86 0.37 -39.81 -6.74
CA LEU D 86 -0.74 -38.94 -6.36
C LEU D 86 -2.03 -39.42 -7.01
N SER D 87 -1.95 -39.64 -8.31
CA SER D 87 -3.12 -40.07 -9.07
C SER D 87 -3.73 -41.34 -8.48
N LYS D 88 -2.84 -42.26 -8.14
CA LYS D 88 -3.25 -43.56 -7.62
C LYS D 88 -3.76 -43.44 -6.18
N GLU D 89 -3.03 -42.66 -5.38
CA GLU D 89 -3.41 -42.48 -3.98
C GLU D 89 -4.77 -41.82 -3.78
N VAL D 90 -5.13 -40.86 -4.63
CA VAL D 90 -6.41 -40.20 -4.43
C VAL D 90 -7.39 -40.35 -5.55
N ALA D 91 -7.13 -41.32 -6.43
CA ALA D 91 -8.02 -41.57 -7.57
C ALA D 91 -8.34 -40.30 -8.36
N LYS D 92 -7.29 -39.52 -8.57
CA LYS D 92 -7.37 -38.30 -9.39
C LYS D 92 -6.75 -38.57 -10.80
N GLY D 93 -7.47 -38.22 -11.86
CA GLY D 93 -6.97 -38.39 -13.23
C GLY D 93 -5.48 -38.08 -13.32
N TYR D 94 -4.72 -38.95 -14.00
CA TYR D 94 -3.26 -38.78 -14.12
C TYR D 94 -2.79 -37.37 -14.55
N LYS D 95 -3.43 -36.81 -15.57
CA LYS D 95 -3.05 -35.47 -16.07
C LYS D 95 -3.33 -34.40 -14.99
N SER D 96 -4.49 -34.54 -14.34
CA SER D 96 -4.95 -33.66 -13.26
C SER D 96 -3.93 -33.72 -12.13
N ALA D 97 -3.41 -34.91 -11.88
CA ALA D 97 -2.43 -35.13 -10.82
C ALA D 97 -1.07 -34.51 -11.06
N VAL D 98 -0.64 -34.50 -12.32
CA VAL D 98 0.67 -33.94 -12.68
C VAL D 98 0.46 -32.44 -12.71
N SER D 99 -0.72 -32.04 -13.14
CA SER D 99 -1.11 -30.64 -13.15
C SER D 99 -1.01 -30.04 -11.70
N GLU D 100 -1.52 -30.77 -10.70
CA GLU D 100 -1.49 -30.31 -9.29
C GLU D 100 -0.09 -30.08 -8.80
N VAL D 101 0.84 -30.87 -9.32
CA VAL D 101 2.24 -30.77 -8.91
C VAL D 101 2.87 -29.52 -9.54
N VAL D 102 2.43 -29.20 -10.76
CA VAL D 102 2.96 -28.05 -11.53
C VAL D 102 2.47 -26.76 -10.87
N ARG D 103 1.19 -26.76 -10.53
CA ARG D 103 0.57 -25.66 -9.82
C ARG D 103 1.27 -25.44 -8.48
N THR D 104 1.73 -26.54 -7.87
CA THR D 104 2.41 -26.47 -6.59
C THR D 104 3.76 -25.75 -6.74
N ALA D 105 4.52 -26.15 -7.75
CA ALA D 105 5.81 -25.51 -8.00
C ALA D 105 5.59 -24.00 -8.25
N GLU D 106 4.57 -23.69 -9.03
CA GLU D 106 4.20 -22.30 -9.36
C GLU D 106 3.88 -21.49 -8.08
N ILE D 107 3.07 -22.09 -7.23
CA ILE D 107 2.68 -21.44 -5.99
C ILE D 107 3.90 -21.19 -5.13
N ILE D 108 4.81 -22.17 -5.11
CA ILE D 108 6.04 -22.08 -4.33
C ILE D 108 6.96 -20.96 -4.83
N ASN D 109 7.14 -20.87 -6.15
CA ASN D 109 8.02 -19.85 -6.71
C ASN D 109 7.40 -18.46 -6.45
N TYR D 110 6.10 -18.35 -6.68
CA TYR D 110 5.37 -17.08 -6.50
C TYR D 110 5.47 -16.56 -5.07
N ALA D 111 5.32 -17.46 -4.10
CA ALA D 111 5.45 -17.15 -2.69
C ALA D 111 6.85 -16.70 -2.33
N ALA D 112 7.86 -17.39 -2.86
CA ALA D 112 9.25 -17.00 -2.57
C ALA D 112 9.47 -15.54 -2.99
N GLU D 113 9.00 -15.22 -4.17
CA GLU D 113 9.18 -13.90 -4.78
C GLU D 113 8.24 -12.83 -4.18
N GLU D 114 7.05 -13.25 -3.78
CA GLU D 114 6.15 -12.33 -3.10
C GLU D 114 6.70 -12.01 -1.72
N GLY D 115 6.99 -13.06 -0.95
CA GLY D 115 7.53 -12.94 0.39
C GLY D 115 8.85 -12.18 0.48
N LEU D 116 9.71 -12.29 -0.52
CA LEU D 116 10.99 -11.60 -0.39
C LEU D 116 10.88 -10.08 -0.41
N ARG D 117 9.77 -9.61 -0.97
CA ARG D 117 9.47 -8.19 -1.15
C ARG D 117 8.56 -7.63 -0.08
N MET D 118 8.52 -8.30 1.07
CA MET D 118 7.65 -7.83 2.14
C MET D 118 8.29 -6.51 2.65
N GLU D 119 7.45 -5.50 2.78
CA GLU D 119 7.92 -4.19 3.26
C GLU D 119 7.27 -3.76 4.58
N GLY D 120 8.00 -2.96 5.35
CA GLY D 120 7.54 -2.45 6.62
C GLY D 120 7.01 -1.05 6.40
N GLU D 121 6.58 -0.40 7.46
CA GLU D 121 6.05 0.93 7.32
C GLU D 121 6.65 1.83 8.39
N VAL D 122 6.64 3.14 8.12
CA VAL D 122 7.10 4.16 9.06
C VAL D 122 5.88 5.02 9.39
N LEU D 123 5.47 5.08 10.65
CA LEU D 123 4.31 5.86 11.02
C LEU D 123 4.78 7.07 11.80
N GLU D 124 4.04 8.16 11.66
CA GLU D 124 4.39 9.45 12.29
C GLU D 124 3.55 9.72 13.49
N GLY D 125 4.22 10.04 14.62
CA GLY D 125 3.50 10.41 15.82
C GLY D 125 2.68 11.67 15.60
N GLY D 126 3.21 12.56 14.73
CA GLY D 126 2.61 13.84 14.37
C GLY D 126 1.33 13.77 13.56
N SER D 127 1.03 12.60 13.04
CA SER D 127 -0.26 12.39 12.36
C SER D 127 -1.35 12.36 13.43
N PHE D 128 -0.99 11.94 14.64
CA PHE D 128 -1.96 11.78 15.72
C PHE D 128 -1.93 12.88 16.79
N GLU D 129 -0.74 13.33 17.15
CA GLU D 129 -0.64 14.38 18.14
C GLU D 129 0.58 15.23 17.98
N ALA D 130 0.36 16.54 18.06
CA ALA D 130 1.42 17.52 17.86
C ALA D 130 2.62 17.26 18.75
N ALA D 131 2.39 17.02 20.03
CA ALA D 131 3.50 16.81 20.95
C ALA D 131 4.38 15.62 20.57
N SER D 132 3.85 14.74 19.71
CA SER D 132 4.60 13.56 19.29
C SER D 132 5.15 13.65 17.87
N LYS D 133 5.30 14.87 17.36
CA LYS D 133 5.79 15.07 16.00
C LYS D 133 7.15 14.48 15.65
N LYS D 134 8.05 14.37 16.64
CA LYS D 134 9.37 13.78 16.41
C LYS D 134 9.42 12.29 16.72
N LYS D 135 8.30 11.73 17.14
CA LYS D 135 8.25 10.30 17.42
C LYS D 135 7.85 9.55 16.18
N ILE D 136 8.54 8.45 15.88
CA ILE D 136 8.17 7.66 14.70
C ILE D 136 8.19 6.20 15.06
N ALA D 137 7.36 5.42 14.37
CA ALA D 137 7.34 3.99 14.56
C ALA D 137 7.91 3.31 13.30
N VAL D 138 8.91 2.45 13.49
CA VAL D 138 9.48 1.67 12.38
C VAL D 138 8.92 0.25 12.56
N VAL D 139 7.99 -0.11 11.69
CA VAL D 139 7.26 -1.38 11.80
C VAL D 139 7.69 -2.38 10.72
N ARG D 140 8.24 -3.51 11.13
CA ARG D 140 8.66 -4.56 10.21
C ARG D 140 7.99 -5.89 10.55
N ARG D 141 7.75 -6.72 9.56
CA ARG D 141 7.11 -8.02 9.73
C ARG D 141 8.10 -9.01 10.30
N GLU D 142 7.57 -9.93 11.09
CA GLU D 142 8.36 -10.98 11.71
C GLU D 142 7.56 -12.25 11.62
N PRO D 143 8.24 -13.41 11.60
CA PRO D 143 7.47 -14.64 11.56
C PRO D 143 6.74 -14.94 12.89
N VAL D 144 5.72 -15.78 12.86
CA VAL D 144 5.01 -16.15 14.08
C VAL D 144 5.79 -17.27 14.81
N GLY D 145 6.57 -18.04 14.06
CA GLY D 145 7.36 -19.09 14.66
C GLY D 145 7.20 -20.40 13.95
N LEU D 146 6.49 -21.33 14.59
CA LEU D 146 6.26 -22.66 14.04
C LEU D 146 4.83 -22.76 13.51
N VAL D 147 4.72 -23.10 12.24
CA VAL D 147 3.40 -23.23 11.62
C VAL D 147 3.10 -24.70 11.40
N LEU D 148 1.90 -25.14 11.79
CA LEU D 148 1.47 -26.51 11.57
C LEU D 148 0.55 -26.43 10.35
N ALA D 149 0.97 -27.06 9.24
CA ALA D 149 0.21 -27.08 8.01
C ALA D 149 -0.46 -28.47 7.81
N ILE D 150 -1.76 -28.46 7.54
CA ILE D 150 -2.56 -29.67 7.35
C ILE D 150 -3.30 -29.61 6.02
N SER D 151 -2.97 -30.52 5.09
CA SER D 151 -3.62 -30.54 3.79
C SER D 151 -4.69 -31.59 3.74
N PRO D 152 -5.68 -31.45 2.83
CA PRO D 152 -6.82 -32.38 2.65
C PRO D 152 -6.47 -33.43 1.55
N PHE D 153 -7.34 -34.42 1.40
CA PHE D 153 -7.09 -35.50 0.45
C PHE D 153 -7.21 -35.06 -1.01
N ASN D 154 -8.07 -34.10 -1.29
CA ASN D 154 -8.29 -33.67 -2.66
C ASN D 154 -7.19 -32.86 -3.35
N TYR D 155 -6.25 -32.36 -2.55
CA TYR D 155 -5.10 -31.61 -3.03
C TYR D 155 -4.04 -31.71 -1.98
N PRO D 156 -3.61 -32.95 -1.70
CA PRO D 156 -2.63 -33.25 -0.65
C PRO D 156 -1.32 -32.50 -0.83
N VAL D 157 -0.96 -32.23 -2.08
CA VAL D 157 0.31 -31.57 -2.36
C VAL D 157 0.18 -30.07 -2.63
N ASN D 158 -0.81 -29.69 -3.42
CA ASN D 158 -0.97 -28.29 -3.74
C ASN D 158 -1.35 -27.46 -2.48
N LEU D 159 -2.32 -27.98 -1.72
CA LEU D 159 -2.85 -27.33 -0.53
C LEU D 159 -1.90 -27.53 0.65
N ALA D 160 -0.73 -28.09 0.37
CA ALA D 160 0.33 -28.18 1.35
C ALA D 160 1.33 -27.08 0.97
N GLY D 161 1.74 -27.06 -0.29
CA GLY D 161 2.66 -26.03 -0.77
C GLY D 161 2.11 -24.60 -0.60
N SER D 162 0.81 -24.41 -0.80
CA SER D 162 0.17 -23.10 -0.62
C SER D 162 0.26 -22.58 0.83
N LYS D 163 0.55 -23.48 1.77
CA LYS D 163 0.67 -23.10 3.16
C LYS D 163 2.15 -23.04 3.54
N ILE D 164 2.89 -24.04 3.08
CA ILE D 164 4.31 -24.17 3.40
C ILE D 164 5.20 -23.03 2.94
N ALA D 165 5.14 -22.70 1.66
CA ALA D 165 6.05 -21.68 1.12
C ALA D 165 5.76 -20.28 1.69
N PRO D 166 4.47 -19.89 1.74
CA PRO D 166 4.18 -18.57 2.33
C PRO D 166 4.72 -18.53 3.74
N ALA D 167 4.55 -19.64 4.47
CA ALA D 167 5.09 -19.75 5.82
C ALA D 167 6.63 -19.61 5.88
N LEU D 168 7.36 -20.46 5.13
CA LEU D 168 8.85 -20.43 5.12
C LEU D 168 9.52 -19.16 4.59
N ILE D 169 8.95 -18.53 3.57
CA ILE D 169 9.58 -17.33 3.02
C ILE D 169 9.72 -16.25 4.07
N ALA D 170 8.72 -16.20 4.96
CA ALA D 170 8.62 -15.20 6.02
C ALA D 170 9.52 -15.48 7.21
N GLY D 171 10.09 -16.70 7.28
CA GLY D 171 10.99 -17.01 8.39
C GLY D 171 10.38 -17.93 9.43
N ASN D 172 9.22 -18.49 9.13
CA ASN D 172 8.61 -19.49 10.01
C ASN D 172 9.19 -20.90 9.68
N VAL D 173 9.06 -21.83 10.64
CA VAL D 173 9.43 -23.21 10.40
C VAL D 173 8.11 -23.96 10.23
N ILE D 174 8.18 -25.15 9.62
CA ILE D 174 6.99 -25.90 9.31
C ILE D 174 6.93 -27.31 9.85
N ALA D 175 5.73 -27.75 10.16
CA ALA D 175 5.44 -29.12 10.48
C ALA D 175 4.23 -29.35 9.57
N PHE D 176 4.42 -30.24 8.60
CA PHE D 176 3.39 -30.54 7.64
C PHE D 176 2.76 -31.92 7.94
N LYS D 177 1.45 -31.97 8.04
CA LYS D 177 0.75 -33.21 8.26
C LYS D 177 -0.20 -33.41 7.10
N PRO D 178 0.10 -34.38 6.23
CA PRO D 178 -0.79 -34.54 5.10
C PRO D 178 -1.95 -35.40 5.53
N PRO D 179 -2.99 -35.47 4.71
CA PRO D 179 -4.08 -36.38 5.06
C PRO D 179 -3.55 -37.82 4.96
N THR D 180 -4.14 -38.75 5.71
CA THR D 180 -3.69 -40.14 5.67
C THR D 180 -3.80 -40.70 4.25
N GLN D 181 -4.97 -40.57 3.65
CA GLN D 181 -5.15 -40.96 2.27
C GLN D 181 -4.54 -39.79 1.45
N GLY D 182 -3.23 -39.87 1.19
CA GLY D 182 -2.51 -38.83 0.48
C GLY D 182 -1.22 -38.55 1.21
N SER D 183 -0.98 -39.34 2.24
CA SER D 183 0.22 -39.16 3.03
C SER D 183 1.48 -39.55 2.27
N ILE D 184 1.36 -40.46 1.29
CA ILE D 184 2.54 -40.86 0.52
C ILE D 184 2.91 -39.68 -0.38
N SER D 185 1.91 -39.13 -1.08
CA SER D 185 2.08 -37.95 -1.91
C SER D 185 2.72 -36.82 -1.11
N GLY D 186 2.21 -36.61 0.10
CA GLY D 186 2.74 -35.58 0.96
C GLY D 186 4.20 -35.84 1.29
N LEU D 187 4.53 -37.10 1.50
CA LEU D 187 5.91 -37.50 1.81
C LEU D 187 6.82 -37.38 0.55
N LEU D 188 6.23 -37.54 -0.63
CA LEU D 188 6.98 -37.34 -1.87
C LEU D 188 7.30 -35.85 -2.00
N LEU D 189 6.36 -35.00 -1.54
CA LEU D 189 6.59 -33.56 -1.55
C LEU D 189 7.75 -33.26 -0.62
N ALA D 190 7.76 -33.94 0.52
CA ALA D 190 8.83 -33.76 1.49
C ALA D 190 10.21 -34.08 0.91
N GLU D 191 10.23 -34.97 -0.08
CA GLU D 191 11.49 -35.36 -0.71
C GLU D 191 12.16 -34.16 -1.36
N ALA D 192 11.34 -33.37 -2.04
CA ALA D 192 11.81 -32.18 -2.73
C ALA D 192 12.46 -31.20 -1.75
N PHE D 193 11.88 -31.05 -0.55
CA PHE D 193 12.38 -30.15 0.47
C PHE D 193 13.67 -30.68 1.05
N ALA D 194 13.76 -32.01 1.12
CA ALA D 194 14.97 -32.70 1.59
C ALA D 194 16.09 -32.48 0.55
N GLU D 195 15.78 -32.77 -0.70
CA GLU D 195 16.77 -32.60 -1.77
C GLU D 195 17.25 -31.15 -1.85
N ALA D 196 16.34 -30.19 -1.66
CA ALA D 196 16.69 -28.77 -1.77
C ALA D 196 17.68 -28.38 -0.69
N GLY D 197 17.78 -29.18 0.34
CA GLY D 197 18.75 -28.92 1.39
C GLY D 197 18.47 -27.81 2.39
N LEU D 198 17.19 -27.54 2.65
CA LEU D 198 16.85 -26.53 3.66
C LEU D 198 17.42 -27.06 4.95
N PRO D 199 17.93 -26.16 5.81
CA PRO D 199 18.50 -26.63 7.08
C PRO D 199 17.57 -27.54 7.92
N ALA D 200 18.19 -28.40 8.73
CA ALA D 200 17.49 -29.40 9.53
C ALA D 200 16.48 -28.85 10.54
N GLY D 201 15.24 -29.32 10.44
CA GLY D 201 14.21 -28.88 11.35
C GLY D 201 13.37 -27.72 10.81
N VAL D 202 13.86 -27.09 9.74
CA VAL D 202 13.16 -25.98 9.11
C VAL D 202 11.88 -26.50 8.49
N PHE D 203 11.96 -27.64 7.84
CA PHE D 203 10.76 -28.27 7.29
C PHE D 203 10.66 -29.72 7.78
N ASN D 204 9.51 -30.12 8.31
CA ASN D 204 9.33 -31.47 8.81
C ASN D 204 7.93 -31.98 8.52
N THR D 205 7.77 -33.31 8.52
CA THR D 205 6.48 -33.92 8.30
C THR D 205 6.02 -34.73 9.52
N ILE D 206 4.72 -34.95 9.58
CA ILE D 206 4.12 -35.74 10.64
C ILE D 206 3.08 -36.59 9.94
N THR D 207 3.03 -37.87 10.26
CA THR D 207 2.02 -38.80 9.72
C THR D 207 1.40 -39.55 10.90
N GLY D 208 0.16 -39.99 10.73
CA GLY D 208 -0.59 -40.67 11.77
C GLY D 208 -2.05 -40.36 11.50
N ARG D 209 -2.96 -41.18 12.01
CA ARG D 209 -4.38 -40.89 11.80
C ARG D 209 -4.83 -39.63 12.60
N GLY D 210 -5.39 -38.65 11.88
CA GLY D 210 -5.84 -37.41 12.49
C GLY D 210 -6.73 -37.72 13.69
N SER D 211 -7.51 -38.79 13.55
CA SER D 211 -8.41 -39.25 14.60
C SER D 211 -7.67 -39.80 15.82
N GLU D 212 -6.35 -39.74 15.80
CA GLU D 212 -5.59 -40.26 16.93
C GLU D 212 -4.50 -39.34 17.46
N ILE D 213 -3.83 -38.63 16.57
CA ILE D 213 -2.77 -37.69 17.00
C ILE D 213 -3.21 -36.28 16.62
N GLY D 214 -4.35 -36.19 15.94
CA GLY D 214 -4.95 -34.96 15.45
C GLY D 214 -5.04 -33.86 16.49
N ASP D 215 -5.74 -34.11 17.59
CA ASP D 215 -5.83 -33.11 18.64
C ASP D 215 -4.48 -32.84 19.28
N TYR D 216 -3.68 -33.88 19.43
CA TYR D 216 -2.37 -33.71 20.05
C TYR D 216 -1.46 -32.72 19.30
N ILE D 217 -1.38 -32.88 17.98
CA ILE D 217 -0.55 -31.99 17.16
C ILE D 217 -1.08 -30.55 17.19
N VAL D 218 -2.39 -30.41 17.20
CA VAL D 218 -2.98 -29.07 17.23
C VAL D 218 -2.84 -28.38 18.59
N GLU D 219 -3.14 -29.13 19.65
CA GLU D 219 -3.11 -28.58 20.99
C GLU D 219 -1.72 -28.34 21.54
N HIS D 220 -0.72 -28.92 20.88
CA HIS D 220 0.66 -28.78 21.33
C HIS D 220 1.04 -27.32 21.45
N GLN D 221 1.66 -26.96 22.57
CA GLN D 221 2.02 -25.58 22.80
C GLN D 221 3.23 -25.05 22.03
N ALA D 222 3.90 -25.92 21.27
CA ALA D 222 5.00 -25.49 20.42
C ALA D 222 4.45 -24.74 19.20
N VAL D 223 3.28 -25.16 18.73
CA VAL D 223 2.63 -24.59 17.54
C VAL D 223 2.14 -23.13 17.78
N ASN D 224 2.53 -22.22 16.90
CA ASN D 224 2.18 -20.80 16.99
C ASN D 224 1.09 -20.44 15.97
N PHE D 225 0.84 -21.28 14.99
CA PHE D 225 -0.17 -20.97 13.95
C PHE D 225 -0.65 -22.30 13.38
N ILE D 226 -1.96 -22.42 13.19
CA ILE D 226 -2.50 -23.63 12.61
C ILE D 226 -3.17 -23.27 11.29
N ASN D 227 -2.63 -23.83 10.20
CA ASN D 227 -3.08 -23.57 8.83
C ASN D 227 -3.69 -24.87 8.31
N PHE D 228 -5.00 -24.87 8.15
CA PHE D 228 -5.69 -26.10 7.84
C PHE D 228 -6.69 -26.01 6.71
N THR D 229 -6.71 -27.06 5.90
CA THR D 229 -7.76 -27.20 4.88
C THR D 229 -8.39 -28.56 5.12
N GLY D 230 -9.71 -28.63 5.07
CA GLY D 230 -10.38 -29.88 5.32
C GLY D 230 -11.83 -29.67 5.62
N SER D 231 -12.42 -30.59 6.37
CA SER D 231 -13.84 -30.54 6.65
C SER D 231 -14.20 -29.45 7.65
N THR D 232 -15.46 -29.02 7.62
CA THR D 232 -15.94 -27.99 8.52
C THR D 232 -15.94 -28.51 9.96
N GLY D 233 -16.27 -29.80 10.12
CA GLY D 233 -16.31 -30.44 11.42
C GLY D 233 -14.96 -30.39 12.13
N ILE D 234 -13.90 -30.75 11.43
CA ILE D 234 -12.57 -30.71 12.02
C ILE D 234 -12.12 -29.27 12.24
N GLY D 235 -12.47 -28.40 11.31
CA GLY D 235 -12.11 -26.99 11.34
C GLY D 235 -12.66 -26.35 12.59
N GLU D 236 -13.91 -26.65 12.91
CA GLU D 236 -14.52 -26.16 14.14
C GLU D 236 -13.71 -26.57 15.38
N ARG D 237 -13.33 -27.85 15.44
CA ARG D 237 -12.58 -28.35 16.60
C ARG D 237 -11.24 -27.65 16.70
N ILE D 238 -10.62 -27.44 15.55
CA ILE D 238 -9.34 -26.77 15.51
C ILE D 238 -9.47 -25.35 16.04
N GLY D 239 -10.51 -24.64 15.59
CA GLY D 239 -10.76 -23.29 16.10
C GLY D 239 -10.77 -23.32 17.62
N LYS D 240 -11.47 -24.28 18.22
CA LYS D 240 -11.53 -24.40 19.67
C LYS D 240 -10.21 -24.78 20.34
N MET D 241 -9.46 -25.69 19.70
CA MET D 241 -8.16 -26.08 20.21
C MET D 241 -7.08 -25.03 20.03
N ALA D 242 -7.29 -24.10 19.11
CA ALA D 242 -6.30 -23.05 18.85
C ALA D 242 -6.24 -22.08 20.02
N GLY D 243 -7.35 -21.95 20.76
CA GLY D 243 -7.42 -21.03 21.87
C GLY D 243 -7.26 -19.65 21.29
N MET D 244 -6.25 -18.92 21.74
CA MET D 244 -6.04 -17.59 21.19
C MET D 244 -4.95 -17.47 20.10
N ARG D 245 -4.42 -18.61 19.66
CA ARG D 245 -3.41 -18.66 18.59
C ARG D 245 -4.06 -18.43 17.26
N PRO D 246 -3.33 -17.80 16.33
CA PRO D 246 -3.88 -17.51 15.00
C PRO D 246 -4.06 -18.78 14.16
N ILE D 247 -5.07 -18.73 13.28
CA ILE D 247 -5.42 -19.88 12.47
C ILE D 247 -5.81 -19.47 11.07
N MET D 248 -5.70 -20.44 10.16
CA MET D 248 -6.19 -20.27 8.80
C MET D 248 -6.98 -21.54 8.57
N LEU D 249 -8.26 -21.39 8.29
CA LEU D 249 -9.17 -22.51 8.05
C LEU D 249 -9.81 -22.37 6.68
N ALA D 250 -9.72 -23.41 5.87
CA ALA D 250 -10.39 -23.38 4.56
C ALA D 250 -11.27 -24.61 4.62
N LEU D 251 -12.57 -24.41 4.66
CA LEU D 251 -13.44 -25.55 4.86
C LEU D 251 -14.42 -25.82 3.74
N GLY D 252 -15.56 -26.38 4.05
CA GLY D 252 -16.50 -26.75 3.00
C GLY D 252 -17.17 -25.61 2.26
N GLY D 253 -17.82 -25.97 1.17
CA GLY D 253 -18.60 -25.02 0.41
C GLY D 253 -19.82 -25.68 -0.19
N LYS D 254 -20.81 -24.88 -0.52
CA LYS D 254 -22.00 -25.29 -1.25
C LYS D 254 -22.22 -24.13 -2.22
N ASP D 255 -21.21 -23.88 -3.05
CA ASP D 255 -21.22 -22.74 -3.97
C ASP D 255 -22.41 -22.72 -4.88
N SER D 256 -23.11 -21.61 -4.88
CA SER D 256 -24.25 -21.48 -5.71
C SER D 256 -23.86 -20.78 -7.02
N ALA D 257 -24.55 -21.19 -8.09
CA ALA D 257 -24.42 -20.61 -9.44
C ALA D 257 -25.78 -19.98 -9.69
N ILE D 258 -25.83 -18.66 -9.66
CA ILE D 258 -27.06 -17.90 -9.85
C ILE D 258 -27.23 -17.46 -11.31
N VAL D 259 -28.29 -17.97 -11.94
CA VAL D 259 -28.55 -17.78 -13.37
C VAL D 259 -29.75 -16.86 -13.60
N LEU D 260 -29.49 -15.66 -14.13
CA LEU D 260 -30.54 -14.68 -14.42
C LEU D 260 -31.15 -14.93 -15.84
N GLU D 261 -32.30 -14.31 -16.11
CA GLU D 261 -32.97 -14.46 -17.41
C GLU D 261 -32.12 -14.06 -18.63
N ASP D 262 -31.23 -13.07 -18.45
CA ASP D 262 -30.40 -12.59 -19.55
C ASP D 262 -29.07 -13.30 -19.66
N ALA D 263 -28.96 -14.44 -18.98
CA ALA D 263 -27.70 -15.21 -18.99
C ALA D 263 -27.42 -15.80 -20.38
N ASP D 264 -26.15 -16.08 -20.65
CA ASP D 264 -25.77 -16.76 -21.90
C ASP D 264 -25.81 -18.24 -21.51
N LEU D 265 -26.95 -18.88 -21.76
CA LEU D 265 -27.18 -20.29 -21.37
C LEU D 265 -26.14 -21.34 -21.78
N GLU D 266 -25.59 -21.20 -22.98
CA GLU D 266 -24.55 -22.13 -23.40
C GLU D 266 -23.27 -21.93 -22.58
N LEU D 267 -22.86 -20.67 -22.37
CA LEU D 267 -21.67 -20.39 -21.58
C LEU D 267 -21.91 -20.88 -20.14
N THR D 268 -23.07 -20.55 -19.60
CA THR D 268 -23.50 -20.95 -18.27
C THR D 268 -23.42 -22.47 -18.08
N ALA D 269 -24.08 -23.19 -18.98
CA ALA D 269 -24.10 -24.66 -18.98
C ALA D 269 -22.71 -25.25 -18.99
N LYS D 270 -21.85 -24.73 -19.85
CA LYS D 270 -20.48 -25.20 -19.92
C LYS D 270 -19.71 -24.99 -18.59
N ASN D 271 -19.87 -23.80 -18.02
CA ASN D 271 -19.17 -23.49 -16.76
C ASN D 271 -19.73 -24.33 -15.61
N ILE D 272 -21.04 -24.44 -15.56
CA ILE D 272 -21.70 -25.24 -14.54
C ILE D 272 -21.25 -26.72 -14.58
N ILE D 273 -21.16 -27.28 -15.79
CA ILE D 273 -20.71 -28.67 -15.94
C ILE D 273 -19.28 -28.83 -15.42
N ALA D 274 -18.40 -27.94 -15.86
CA ALA D 274 -16.99 -28.03 -15.49
C ALA D 274 -16.76 -27.89 -13.98
N GLY D 275 -17.41 -26.90 -13.37
CA GLY D 275 -17.23 -26.65 -11.95
C GLY D 275 -17.89 -27.70 -11.07
N ALA D 276 -19.06 -28.16 -11.50
CA ALA D 276 -19.79 -29.14 -10.70
C ALA D 276 -19.16 -30.51 -10.67
N PHE D 277 -18.76 -30.97 -11.85
CA PHE D 277 -18.26 -32.33 -12.06
C PHE D 277 -16.77 -32.60 -12.01
N GLY D 278 -15.96 -31.56 -11.99
CA GLY D 278 -14.51 -31.72 -11.90
C GLY D 278 -14.15 -32.57 -10.70
N TYR D 279 -13.23 -33.52 -10.89
CA TYR D 279 -12.78 -34.40 -9.83
C TYR D 279 -13.98 -35.04 -9.13
N SER D 280 -15.03 -35.32 -9.90
CA SER D 280 -16.24 -35.97 -9.39
C SER D 280 -16.96 -35.21 -8.27
N GLY D 281 -16.82 -33.88 -8.28
CA GLY D 281 -17.47 -33.01 -7.35
C GLY D 281 -16.75 -32.93 -6.03
N GLN D 282 -15.53 -33.48 -5.98
CA GLN D 282 -14.70 -33.47 -4.78
C GLN D 282 -13.80 -32.24 -4.63
N ARG D 283 -14.38 -31.06 -4.78
CA ARG D 283 -13.66 -29.77 -4.62
C ARG D 283 -14.54 -28.84 -3.78
N CYS D 284 -13.90 -28.15 -2.84
N CYS D 284 -13.93 -28.14 -2.82
CA CYS D 284 -14.58 -27.18 -1.96
CA CYS D 284 -14.69 -27.22 -1.97
C CYS D 284 -15.28 -26.10 -2.77
C CYS D 284 -15.33 -26.09 -2.79
N THR D 285 -14.64 -25.67 -3.86
CA THR D 285 -15.16 -24.60 -4.73
C THR D 285 -16.06 -25.02 -5.88
N ALA D 286 -16.40 -26.29 -5.95
CA ALA D 286 -17.28 -26.74 -7.02
C ALA D 286 -18.65 -26.03 -7.03
N VAL D 287 -19.21 -25.84 -8.22
CA VAL D 287 -20.56 -25.35 -8.34
C VAL D 287 -21.40 -26.49 -7.71
N LYS D 288 -22.12 -26.22 -6.60
CA LYS D 288 -22.89 -27.26 -5.90
C LYS D 288 -24.40 -27.14 -5.89
N ARG D 289 -24.92 -26.02 -6.37
CA ARG D 289 -26.36 -25.82 -6.48
C ARG D 289 -26.57 -24.68 -7.47
N VAL D 290 -27.55 -24.84 -8.36
CA VAL D 290 -27.83 -23.86 -9.39
C VAL D 290 -29.13 -23.24 -8.99
N LEU D 291 -29.15 -21.92 -8.91
CA LEU D 291 -30.33 -21.17 -8.52
C LEU D 291 -30.71 -20.40 -9.79
N VAL D 292 -31.55 -21.05 -10.59
CA VAL D 292 -31.90 -20.55 -11.93
C VAL D 292 -33.28 -19.97 -12.01
N MET D 293 -33.38 -18.81 -12.66
CA MET D 293 -34.69 -18.16 -12.88
C MET D 293 -35.58 -19.10 -13.70
N GLU D 294 -36.82 -19.28 -13.24
CA GLU D 294 -37.76 -20.20 -13.88
C GLU D 294 -37.82 -20.14 -15.39
N SER D 295 -38.02 -18.95 -15.93
CA SER D 295 -38.12 -18.74 -17.40
C SER D 295 -37.02 -19.33 -18.26
N VAL D 296 -35.82 -19.53 -17.72
CA VAL D 296 -34.73 -20.08 -18.52
C VAL D 296 -34.30 -21.46 -18.05
N ALA D 297 -34.97 -21.96 -17.01
CA ALA D 297 -34.66 -23.25 -16.38
C ALA D 297 -34.66 -24.45 -17.33
N ASP D 298 -35.78 -24.64 -18.03
CA ASP D 298 -35.92 -25.79 -18.92
C ASP D 298 -34.81 -25.84 -19.94
N GLU D 299 -34.54 -24.71 -20.58
CA GLU D 299 -33.49 -24.67 -21.58
C GLU D 299 -32.13 -24.91 -21.00
N LEU D 300 -31.84 -24.29 -19.85
CA LEU D 300 -30.54 -24.49 -19.23
C LEU D 300 -30.38 -25.94 -18.78
N VAL D 301 -31.39 -26.49 -18.11
CA VAL D 301 -31.33 -27.86 -17.64
C VAL D 301 -31.01 -28.83 -18.79
N GLU D 302 -31.65 -28.61 -19.94
CA GLU D 302 -31.43 -29.46 -21.13
C GLU D 302 -29.96 -29.43 -21.61
N LYS D 303 -29.38 -28.24 -21.63
CA LYS D 303 -27.98 -28.06 -22.00
C LYS D 303 -27.06 -28.82 -21.04
N ILE D 304 -27.31 -28.67 -19.73
CA ILE D 304 -26.52 -29.39 -18.73
C ILE D 304 -26.67 -30.90 -18.96
N ARG D 305 -27.92 -31.37 -18.99
CA ARG D 305 -28.20 -32.79 -19.19
C ARG D 305 -27.38 -33.37 -20.34
N GLU D 306 -27.44 -32.68 -21.46
CA GLU D 306 -26.70 -33.12 -22.63
C GLU D 306 -25.20 -33.19 -22.40
N LYS D 307 -24.64 -32.17 -21.76
CA LYS D 307 -23.20 -32.11 -21.49
C LYS D 307 -22.72 -33.13 -20.45
N VAL D 308 -23.61 -33.48 -19.51
CA VAL D 308 -23.26 -34.48 -18.49
C VAL D 308 -22.98 -35.80 -19.20
N LEU D 309 -23.82 -36.11 -20.20
CA LEU D 309 -23.67 -37.34 -20.96
C LEU D 309 -22.38 -37.46 -21.73
N ALA D 310 -21.71 -36.32 -21.95
CA ALA D 310 -20.44 -36.33 -22.65
C ALA D 310 -19.23 -36.52 -21.74
N LEU D 311 -19.48 -36.58 -20.44
CA LEU D 311 -18.41 -36.77 -19.46
C LEU D 311 -17.93 -38.22 -19.50
N THR D 312 -16.62 -38.43 -19.39
CA THR D 312 -16.10 -39.79 -19.34
C THR D 312 -16.12 -40.32 -17.90
N ILE D 313 -16.48 -41.60 -17.77
CA ILE D 313 -16.53 -42.29 -16.49
C ILE D 313 -15.55 -43.44 -16.46
N GLY D 314 -14.75 -43.52 -15.40
CA GLY D 314 -13.76 -44.58 -15.36
C GLY D 314 -12.60 -44.37 -14.39
N ASN D 315 -11.46 -44.94 -14.76
CA ASN D 315 -10.27 -44.93 -13.92
C ASN D 315 -9.43 -43.68 -14.07
N PRO D 316 -8.54 -43.42 -13.08
CA PRO D 316 -7.58 -42.32 -12.94
C PRO D 316 -6.60 -42.36 -14.10
N GLU D 317 -6.02 -43.55 -14.30
CA GLU D 317 -5.03 -43.74 -15.33
C GLU D 317 -5.56 -43.36 -16.71
N ASP D 318 -6.86 -43.48 -16.90
CA ASP D 318 -7.51 -43.14 -18.15
C ASP D 318 -8.02 -41.70 -18.21
N ASP D 319 -7.60 -40.88 -17.24
CA ASP D 319 -7.97 -39.46 -17.20
C ASP D 319 -9.46 -39.25 -17.38
N ALA D 320 -10.26 -40.16 -16.82
CA ALA D 320 -11.72 -40.00 -16.93
C ALA D 320 -12.15 -38.74 -16.15
N ASP D 321 -13.24 -38.10 -16.58
CA ASP D 321 -13.76 -36.92 -15.89
C ASP D 321 -14.25 -37.32 -14.49
N ILE D 322 -15.11 -38.36 -14.47
CA ILE D 322 -15.65 -38.95 -13.25
C ILE D 322 -14.86 -40.19 -12.81
N THR D 323 -14.06 -40.06 -11.74
CA THR D 323 -13.33 -41.20 -11.18
C THR D 323 -14.09 -41.74 -9.95
N PRO D 324 -13.64 -42.89 -9.40
CA PRO D 324 -14.31 -43.40 -8.20
C PRO D 324 -14.02 -42.44 -7.04
N LEU D 325 -14.97 -42.34 -6.10
CA LEU D 325 -14.86 -41.46 -4.95
C LEU D 325 -13.77 -41.93 -4.01
N ILE D 326 -13.26 -41.03 -3.17
CA ILE D 326 -12.11 -41.32 -2.27
C ILE D 326 -12.24 -42.59 -1.42
N ASP D 327 -13.46 -42.87 -0.99
CA ASP D 327 -13.70 -44.07 -0.21
C ASP D 327 -15.16 -44.43 -0.17
N THR D 328 -15.42 -45.60 0.41
CA THR D 328 -16.76 -46.20 0.50
C THR D 328 -17.74 -45.34 1.26
N LYS D 329 -17.31 -44.99 2.47
CA LYS D 329 -18.02 -44.11 3.39
C LYS D 329 -18.57 -42.90 2.59
N SER D 330 -17.63 -42.24 1.89
CA SER D 330 -17.91 -41.08 1.04
C SER D 330 -18.95 -41.34 -0.02
N ALA D 331 -18.80 -42.44 -0.75
CA ALA D 331 -19.78 -42.82 -1.77
C ALA D 331 -21.12 -43.17 -1.13
N ASP D 332 -21.06 -43.81 0.05
CA ASP D 332 -22.31 -44.15 0.81
C ASP D 332 -23.00 -42.85 1.19
N TYR D 333 -22.23 -41.87 1.68
CA TYR D 333 -22.84 -40.60 2.05
C TYR D 333 -23.57 -39.98 0.86
N VAL D 334 -22.90 -39.97 -0.29
CA VAL D 334 -23.45 -39.40 -1.51
C VAL D 334 -24.76 -40.11 -1.93
N GLU D 335 -24.73 -41.43 -1.83
CA GLU D 335 -25.89 -42.24 -2.20
C GLU D 335 -27.10 -41.96 -1.29
N GLY D 336 -26.83 -41.63 -0.04
CA GLY D 336 -27.90 -41.27 0.90
C GLY D 336 -28.56 -39.95 0.51
N LEU D 337 -27.74 -39.01 0.02
CA LEU D 337 -28.23 -37.72 -0.46
C LEU D 337 -29.10 -37.89 -1.73
N ILE D 338 -28.64 -38.76 -2.62
CA ILE D 338 -29.32 -39.06 -3.88
C ILE D 338 -30.68 -39.68 -3.54
N ASN D 339 -30.67 -40.68 -2.67
CA ASN D 339 -31.92 -41.34 -2.27
C ASN D 339 -32.89 -40.39 -1.61
N ASP D 340 -32.37 -39.48 -0.80
CA ASP D 340 -33.27 -38.54 -0.10
C ASP D 340 -33.93 -37.58 -1.08
N ALA D 341 -33.18 -37.09 -2.06
CA ALA D 341 -33.73 -36.21 -3.09
C ALA D 341 -34.83 -36.91 -3.92
N ASN D 342 -34.48 -38.09 -4.38
CA ASN D 342 -35.33 -38.91 -5.23
C ASN D 342 -36.58 -39.29 -4.48
N ASP D 343 -36.40 -39.81 -3.26
CA ASP D 343 -37.58 -40.17 -2.46
C ASP D 343 -38.45 -38.96 -2.17
N LYS D 344 -37.87 -37.76 -2.17
CA LYS D 344 -38.65 -36.55 -1.90
C LYS D 344 -39.32 -35.91 -3.12
N GLY D 345 -39.01 -36.39 -4.32
CA GLY D 345 -39.69 -35.93 -5.50
C GLY D 345 -38.86 -35.24 -6.55
N ALA D 346 -37.54 -35.22 -6.38
CA ALA D 346 -36.66 -34.54 -7.34
C ALA D 346 -36.62 -35.40 -8.61
N THR D 347 -36.43 -34.73 -9.73
CA THR D 347 -36.39 -35.38 -11.04
C THR D 347 -34.94 -35.63 -11.45
N ALA D 348 -34.52 -36.89 -11.43
CA ALA D 348 -33.16 -37.21 -11.87
C ALA D 348 -33.17 -37.29 -13.40
N LEU D 349 -32.41 -36.40 -14.05
CA LEU D 349 -32.37 -36.35 -15.50
C LEU D 349 -31.31 -37.30 -16.04
N THR D 350 -30.47 -37.78 -15.14
CA THR D 350 -29.41 -38.71 -15.50
C THR D 350 -29.71 -40.00 -14.75
N GLU D 351 -29.06 -41.08 -15.14
CA GLU D 351 -29.31 -42.35 -14.48
C GLU D 351 -28.52 -42.43 -13.19
N ILE D 352 -29.15 -42.95 -12.15
CA ILE D 352 -28.51 -43.12 -10.86
C ILE D 352 -27.80 -44.48 -10.94
N LYS D 353 -26.48 -44.48 -10.75
CA LYS D 353 -25.75 -45.74 -10.85
C LYS D 353 -24.43 -45.72 -10.10
N ARG D 354 -24.22 -46.76 -9.28
CA ARG D 354 -22.99 -46.90 -8.51
C ARG D 354 -22.39 -48.29 -8.69
N GLU D 355 -21.09 -48.33 -8.94
CA GLU D 355 -20.39 -49.58 -9.10
C GLU D 355 -19.12 -49.43 -8.29
N GLY D 356 -19.05 -50.12 -7.17
CA GLY D 356 -17.94 -49.96 -6.26
C GLY D 356 -18.15 -48.56 -5.71
N ASN D 357 -17.11 -47.75 -5.76
CA ASN D 357 -17.19 -46.37 -5.29
C ASN D 357 -17.32 -45.32 -6.39
N LEU D 358 -17.57 -45.80 -7.60
CA LEU D 358 -17.71 -44.96 -8.76
C LEU D 358 -19.15 -44.64 -8.95
N ILE D 359 -19.49 -43.38 -8.74
CA ILE D 359 -20.86 -42.97 -8.92
C ILE D 359 -20.95 -42.21 -10.22
N CYS D 360 -21.95 -42.54 -11.01
CA CYS D 360 -22.13 -41.86 -12.27
C CYS D 360 -22.72 -40.48 -12.02
N PRO D 361 -22.32 -39.49 -12.84
CA PRO D 361 -22.79 -38.11 -12.70
C PRO D 361 -24.29 -37.94 -12.78
N ILE D 362 -24.86 -37.32 -11.75
CA ILE D 362 -26.28 -37.12 -11.75
C ILE D 362 -26.80 -35.69 -11.71
N LEU D 363 -27.83 -35.43 -12.50
CA LEU D 363 -28.42 -34.13 -12.51
C LEU D 363 -29.81 -34.22 -11.91
N PHE D 364 -30.05 -33.50 -10.82
CA PHE D 364 -31.37 -33.50 -10.24
C PHE D 364 -32.03 -32.19 -10.55
N ASP D 365 -33.24 -32.23 -11.06
CA ASP D 365 -33.97 -31.00 -11.33
C ASP D 365 -35.08 -30.96 -10.30
N LYS D 366 -35.73 -29.81 -10.20
CA LYS D 366 -36.83 -29.61 -9.27
C LYS D 366 -36.47 -30.00 -7.82
N VAL D 367 -35.26 -29.60 -7.41
CA VAL D 367 -34.84 -29.81 -6.04
C VAL D 367 -35.50 -28.68 -5.22
N THR D 368 -35.93 -29.05 -4.02
CA THR D 368 -36.58 -28.12 -3.12
C THR D 368 -35.71 -27.91 -1.87
N THR D 369 -36.03 -26.87 -1.10
CA THR D 369 -35.28 -26.51 0.10
C THR D 369 -35.44 -27.57 1.18
N ASP D 370 -36.43 -28.44 0.99
CA ASP D 370 -36.76 -29.50 1.92
C ASP D 370 -35.85 -30.72 1.72
N MET D 371 -35.09 -30.72 0.62
CA MET D 371 -34.19 -31.84 0.34
C MET D 371 -32.80 -31.63 0.93
N ARG D 372 -32.21 -32.70 1.47
CA ARG D 372 -30.87 -32.64 2.03
C ARG D 372 -29.87 -32.10 1.01
N LEU D 373 -30.06 -32.50 -0.26
CA LEU D 373 -29.19 -32.14 -1.35
C LEU D 373 -29.14 -30.65 -1.67
N ALA D 374 -30.14 -29.91 -1.23
CA ALA D 374 -30.17 -28.46 -1.41
C ALA D 374 -29.11 -27.80 -0.55
N TRP D 375 -28.73 -28.48 0.53
CA TRP D 375 -27.86 -27.91 1.58
C TRP D 375 -26.51 -28.54 1.86
N GLU D 376 -26.53 -29.84 2.04
CA GLU D 376 -25.34 -30.57 2.40
C GLU D 376 -24.35 -30.70 1.28
N GLU D 377 -23.09 -30.55 1.62
CA GLU D 377 -22.04 -30.68 0.63
C GLU D 377 -21.81 -32.18 0.35
N PRO D 378 -22.12 -32.64 -0.88
CA PRO D 378 -21.95 -34.07 -1.15
C PRO D 378 -20.53 -34.53 -1.27
N PHE D 379 -19.71 -33.79 -2.00
CA PHE D 379 -18.36 -34.24 -2.33
C PHE D 379 -18.46 -35.52 -3.22
N GLY D 380 -19.37 -35.46 -4.19
CA GLY D 380 -19.62 -36.48 -5.18
C GLY D 380 -20.32 -35.79 -6.34
N PRO D 381 -20.39 -36.44 -7.51
CA PRO D 381 -20.91 -35.99 -8.82
C PRO D 381 -22.41 -35.83 -8.91
N VAL D 382 -22.98 -35.01 -8.04
CA VAL D 382 -24.42 -34.84 -8.01
C VAL D 382 -24.71 -33.37 -7.95
N LEU D 383 -25.49 -32.90 -8.90
CA LEU D 383 -25.82 -31.51 -8.98
C LEU D 383 -27.31 -31.23 -8.95
N PRO D 384 -27.75 -30.45 -7.96
CA PRO D 384 -29.16 -30.07 -7.85
C PRO D 384 -29.46 -28.78 -8.59
N ILE D 385 -30.67 -28.69 -9.13
CA ILE D 385 -31.12 -27.50 -9.82
C ILE D 385 -32.31 -26.99 -9.04
N ILE D 386 -32.23 -25.74 -8.59
CA ILE D 386 -33.29 -25.16 -7.80
C ILE D 386 -33.81 -23.98 -8.56
N ARG D 387 -35.09 -24.01 -8.87
CA ARG D 387 -35.72 -22.96 -9.61
C ARG D 387 -36.25 -21.84 -8.71
N VAL D 388 -35.92 -20.61 -9.07
CA VAL D 388 -36.36 -19.45 -8.33
C VAL D 388 -37.19 -18.56 -9.25
N THR D 389 -37.89 -17.58 -8.68
CA THR D 389 -38.74 -16.67 -9.45
C THR D 389 -38.28 -15.21 -9.36
N SER D 390 -37.20 -14.98 -8.64
CA SER D 390 -36.64 -13.63 -8.50
C SER D 390 -35.21 -13.72 -8.02
N VAL D 391 -34.42 -12.66 -8.30
CA VAL D 391 -33.02 -12.60 -7.88
C VAL D 391 -32.97 -12.58 -6.35
N GLU D 392 -33.91 -11.85 -5.75
CA GLU D 392 -34.06 -11.73 -4.31
C GLU D 392 -34.16 -13.11 -3.68
N GLU D 393 -34.96 -13.97 -4.29
CA GLU D 393 -35.15 -15.32 -3.78
C GLU D 393 -33.85 -16.09 -3.85
N ALA D 394 -33.19 -16.01 -5.00
CA ALA D 394 -31.88 -16.64 -5.18
C ALA D 394 -30.87 -16.16 -4.10
N ILE D 395 -30.88 -14.87 -3.81
CA ILE D 395 -29.96 -14.33 -2.80
C ILE D 395 -30.26 -14.93 -1.42
N GLU D 396 -31.56 -15.00 -1.09
CA GLU D 396 -32.05 -15.55 0.17
C GLU D 396 -31.64 -17.00 0.36
N ILE D 397 -31.93 -17.81 -0.65
CA ILE D 397 -31.57 -19.24 -0.59
C ILE D 397 -30.06 -19.41 -0.53
N SER D 398 -29.35 -18.65 -1.35
CA SER D 398 -27.89 -18.73 -1.36
C SER D 398 -27.34 -18.45 0.04
N ASN D 399 -27.82 -17.34 0.63
CA ASN D 399 -27.36 -16.92 1.96
C ASN D 399 -27.88 -17.74 3.11
N LYS D 400 -28.95 -18.49 2.86
CA LYS D 400 -29.52 -19.37 3.88
C LYS D 400 -28.56 -20.48 4.32
N SER D 401 -27.62 -20.83 3.44
CA SER D 401 -26.59 -21.84 3.71
C SER D 401 -25.65 -21.43 4.84
N GLU D 402 -25.08 -22.41 5.54
CA GLU D 402 -24.10 -22.12 6.57
C GLU D 402 -22.74 -21.98 5.91
N TYR D 403 -22.65 -22.38 4.64
CA TYR D 403 -21.41 -22.24 3.86
C TYR D 403 -21.38 -20.91 3.11
N GLY D 404 -20.18 -20.42 2.80
CA GLY D 404 -20.03 -19.18 2.06
C GLY D 404 -18.64 -19.05 1.46
N LEU D 405 -18.27 -20.02 0.66
CA LEU D 405 -16.94 -19.99 0.05
C LEU D 405 -16.96 -19.07 -1.17
N GLN D 406 -17.69 -19.50 -2.21
CA GLN D 406 -17.82 -18.71 -3.41
C GLN D 406 -19.18 -18.80 -4.04
N ALA D 407 -19.39 -17.98 -5.05
CA ALA D 407 -20.63 -17.99 -5.80
C ALA D 407 -20.32 -17.58 -7.24
N SER D 408 -21.18 -18.02 -8.15
CA SER D 408 -21.12 -17.61 -9.54
C SER D 408 -22.39 -16.87 -9.87
N ILE D 409 -22.26 -15.86 -10.73
CA ILE D 409 -23.44 -15.17 -11.23
C ILE D 409 -23.31 -15.12 -12.74
N PHE D 410 -24.35 -15.60 -13.42
CA PHE D 410 -24.39 -15.64 -14.89
C PHE D 410 -25.46 -14.69 -15.39
N THR D 411 -25.03 -13.63 -16.07
CA THR D 411 -25.91 -12.55 -16.50
C THR D 411 -25.09 -11.70 -17.48
N ASN D 412 -25.79 -10.89 -18.24
CA ASN D 412 -25.13 -9.96 -19.15
C ASN D 412 -25.19 -8.55 -18.55
N ASP D 413 -25.86 -8.40 -17.40
CA ASP D 413 -25.96 -7.11 -16.70
C ASP D 413 -24.92 -7.04 -15.56
N PHE D 414 -23.71 -6.65 -15.89
CA PHE D 414 -22.64 -6.55 -14.90
C PHE D 414 -22.87 -5.68 -13.65
N PRO D 415 -23.30 -4.43 -13.85
CA PRO D 415 -23.47 -3.57 -12.67
C PRO D 415 -24.41 -4.21 -11.67
N ARG D 416 -25.41 -4.91 -12.18
CA ARG D 416 -26.37 -5.61 -11.34
C ARG D 416 -25.72 -6.80 -10.66
N ALA D 417 -24.90 -7.53 -11.41
CA ALA D 417 -24.16 -8.67 -10.91
C ALA D 417 -23.25 -8.21 -9.75
N PHE D 418 -22.66 -7.01 -9.87
CA PHE D 418 -21.83 -6.44 -8.81
C PHE D 418 -22.69 -6.15 -7.56
N GLY D 419 -23.89 -5.63 -7.78
CA GLY D 419 -24.80 -5.32 -6.68
C GLY D 419 -25.23 -6.58 -5.94
N ILE D 420 -25.44 -7.65 -6.71
CA ILE D 420 -25.80 -8.95 -6.15
C ILE D 420 -24.61 -9.52 -5.39
N ALA D 421 -23.42 -9.36 -5.94
CA ALA D 421 -22.21 -9.87 -5.32
C ALA D 421 -22.04 -9.31 -3.91
N GLU D 422 -22.26 -8.00 -3.77
CA GLU D 422 -22.20 -7.34 -2.46
C GLU D 422 -23.09 -7.98 -1.40
N GLN D 423 -24.23 -8.49 -1.83
CA GLN D 423 -25.18 -9.13 -0.91
C GLN D 423 -24.88 -10.59 -0.62
N LEU D 424 -24.05 -11.23 -1.43
CA LEU D 424 -23.82 -12.66 -1.25
C LEU D 424 -22.86 -12.87 -0.11
N GLU D 425 -23.20 -13.77 0.80
CA GLU D 425 -22.33 -14.05 1.96
C GLU D 425 -21.28 -15.12 1.61
N VAL D 426 -20.29 -14.69 0.82
CA VAL D 426 -19.22 -15.54 0.33
C VAL D 426 -17.98 -14.72 0.28
N GLY D 427 -16.85 -15.39 0.01
CA GLY D 427 -15.55 -14.74 -0.13
C GLY D 427 -15.32 -14.14 -1.51
N THR D 428 -15.59 -14.93 -2.55
CA THR D 428 -15.37 -14.57 -3.96
C THR D 428 -16.61 -14.85 -4.82
N VAL D 429 -16.95 -13.89 -5.68
CA VAL D 429 -18.06 -14.03 -6.63
C VAL D 429 -17.40 -13.92 -7.99
N HIS D 430 -17.59 -14.95 -8.80
CA HIS D 430 -17.11 -15.03 -10.20
C HIS D 430 -18.30 -14.67 -11.09
N ILE D 431 -18.08 -13.73 -12.02
CA ILE D 431 -19.15 -13.30 -12.91
C ILE D 431 -18.96 -14.01 -14.23
N ASN D 432 -19.99 -14.73 -14.67
CA ASN D 432 -19.93 -15.49 -15.92
C ASN D 432 -18.81 -16.49 -16.02
N ASN D 433 -18.44 -17.07 -14.89
CA ASN D 433 -17.41 -18.10 -14.80
C ASN D 433 -17.81 -19.02 -13.64
N LYS D 434 -17.25 -20.22 -13.63
CA LYS D 434 -17.52 -21.14 -12.53
C LYS D 434 -16.64 -20.66 -11.33
N THR D 435 -17.01 -21.12 -10.15
CA THR D 435 -16.24 -20.77 -8.97
C THR D 435 -14.90 -21.51 -9.02
N GLN D 436 -13.88 -20.98 -8.34
CA GLN D 436 -12.53 -21.55 -8.38
C GLN D 436 -11.59 -20.78 -7.46
N ARG D 437 -10.67 -21.48 -6.78
CA ARG D 437 -9.70 -20.86 -5.89
C ARG D 437 -8.85 -19.92 -6.73
N GLY D 438 -8.80 -20.34 -7.97
CA GLY D 438 -8.12 -19.79 -9.10
C GLY D 438 -7.68 -18.37 -9.17
N THR D 439 -6.48 -18.42 -9.71
CA THR D 439 -5.37 -17.52 -9.75
C THR D 439 -4.93 -17.31 -8.31
N ASP D 440 -3.93 -18.13 -7.95
CA ASP D 440 -3.41 -18.20 -6.58
C ASP D 440 -2.91 -16.93 -5.91
N ASN D 441 -2.76 -15.88 -6.72
CA ASN D 441 -2.38 -14.58 -6.21
C ASN D 441 -3.65 -13.88 -5.69
N PHE D 442 -4.81 -14.29 -6.21
CA PHE D 442 -6.12 -13.73 -5.85
C PHE D 442 -6.45 -14.17 -4.42
N PRO D 443 -7.24 -13.36 -3.69
CA PRO D 443 -7.59 -13.83 -2.34
C PRO D 443 -8.53 -15.04 -2.42
N PHE D 444 -8.41 -15.92 -1.43
CA PHE D 444 -9.24 -17.11 -1.31
C PHE D 444 -9.74 -17.20 0.15
N LEU D 445 -11.05 -17.13 0.33
CA LEU D 445 -11.60 -17.16 1.67
C LEU D 445 -13.06 -17.57 1.65
N GLY D 446 -13.54 -18.00 2.81
CA GLY D 446 -14.93 -18.35 2.98
C GLY D 446 -15.54 -17.56 4.11
N ALA D 447 -16.81 -17.22 3.97
CA ALA D 447 -17.55 -16.54 5.03
C ALA D 447 -18.24 -17.65 5.84
N LYS D 448 -18.84 -17.29 6.97
CA LYS D 448 -19.57 -18.24 7.77
C LYS D 448 -18.77 -19.53 8.04
N LYS D 449 -19.37 -20.71 7.91
CA LYS D 449 -18.68 -21.98 8.18
C LYS D 449 -17.69 -22.48 7.13
N SER D 450 -17.42 -21.66 6.13
CA SER D 450 -16.49 -22.09 5.09
C SER D 450 -15.08 -21.73 5.39
N GLY D 451 -14.84 -20.91 6.41
CA GLY D 451 -13.48 -20.52 6.66
C GLY D 451 -13.21 -19.45 7.69
N ALA D 452 -11.93 -19.27 7.95
CA ALA D 452 -11.38 -18.28 8.87
C ALA D 452 -10.02 -17.89 8.27
N GLY D 453 -9.84 -16.61 8.04
CA GLY D 453 -8.62 -16.08 7.48
C GLY D 453 -8.70 -16.00 5.97
N ILE D 454 -7.80 -15.22 5.39
CA ILE D 454 -7.72 -15.03 3.94
C ILE D 454 -6.44 -15.67 3.39
N GLN D 455 -6.63 -16.55 2.42
CA GLN D 455 -5.51 -17.22 1.75
C GLN D 455 -5.28 -16.54 0.37
N GLY D 456 -4.53 -17.18 -0.52
CA GLY D 456 -4.09 -16.53 -1.72
C GLY D 456 -2.67 -16.14 -1.26
N VAL D 457 -1.70 -16.16 -2.16
CA VAL D 457 -0.31 -16.00 -1.71
C VAL D 457 0.04 -14.91 -0.70
N LYS D 458 -0.11 -13.68 -1.12
CA LYS D 458 0.29 -12.58 -0.26
C LYS D 458 -0.52 -12.55 1.01
N TYR D 459 -1.76 -12.98 0.92
CA TYR D 459 -2.61 -13.01 2.11
C TYR D 459 -2.11 -14.06 3.11
N SER D 460 -1.60 -15.19 2.60
CA SER D 460 -1.09 -16.24 3.49
C SER D 460 0.15 -15.73 4.17
N ILE D 461 0.97 -14.99 3.43
CA ILE D 461 2.21 -14.49 4.00
C ILE D 461 1.89 -13.55 5.11
N GLU D 462 0.90 -12.71 4.84
CA GLU D 462 0.47 -11.71 5.82
C GLU D 462 -0.08 -12.38 7.07
N ALA D 463 -0.89 -13.42 6.85
CA ALA D 463 -1.52 -14.19 7.94
C ALA D 463 -0.48 -14.80 8.86
N MET D 464 0.57 -15.36 8.27
CA MET D 464 1.59 -16.05 9.03
C MET D 464 2.82 -15.23 9.47
N THR D 465 2.64 -13.92 9.56
CA THR D 465 3.64 -13.02 10.08
C THR D 465 2.89 -12.08 11.05
N THR D 466 3.64 -11.45 11.94
CA THR D 466 3.12 -10.46 12.83
C THR D 466 4.00 -9.24 12.55
N VAL D 467 3.93 -8.25 13.42
CA VAL D 467 4.81 -7.10 13.26
C VAL D 467 5.60 -6.86 14.51
N LYS D 468 6.71 -6.18 14.33
CA LYS D 468 7.53 -5.70 15.43
C LYS D 468 7.65 -4.20 15.19
N SER D 469 7.22 -3.41 16.15
CA SER D 469 7.28 -1.99 15.99
C SER D 469 8.38 -1.46 16.88
N VAL D 470 9.29 -0.66 16.30
CA VAL D 470 10.35 0.01 17.05
C VAL D 470 10.11 1.50 17.02
N VAL D 471 9.84 2.07 18.19
CA VAL D 471 9.50 3.49 18.30
C VAL D 471 10.62 4.30 18.93
N PHE D 472 10.87 5.50 18.38
CA PHE D 472 11.90 6.35 18.96
C PHE D 472 11.68 7.79 18.56
N ASP D 473 12.35 8.70 19.27
CA ASP D 473 12.26 10.11 18.96
C ASP D 473 13.51 10.61 18.19
N ILE D 474 13.23 11.34 17.12
CA ILE D 474 14.27 11.98 16.33
C ILE D 474 14.70 13.23 17.10
N LYS D 475 15.98 13.54 17.09
CA LYS D 475 16.47 14.73 17.78
C LYS D 475 16.96 15.72 16.72
O1 G3H E . -12.15 22.26 -16.60
C1 G3H E . -12.10 21.07 -16.24
C2 G3H E . -12.66 20.68 -14.98
O2 G3H E . -11.78 19.79 -14.21
C3 G3H E . -13.83 19.74 -15.20
O1P G3H E . -14.18 19.40 -13.64
O2P G3H E . -16.35 19.72 -13.51
O3P G3H E . -15.96 17.48 -14.38
O4P G3H E . -16.10 17.87 -11.96
P G3H E . -15.66 18.48 -13.39
PA NAP F . -5.19 29.77 -19.83
O1A NAP F . -4.04 28.94 -20.28
O2A NAP F . -5.38 31.06 -20.50
O5B NAP F . -5.01 30.15 -18.26
C5B NAP F . -5.00 29.25 -17.11
C4B NAP F . -4.11 30.05 -16.14
O4B NAP F . -2.79 30.32 -16.76
C3B NAP F . -4.69 31.44 -15.87
O3B NAP F . -4.87 31.55 -14.48
C2B NAP F . -3.67 32.46 -16.48
O2B NAP F . -3.65 33.85 -16.04
C1B NAP F . -2.36 31.68 -16.42
N9A NAP F . -1.40 32.03 -17.45
C8A NAP F . -1.63 32.62 -18.70
N7A NAP F . -0.48 32.80 -19.39
C5A NAP F . 0.54 32.30 -18.57
C6A NAP F . 1.96 32.16 -18.69
N6A NAP F . 2.78 32.54 -19.73
N1A NAP F . 2.58 31.59 -17.66
C2A NAP F . 1.91 31.19 -16.55
N3A NAP F . 0.59 31.27 -16.29
C4A NAP F . -0.05 31.83 -17.35
O3 NAP F . -6.63 29.02 -19.82
PN NAP F . -8.16 29.38 -19.38
O1N NAP F . -8.75 30.03 -20.62
O2N NAP F . -8.16 30.08 -18.00
O5D NAP F . -8.98 27.93 -19.22
C5D NAP F . -8.30 26.65 -19.45
C4D NAP F . -9.18 25.62 -20.21
O4D NAP F . -9.62 26.36 -21.35
C3D NAP F . -8.54 24.34 -20.82
O3D NAP F . -9.47 23.21 -20.87
C2D NAP F . -8.43 24.78 -22.27
O2D NAP F . -8.33 23.71 -23.14
C1D NAP F . -9.73 25.50 -22.44
N1N NAP F . -9.75 26.46 -23.58
C2N NAP F . -9.21 26.20 -24.84
C3N NAP F . -9.27 27.20 -25.88
C7N NAP F . -8.64 26.99 -27.28
O7N NAP F . -8.58 27.94 -28.13
N7N NAP F . -8.18 25.71 -27.60
C4N NAP F . -9.92 28.40 -25.55
C5N NAP F . -10.48 28.60 -24.28
C6N NAP F . -10.38 27.64 -23.33
P2B NAP F . -4.30 35.10 -16.94
O1X NAP F . -3.51 34.97 -18.21
O2X NAP F . -5.78 34.80 -16.79
O3X NAP F . -3.99 36.45 -16.37
O1 G3H G . 27.32 7.11 -11.24
C1 G3H G . 26.49 6.94 -10.40
C2 G3H G . 26.15 5.60 -10.00
O2 G3H G . 24.74 5.51 -9.51
C3 G3H G . 26.88 5.28 -8.74
O1P G3H G . 26.22 3.86 -8.46
O2P G3H G . 27.85 2.72 -7.81
O3P G3H G . 26.90 3.86 -5.84
O4P G3H G . 26.21 1.59 -6.52
P G3H G . 26.72 3.05 -6.97
PA NAP H . 26.88 12.83 -20.67
O1A NAP H . 25.93 13.85 -20.19
O2A NAP H . 27.93 13.26 -21.66
O5B NAP H . 26.11 11.65 -21.47
C5B NAP H . 25.35 10.61 -20.81
C4B NAP H . 24.56 10.02 -21.97
O4B NAP H . 23.86 11.13 -22.68
C3B NAP H . 25.52 9.40 -22.98
O3B NAP H . 24.97 8.15 -23.37
C2B NAP H . 25.55 10.40 -24.16
O2B NAP H . 25.93 9.93 -25.46
C1B NAP H . 24.13 10.97 -24.13
N9A NAP H . 23.99 12.26 -24.74
C8A NAP H . 24.98 13.19 -24.93
N7A NAP H . 24.51 14.26 -25.51
C5A NAP H . 23.16 14.02 -25.68
C6A NAP H . 22.09 14.76 -26.20
N6A NAP H . 22.22 16.02 -26.70
N1A NAP H . 20.86 14.23 -26.16
C2A NAP H . 20.66 12.98 -25.69
N3A NAP H . 21.60 12.18 -25.21
C4A NAP H . 22.82 12.77 -25.20
O3 NAP H . 27.45 12.04 -19.38
PN NAP H . 28.74 11.08 -19.12
O1N NAP H . 29.95 12.03 -19.40
O2N NAP H . 28.52 9.71 -19.87
O5D NAP H . 28.71 10.77 -17.46
C5D NAP H . 27.52 10.55 -16.62
C4D NAP H . 27.98 10.84 -15.19
O4D NAP H . 29.22 11.40 -15.62
C3D NAP H . 27.32 12.03 -14.38
O3D NAP H . 27.44 11.95 -12.92
C2D NAP H . 28.16 13.29 -14.61
O2D NAP H . 28.27 13.96 -13.38
C1D NAP H . 29.45 12.59 -14.85
N1N NAP H . 30.65 13.36 -15.25
C2N NAP H . 31.02 14.53 -14.61
C3N NAP H . 32.16 15.15 -15.07
C7N NAP H . 32.53 16.39 -14.42
O7N NAP H . 33.27 17.22 -15.08
N7N NAP H . 31.97 16.55 -13.19
C4N NAP H . 32.95 14.63 -16.10
C5N NAP H . 32.59 13.43 -16.72
C6N NAP H . 31.41 12.84 -16.25
P2B NAP H . 27.47 10.12 -26.05
O1X NAP H . 27.72 11.55 -25.80
O2X NAP H . 28.28 9.18 -25.17
O3X NAP H . 27.33 9.67 -27.50
O1 G3H I . -3.88 -1.33 30.04
C1 G3H I . -3.25 -1.09 29.04
C2 G3H I . -3.32 0.25 28.36
O2 G3H I . -3.27 0.24 26.85
C3 G3H I . -2.06 1.05 28.56
O1P G3H I . -2.38 2.28 27.56
O2P G3H I . -1.78 3.95 28.80
O3P G3H I . 0.12 3.07 27.59
O4P G3H I . -1.20 4.92 26.68
P G3H I . -1.20 3.58 27.54
PA NAP J . -10.92 -8.61 33.35
O1A NAP J . -10.38 -9.71 32.47
O2A NAP J . -11.70 -9.01 34.51
O5B NAP J . -11.64 -7.65 32.24
C5B NAP J . -12.97 -7.91 32.21
C4B NAP J . -13.59 -7.22 31.05
O4B NAP J . -14.11 -8.54 30.65
C3B NAP J . -14.75 -6.45 31.73
O3B NAP J . -15.69 -5.91 30.83
C2B NAP J . -15.41 -7.69 32.43
O2B NAP J . -16.65 -7.46 33.04
C1B NAP J . -15.37 -8.74 31.33
N9A NAP J . -15.49 -10.14 31.68
C8A NAP J . -15.21 -10.85 32.90
N7A NAP J . -15.48 -12.18 32.78
C5A NAP J . -15.90 -12.33 31.46
C6A NAP J . -16.31 -13.42 30.72
N6A NAP J . -16.42 -14.74 31.19
N1A NAP J . -16.60 -13.17 29.44
C2A NAP J . -16.62 -11.97 28.94
N3A NAP J . -16.28 -10.85 29.55
C4A NAP J . -15.93 -11.10 30.78
O3 NAP J . -9.74 -7.54 33.69
PN NAP J . -9.66 -6.02 34.26
O1N NAP J . -9.34 -6.54 35.72
O2N NAP J . -10.95 -5.11 33.86
O5D NAP J . -8.28 -5.14 33.98
C5D NAP J . -7.39 -5.12 32.86
C4D NAP J . -5.96 -5.44 33.29
O4D NAP J . -5.85 -5.83 34.73
C3D NAP J . -5.45 -6.70 32.64
O3D NAP J . -4.48 -6.24 31.71
C2D NAP J . -4.68 -7.51 33.67
O2D NAP J . -3.46 -7.49 33.11
C1D NAP J . -4.64 -6.65 34.90
N1N NAP J . -4.48 -7.36 36.27
C2N NAP J . -3.64 -8.52 36.46
C3N NAP J . -3.49 -9.15 37.72
C7N NAP J . -2.76 -10.47 38.03
O7N NAP J . -3.47 -11.39 38.59
N7N NAP J . -1.42 -10.78 37.78
C4N NAP J . -4.20 -8.50 38.77
C5N NAP J . -5.00 -7.34 38.60
C6N NAP J . -5.13 -6.80 37.34
P2B NAP J . -16.82 -7.41 34.66
O1X NAP J . -16.38 -8.71 35.30
O2X NAP J . -16.27 -6.17 35.14
O3X NAP J . -18.31 -7.56 34.88
O1 G3H K . -11.20 -28.14 -2.20
C1 G3H K . -11.08 -26.98 -2.46
C2 G3H K . -10.08 -26.52 -3.43
O2 G3H K . -9.45 -25.20 -3.13
C3 G3H K . -10.77 -26.11 -4.73
O1P G3H K . -9.55 -25.47 -5.53
O2P G3H K . -9.67 -26.39 -7.50
O3P G3H K . -11.08 -24.35 -7.53
O4P G3H K . -8.71 -24.26 -8.13
P G3H K . -9.81 -24.97 -7.22
PA NAP L . -10.68 -33.94 7.07
O1A NAP L . -11.26 -32.89 7.94
O2A NAP L . -10.91 -35.28 7.58
O5B NAP L . -9.11 -33.73 7.17
C5B NAP L . -8.33 -32.70 6.53
C4B NAP L . -6.95 -32.87 7.18
O4B NAP L . -7.12 -32.76 8.65
C3B NAP L . -6.27 -34.29 6.95
O3B NAP L . -4.88 -34.03 6.96
C2B NAP L . -6.66 -35.07 8.23
O2B NAP L . -5.80 -36.15 8.65
C1B NAP L . -6.62 -33.98 9.29
N9A NAP L . -7.36 -34.27 10.52
C8A NAP L . -8.37 -35.15 10.66
N7A NAP L . -8.76 -35.16 11.94
C5A NAP L . -8.00 -34.23 12.63
C6A NAP L . -7.94 -33.74 13.99
N6A NAP L . -8.72 -34.17 15.03
N1A NAP L . -7.06 -32.77 14.30
C2A NAP L . -6.23 -32.29 13.35
N3A NAP L . -6.19 -32.70 12.07
C4A NAP L . -7.10 -33.66 11.75
O3 NAP L . -11.20 -33.72 5.51
PN NAP L . -10.94 -34.30 3.97
O1N NAP L . -12.08 -35.32 3.93
O2N NAP L . -9.41 -34.67 3.74
O5D NAP L . -11.32 -33.05 2.92
C5D NAP L . -11.75 -31.77 3.45
C4D NAP L . -12.42 -30.81 2.42
O4D NAP L . -13.17 -31.69 1.58
C3D NAP L . -13.60 -29.85 2.87
O3D NAP L . -14.43 -29.47 1.74
C2D NAP L . -14.73 -30.72 3.24
O2D NAP L . -15.91 -29.95 2.99
C1D NAP L . -14.57 -31.61 2.05
N1N NAP L . -15.16 -32.93 2.38
C2N NAP L . -16.51 -32.93 2.52
C3N NAP L . -17.14 -34.10 2.81
C7N NAP L . -18.58 -33.96 2.94
O7N NAP L . -19.21 -34.61 3.84
N7N NAP L . -19.13 -33.03 2.15
C4N NAP L . -16.39 -35.29 2.96
C5N NAP L . -15.00 -35.27 2.85
C6N NAP L . -14.39 -34.06 2.52
P2B NAP L . -6.22 -37.71 8.37
O1X NAP L . -7.63 -37.86 8.89
O2X NAP L . -6.19 -37.93 6.91
O3X NAP L . -5.22 -38.49 9.13
#